data_8I4K
#
_entry.id   8I4K
#
_cell.length_a   83.130
_cell.length_b   72.770
_cell.length_c   213.843
_cell.angle_alpha   90.00
_cell.angle_beta   99.48
_cell.angle_gamma   90.00
#
_symmetry.space_group_name_H-M   'I 1 2 1'
#
loop_
_entity.id
_entity.type
_entity.pdbx_description
1 polymer 'Azami Red1.0'
2 non-polymer 'CALCIUM ION'
3 water water
#
_entity_poly.entity_id   1
_entity_poly.type   'polypeptide(L)'
_entity_poly.pdbx_seq_one_letter_code
;GSHMVSVIKEEMKIKLRMEGTVNGHNFVIEGEGKGNPYEGTQTMDLKVTEGGPLPFAYDILSPQF(NRQ)SKAFIKYPAD
IPDYFKQSFPEGFHWERVMTYEDGGVCTATQNTSLRGDCFFYDVRFDGVNFPPNGPVMQKKTLGWEPSTEKMYVRDGVLK
GDVIKALLLEGGGHYRCDFKTTYKAKKDVRLPGYHFVDHRIEILKHDKDYNKVKQYENAVARYSMLPSQAK
;
_entity_poly.pdbx_strand_id   A,B,C,D,E,F
#
loop_
_chem_comp.id
_chem_comp.type
_chem_comp.name
_chem_comp.formula
CA non-polymer 'CALCIUM ION' 'Ca 2'
#
# COMPACT_ATOMS: atom_id res chain seq x y z
N SER A 6 37.92 -27.96 -13.97
CA SER A 6 38.87 -29.07 -14.05
C SER A 6 38.13 -30.41 -13.96
N VAL A 7 37.53 -30.68 -12.80
CA VAL A 7 36.60 -31.78 -12.70
C VAL A 7 35.27 -31.42 -13.38
N ILE A 8 35.05 -30.14 -13.66
CA ILE A 8 33.80 -29.68 -14.23
C ILE A 8 34.07 -29.38 -15.69
N LYS A 9 33.47 -30.17 -16.58
CA LYS A 9 33.70 -30.06 -18.01
C LYS A 9 32.78 -29.01 -18.64
N GLU A 10 33.00 -28.75 -19.94
CA GLU A 10 32.14 -27.80 -20.65
C GLU A 10 30.72 -28.31 -20.82
N GLU A 11 30.52 -29.62 -20.87
CA GLU A 11 29.19 -30.22 -20.80
C GLU A 11 29.16 -31.21 -19.64
N MET A 12 28.11 -31.14 -18.82
CA MET A 12 27.96 -32.03 -17.68
C MET A 12 26.54 -32.59 -17.68
N LYS A 13 26.41 -33.82 -17.21
CA LYS A 13 25.10 -34.45 -17.03
C LYS A 13 24.62 -34.24 -15.60
N ILE A 14 23.32 -34.40 -15.40
CA ILE A 14 22.70 -34.25 -14.08
C ILE A 14 21.76 -35.43 -13.88
N LYS A 15 21.79 -36.00 -12.69
CA LYS A 15 20.77 -36.95 -12.27
C LYS A 15 20.22 -36.46 -10.94
N LEU A 16 18.91 -36.51 -10.81
CA LEU A 16 18.22 -35.91 -9.67
C LEU A 16 17.23 -36.89 -9.05
N ARG A 17 17.14 -36.86 -7.73
CA ARG A 17 16.00 -37.46 -7.05
C ARG A 17 15.45 -36.46 -6.05
N MET A 18 14.16 -36.21 -6.11
CA MET A 18 13.46 -35.45 -5.08
C MET A 18 12.44 -36.32 -4.37
N GLU A 19 12.48 -36.32 -3.05
CA GLU A 19 11.38 -36.88 -2.27
C GLU A 19 10.75 -35.74 -1.49
N GLY A 20 9.42 -35.71 -1.44
CA GLY A 20 8.75 -34.59 -0.80
C GLY A 20 7.37 -34.90 -0.25
N THR A 21 6.89 -33.96 0.54
CA THR A 21 5.51 -33.97 1.04
C THR A 21 4.99 -32.54 0.95
N VAL A 22 3.88 -32.32 0.24
CA VAL A 22 3.23 -31.03 0.21
C VAL A 22 1.77 -31.24 0.59
N ASN A 23 1.30 -30.45 1.57
CA ASN A 23 -0.10 -30.52 1.98
C ASN A 23 -0.45 -31.94 2.41
N GLY A 24 0.53 -32.64 2.98
CA GLY A 24 0.39 -34.03 3.37
C GLY A 24 0.50 -35.03 2.25
N HIS A 25 0.75 -34.60 1.01
CA HIS A 25 0.80 -35.52 -0.12
C HIS A 25 2.23 -35.92 -0.39
N ASN A 26 2.54 -37.21 -0.29
CA ASN A 26 3.91 -37.64 -0.58
C ASN A 26 4.12 -37.84 -2.07
N PHE A 27 5.34 -37.55 -2.53
CA PHE A 27 5.66 -37.75 -3.94
C PHE A 27 7.16 -37.96 -4.11
N VAL A 28 7.55 -38.49 -5.27
CA VAL A 28 8.93 -38.68 -5.67
C VAL A 28 9.08 -38.20 -7.10
N ILE A 29 10.16 -37.48 -7.38
CA ILE A 29 10.43 -37.01 -8.74
C ILE A 29 11.84 -37.46 -9.10
N GLU A 30 12.01 -38.01 -10.29
CA GLU A 30 13.33 -38.31 -10.78
C GLU A 30 13.63 -37.40 -11.97
N GLY A 31 14.87 -36.99 -12.09
CA GLY A 31 15.26 -36.08 -13.14
C GLY A 31 16.59 -36.47 -13.75
N GLU A 32 16.72 -36.21 -15.05
CA GLU A 32 17.97 -36.33 -15.77
C GLU A 32 18.14 -35.09 -16.62
N GLY A 33 19.33 -34.51 -16.59
CA GLY A 33 19.50 -33.35 -17.44
C GLY A 33 20.91 -33.20 -17.95
N LYS A 34 21.16 -32.06 -18.59
CA LYS A 34 22.49 -31.77 -19.06
C LYS A 34 22.61 -30.27 -19.27
N GLY A 35 23.83 -29.78 -19.20
CA GLY A 35 23.99 -28.34 -19.34
C GLY A 35 25.44 -27.98 -19.52
N ASN A 36 25.68 -26.68 -19.60
CA ASN A 36 27.02 -26.14 -19.85
C ASN A 36 27.38 -25.25 -18.68
N PRO A 37 28.11 -25.77 -17.70
CA PRO A 37 28.31 -25.02 -16.43
C PRO A 37 28.92 -23.65 -16.61
N TYR A 38 29.83 -23.47 -17.56
CA TYR A 38 30.47 -22.17 -17.72
C TYR A 38 29.64 -21.20 -18.52
N GLU A 39 28.59 -21.69 -19.20
CA GLU A 39 27.70 -20.83 -19.93
C GLU A 39 26.45 -20.50 -19.13
N GLY A 40 26.24 -21.17 -17.98
CA GLY A 40 25.11 -20.83 -17.15
C GLY A 40 23.78 -21.36 -17.64
N THR A 41 23.79 -22.40 -18.47
CA THR A 41 22.56 -22.94 -19.06
C THR A 41 22.41 -24.42 -18.73
N GLN A 42 21.16 -24.87 -18.64
CA GLN A 42 20.94 -26.30 -18.40
C GLN A 42 19.50 -26.61 -18.74
N THR A 43 19.28 -27.86 -19.14
CA THR A 43 17.95 -28.40 -19.36
C THR A 43 17.78 -29.65 -18.51
N MET A 44 16.60 -29.86 -17.93
CA MET A 44 16.35 -31.09 -17.19
C MET A 44 14.98 -31.65 -17.52
N ASP A 45 14.91 -32.98 -17.65
CA ASP A 45 13.68 -33.75 -17.83
C ASP A 45 13.31 -34.37 -16.49
N LEU A 46 12.11 -34.05 -16.00
CA LEU A 46 11.64 -34.47 -14.69
C LEU A 46 10.46 -35.40 -14.89
N LYS A 47 10.39 -36.44 -14.08
CA LYS A 47 9.26 -37.36 -14.12
C LYS A 47 8.77 -37.59 -12.69
N VAL A 48 7.47 -37.46 -12.47
CA VAL A 48 6.87 -37.78 -11.18
C VAL A 48 6.71 -39.30 -11.15
N THR A 49 7.50 -39.96 -10.33
CA THR A 49 7.48 -41.42 -10.30
C THR A 49 6.64 -41.99 -9.18
N GLU A 50 6.30 -41.19 -8.17
CA GLU A 50 5.38 -41.60 -7.11
C GLU A 50 4.53 -40.41 -6.72
N GLY A 51 3.23 -40.63 -6.52
CA GLY A 51 2.34 -39.60 -6.07
C GLY A 51 1.76 -38.69 -7.14
N GLY A 52 1.93 -39.02 -8.41
CA GLY A 52 1.34 -38.25 -9.46
C GLY A 52 -0.07 -38.71 -9.78
N PRO A 53 -0.90 -37.84 -10.39
CA PRO A 53 -0.55 -36.45 -10.70
C PRO A 53 -0.46 -35.65 -9.41
N LEU A 54 0.50 -34.74 -9.34
CA LEU A 54 0.66 -33.92 -8.14
C LEU A 54 -0.60 -33.06 -7.93
N PRO A 55 -1.11 -32.97 -6.70
CA PRO A 55 -2.31 -32.13 -6.47
C PRO A 55 -2.00 -30.65 -6.27
N PHE A 56 -0.77 -30.22 -6.50
CA PHE A 56 -0.36 -28.84 -6.28
C PHE A 56 0.44 -28.35 -7.49
N ALA A 57 0.59 -27.03 -7.57
CA ALA A 57 1.31 -26.36 -8.66
C ALA A 57 2.74 -26.88 -8.80
N TYR A 58 3.06 -27.43 -9.96
CA TYR A 58 4.42 -27.89 -10.21
C TYR A 58 5.44 -26.77 -10.05
N ASP A 59 5.04 -25.52 -10.29
CA ASP A 59 5.96 -24.38 -10.21
C ASP A 59 6.68 -24.29 -8.86
N ILE A 60 6.06 -24.71 -7.76
CA ILE A 60 6.75 -24.54 -6.47
C ILE A 60 7.99 -25.41 -6.40
N LEU A 61 8.07 -26.41 -7.27
CA LEU A 61 9.19 -27.33 -7.33
C LEU A 61 10.31 -26.89 -8.28
N SER A 62 9.98 -26.18 -9.36
CA SER A 62 10.98 -25.97 -10.41
C SER A 62 12.27 -25.29 -9.93
N PRO A 63 12.25 -24.29 -9.04
CA PRO A 63 13.52 -23.70 -8.55
C PRO A 63 14.34 -24.62 -7.67
N GLN A 64 13.83 -25.78 -7.28
CA GLN A 64 14.58 -26.73 -6.47
C GLN A 64 15.43 -27.65 -7.33
N PHE A 65 15.23 -27.64 -8.64
CA PHE A 65 15.87 -28.60 -9.52
C PHE A 65 17.23 -28.14 -10.06
N1 NRQ A 66 17.70 -26.95 -9.71
CE NRQ A 66 17.01 -27.36 -15.10
SD NRQ A 66 16.60 -25.84 -14.24
CG1 NRQ A 66 17.43 -26.11 -12.66
CB1 NRQ A 66 16.65 -25.57 -11.47
CA1 NRQ A 66 17.35 -25.78 -10.16
C1 NRQ A 66 17.63 -24.61 -9.30
N2 NRQ A 66 17.22 -23.30 -9.61
OH NRQ A 66 14.10 -17.18 -10.42
CD2 NRQ A 66 16.38 -18.97 -8.21
CE2 NRQ A 66 15.61 -17.96 -8.74
CZ NRQ A 66 14.87 -18.19 -9.90
CE1 NRQ A 66 14.90 -19.44 -10.51
CD1 NRQ A 66 15.68 -20.44 -9.96
CG2 NRQ A 66 16.44 -20.23 -8.81
CB2 NRQ A 66 17.27 -21.25 -8.18
CA2 NRQ A 66 17.54 -22.53 -8.49
C2 NRQ A 66 18.32 -23.35 -7.56
O2 NRQ A 66 18.82 -23.07 -6.50
N3 NRQ A 66 18.26 -24.64 -8.07
CA3 NRQ A 66 18.73 -25.80 -7.36
C3 NRQ A 66 20.06 -26.33 -7.88
O3 NRQ A 66 20.59 -27.28 -7.28
N SER A 67 20.55 -25.75 -8.97
CA SER A 67 21.55 -26.43 -9.76
C SER A 67 22.73 -25.46 -9.93
N LYS A 68 23.39 -25.15 -8.81
CA LYS A 68 24.20 -23.93 -8.70
C LYS A 68 25.51 -24.00 -9.49
N ALA A 69 26.01 -25.19 -9.83
CA ALA A 69 27.21 -25.25 -10.65
C ALA A 69 26.97 -24.67 -12.04
N PHE A 70 25.71 -24.54 -12.45
CA PHE A 70 25.38 -23.99 -13.77
C PHE A 70 25.03 -22.52 -13.69
N ILE A 71 25.89 -21.73 -13.06
CA ILE A 71 25.81 -20.27 -13.13
C ILE A 71 27.04 -19.79 -13.86
N LYS A 72 26.85 -18.90 -14.83
CA LYS A 72 27.99 -18.29 -15.52
C LYS A 72 28.61 -17.24 -14.61
N TYR A 73 29.82 -17.52 -14.07
CA TYR A 73 30.49 -16.60 -13.15
C TYR A 73 31.59 -15.84 -13.86
N PRO A 74 31.58 -14.51 -13.80
CA PRO A 74 32.71 -13.73 -14.36
C PRO A 74 33.95 -14.04 -13.56
N ALA A 75 35.12 -13.73 -14.14
CA ALA A 75 36.37 -14.04 -13.46
C ALA A 75 36.56 -13.22 -12.19
N ASP A 76 36.00 -12.03 -12.10
CA ASP A 76 36.22 -11.17 -10.94
C ASP A 76 35.23 -11.45 -9.80
N ILE A 77 34.42 -12.49 -9.87
CA ILE A 77 33.61 -12.96 -8.75
C ILE A 77 33.96 -14.41 -8.45
N PRO A 78 34.50 -14.72 -7.27
CA PRO A 78 34.74 -16.14 -6.92
C PRO A 78 33.46 -16.95 -7.05
N ASP A 79 33.60 -18.13 -7.66
CA ASP A 79 32.49 -19.04 -7.95
C ASP A 79 32.49 -20.04 -6.81
N TYR A 80 31.59 -19.82 -5.85
CA TYR A 80 31.51 -20.65 -4.64
C TYR A 80 31.25 -22.10 -5.01
N PHE A 81 30.41 -22.31 -6.02
CA PHE A 81 29.92 -23.65 -6.31
C PHE A 81 30.93 -24.47 -7.09
N LYS A 82 31.47 -23.93 -8.18
CA LYS A 82 32.46 -24.65 -8.96
C LYS A 82 33.72 -24.90 -8.13
N GLN A 83 34.10 -23.95 -7.29
CA GLN A 83 35.28 -24.16 -6.43
C GLN A 83 35.11 -25.33 -5.48
N SER A 84 33.88 -25.69 -5.12
CA SER A 84 33.66 -26.69 -4.09
C SER A 84 33.94 -28.11 -4.58
N PHE A 85 34.04 -28.32 -5.86
CA PHE A 85 34.23 -29.68 -6.34
C PHE A 85 35.71 -30.06 -6.35
N PRO A 86 36.04 -31.36 -6.26
CA PRO A 86 35.13 -32.52 -6.35
C PRO A 86 34.24 -32.79 -5.13
N GLU A 87 34.50 -32.13 -4.00
CA GLU A 87 33.80 -32.51 -2.77
C GLU A 87 32.32 -32.14 -2.81
N GLY A 88 32.00 -31.01 -3.44
CA GLY A 88 30.60 -30.62 -3.62
C GLY A 88 30.10 -29.76 -2.48
N PHE A 89 28.78 -29.69 -2.35
CA PHE A 89 28.17 -28.77 -1.40
C PHE A 89 26.75 -29.25 -1.10
N HIS A 90 26.15 -28.72 -0.04
CA HIS A 90 24.72 -28.94 0.15
C HIS A 90 24.10 -27.58 0.38
N TRP A 91 22.78 -27.49 0.22
CA TRP A 91 22.11 -26.23 0.52
C TRP A 91 20.82 -26.47 1.28
N GLU A 92 20.41 -25.41 2.00
CA GLU A 92 19.21 -25.39 2.82
C GLU A 92 18.38 -24.18 2.44
N ARG A 93 17.05 -24.34 2.35
CA ARG A 93 16.22 -23.28 1.80
C ARG A 93 14.88 -23.20 2.50
N VAL A 94 14.43 -21.99 2.79
CA VAL A 94 13.06 -21.75 3.21
C VAL A 94 12.40 -20.86 2.17
N MET A 95 11.14 -21.16 1.87
CA MET A 95 10.38 -20.44 0.85
C MET A 95 9.08 -20.03 1.52
N THR A 96 8.91 -18.73 1.77
CA THR A 96 7.76 -18.24 2.51
C THR A 96 6.82 -17.57 1.51
N TYR A 97 5.68 -18.21 1.28
CA TYR A 97 4.69 -17.66 0.36
C TYR A 97 3.77 -16.68 1.08
N GLU A 98 3.30 -15.68 0.33
CA GLU A 98 2.61 -14.59 0.98
C GLU A 98 1.27 -15.00 1.58
N ASP A 99 0.66 -16.12 1.16
CA ASP A 99 -0.62 -16.51 1.75
C ASP A 99 -0.49 -17.53 2.87
N GLY A 100 0.71 -17.72 3.40
CA GLY A 100 0.91 -18.61 4.53
C GLY A 100 1.53 -19.95 4.20
N GLY A 101 1.57 -20.32 2.92
CA GLY A 101 2.30 -21.52 2.56
C GLY A 101 3.79 -21.33 2.83
N VAL A 102 4.43 -22.37 3.34
CA VAL A 102 5.87 -22.32 3.59
C VAL A 102 6.45 -23.63 3.08
N CYS A 103 7.56 -23.55 2.35
CA CYS A 103 8.27 -24.75 1.92
C CYS A 103 9.69 -24.73 2.44
N THR A 104 10.21 -25.91 2.75
CA THR A 104 11.64 -26.04 3.02
C THR A 104 12.21 -27.06 2.07
N ALA A 105 13.51 -26.94 1.81
CA ALA A 105 14.18 -27.95 1.01
C ALA A 105 15.62 -28.05 1.47
N THR A 106 16.14 -29.27 1.43
CA THR A 106 17.55 -29.52 1.68
C THR A 106 18.06 -30.34 0.52
N GLN A 107 19.22 -29.95 -0.01
CA GLN A 107 19.71 -30.54 -1.25
C GLN A 107 21.18 -30.87 -1.07
N ASN A 108 21.58 -32.05 -1.55
CA ASN A 108 22.97 -32.44 -1.54
C ASN A 108 23.43 -32.52 -2.98
N THR A 109 24.58 -31.92 -3.28
CA THR A 109 25.12 -31.92 -4.64
C THR A 109 26.45 -32.65 -4.64
N SER A 110 26.54 -33.72 -5.42
CA SER A 110 27.79 -34.46 -5.48
C SER A 110 28.15 -34.68 -6.94
N LEU A 111 29.39 -35.15 -7.16
CA LEU A 111 29.96 -35.23 -8.48
C LEU A 111 30.62 -36.59 -8.63
N ARG A 112 30.30 -37.29 -9.72
CA ARG A 112 30.91 -38.56 -10.05
C ARG A 112 31.15 -38.54 -11.55
N GLY A 113 32.41 -38.45 -11.96
CA GLY A 113 32.70 -38.40 -13.39
C GLY A 113 32.18 -37.11 -13.99
N ASP A 114 31.41 -37.23 -15.07
CA ASP A 114 30.84 -36.07 -15.75
C ASP A 114 29.38 -35.81 -15.36
N CYS A 115 28.96 -36.34 -14.21
CA CYS A 115 27.55 -36.27 -13.81
C CYS A 115 27.43 -35.67 -12.42
N PHE A 116 26.64 -34.61 -12.30
CA PHE A 116 26.23 -34.14 -10.99
C PHE A 116 25.06 -34.98 -10.48
N PHE A 117 25.08 -35.28 -9.18
CA PHE A 117 23.98 -36.00 -8.54
C PHE A 117 23.33 -35.07 -7.53
N TYR A 118 22.03 -34.84 -7.68
CA TYR A 118 21.26 -33.97 -6.79
C TYR A 118 20.29 -34.85 -6.01
N ASP A 119 20.32 -34.73 -4.70
CA ASP A 119 19.33 -35.38 -3.84
C ASP A 119 18.61 -34.29 -3.07
N VAL A 120 17.30 -34.20 -3.24
CA VAL A 120 16.55 -33.06 -2.70
C VAL A 120 15.44 -33.60 -1.83
N ARG A 121 15.27 -32.99 -0.65
CA ARG A 121 14.09 -33.21 0.19
C ARG A 121 13.26 -31.93 0.14
N PHE A 122 11.95 -32.07 -0.08
CA PHE A 122 11.10 -30.90 -0.24
C PHE A 122 9.85 -31.05 0.61
N ASP A 123 9.46 -30.00 1.34
CA ASP A 123 8.28 -30.09 2.20
C ASP A 123 7.50 -28.80 2.11
N GLY A 124 6.19 -28.91 1.86
CA GLY A 124 5.38 -27.72 1.83
C GLY A 124 4.25 -27.86 2.81
N VAL A 125 4.01 -26.84 3.63
CA VAL A 125 2.97 -26.88 4.65
C VAL A 125 2.12 -25.62 4.61
N ASN A 126 0.89 -25.75 5.12
CA ASN A 126 -0.02 -24.63 5.36
C ASN A 126 -0.40 -23.87 4.09
N PHE A 127 -0.44 -24.52 2.95
CA PHE A 127 -1.02 -23.85 1.80
C PHE A 127 -2.54 -23.80 1.92
N PRO A 128 -3.16 -22.63 1.74
CA PRO A 128 -4.63 -22.58 1.73
C PRO A 128 -5.22 -23.48 0.66
N PRO A 129 -6.28 -24.20 1.00
CA PRO A 129 -6.86 -25.14 0.04
C PRO A 129 -7.40 -24.47 -1.22
N ASN A 130 -7.82 -23.21 -1.16
CA ASN A 130 -8.28 -22.49 -2.33
C ASN A 130 -7.24 -21.53 -2.88
N GLY A 131 -6.02 -21.57 -2.36
CA GLY A 131 -4.95 -20.74 -2.87
C GLY A 131 -4.45 -21.21 -4.22
N PRO A 132 -3.63 -20.37 -4.87
CA PRO A 132 -3.16 -20.73 -6.22
C PRO A 132 -2.29 -21.98 -6.29
N VAL A 133 -1.62 -22.37 -5.22
CA VAL A 133 -0.78 -23.56 -5.30
C VAL A 133 -1.64 -24.83 -5.32
N MET A 134 -2.53 -24.98 -4.33
CA MET A 134 -3.45 -26.12 -4.30
C MET A 134 -4.46 -26.14 -5.42
N GLN A 135 -4.75 -25.00 -6.04
CA GLN A 135 -5.70 -24.97 -7.16
C GLN A 135 -5.01 -24.90 -8.51
N LYS A 136 -3.68 -24.93 -8.53
CA LYS A 136 -2.90 -24.94 -9.76
C LYS A 136 -3.30 -23.78 -10.66
N LYS A 137 -3.17 -22.58 -10.11
CA LYS A 137 -3.52 -21.36 -10.79
C LYS A 137 -2.29 -20.53 -11.14
N THR A 138 -1.09 -21.12 -11.08
CA THR A 138 0.13 -20.37 -11.31
C THR A 138 0.57 -20.60 -12.74
N LEU A 139 1.29 -19.61 -13.29
CA LEU A 139 1.68 -19.58 -14.69
C LEU A 139 3.16 -19.34 -14.84
N GLY A 140 3.97 -19.92 -13.94
CA GLY A 140 5.41 -19.82 -14.03
C GLY A 140 5.96 -18.66 -13.22
N TRP A 141 7.28 -18.67 -13.04
CA TRP A 141 7.97 -17.64 -12.28
C TRP A 141 8.41 -16.48 -13.18
N GLU A 142 8.34 -15.27 -12.63
CA GLU A 142 9.04 -14.15 -13.25
C GLU A 142 10.55 -14.38 -13.15
N PRO A 143 11.34 -13.84 -14.08
CA PRO A 143 12.79 -13.85 -13.90
C PRO A 143 13.14 -13.16 -12.59
N SER A 144 14.25 -13.56 -11.99
CA SER A 144 14.59 -13.02 -10.68
C SER A 144 16.08 -12.81 -10.57
N THR A 145 16.48 -12.15 -9.49
CA THR A 145 17.88 -11.90 -9.17
C THR A 145 18.15 -12.27 -7.72
N GLU A 146 18.91 -13.34 -7.52
CA GLU A 146 19.29 -13.75 -6.17
C GLU A 146 20.41 -12.86 -5.67
N LYS A 147 20.32 -12.44 -4.41
CA LYS A 147 21.39 -11.67 -3.78
C LYS A 147 22.25 -12.61 -2.96
N MET A 148 23.55 -12.68 -3.28
CA MET A 148 24.47 -13.61 -2.65
C MET A 148 25.45 -12.87 -1.73
N TYR A 149 25.59 -13.35 -0.50
CA TYR A 149 26.47 -12.69 0.46
C TYR A 149 26.94 -13.72 1.49
N VAL A 150 28.15 -13.52 1.99
CA VAL A 150 28.74 -14.44 2.97
C VAL A 150 28.12 -14.19 4.34
N ARG A 151 27.92 -15.26 5.09
CA ARG A 151 27.51 -15.16 6.49
C ARG A 151 28.06 -16.38 7.21
N ASP A 152 28.85 -16.16 8.29
CA ASP A 152 29.44 -17.28 9.04
C ASP A 152 30.20 -18.26 8.14
N GLY A 153 30.99 -17.72 7.21
CA GLY A 153 31.87 -18.55 6.43
C GLY A 153 31.21 -19.35 5.34
N VAL A 154 29.88 -19.20 5.15
CA VAL A 154 29.15 -19.89 4.08
C VAL A 154 28.40 -18.84 3.28
N LEU A 155 27.79 -19.29 2.18
CA LEU A 155 27.20 -18.35 1.23
C LEU A 155 25.68 -18.37 1.34
N LYS A 156 25.09 -17.23 1.62
CA LYS A 156 23.64 -17.12 1.63
C LYS A 156 23.16 -16.50 0.33
N GLY A 157 21.94 -16.86 -0.07
CA GLY A 157 21.29 -16.22 -1.19
C GLY A 157 19.84 -15.89 -0.84
N ASP A 158 19.44 -14.63 -1.02
CA ASP A 158 18.07 -14.18 -0.74
C ASP A 158 17.46 -13.61 -2.00
N VAL A 159 16.17 -13.83 -2.20
CA VAL A 159 15.49 -13.27 -3.36
C VAL A 159 13.98 -13.32 -3.10
N ILE A 160 13.27 -12.24 -3.38
CA ILE A 160 11.81 -12.30 -3.45
C ILE A 160 11.44 -12.61 -4.89
N LYS A 161 10.78 -13.74 -5.07
CA LYS A 161 10.35 -14.22 -6.36
C LYS A 161 8.84 -14.06 -6.45
N ALA A 162 8.31 -14.15 -7.67
CA ALA A 162 6.88 -14.00 -7.87
C ALA A 162 6.39 -14.96 -8.93
N LEU A 163 5.32 -15.67 -8.61
CA LEU A 163 4.63 -16.50 -9.56
C LEU A 163 3.52 -15.71 -10.23
N LEU A 164 3.42 -15.84 -11.55
CA LEU A 164 2.30 -15.30 -12.29
C LEU A 164 1.04 -16.11 -12.00
N LEU A 165 -0.11 -15.43 -11.93
CA LEU A 165 -1.38 -16.04 -11.57
C LEU A 165 -2.37 -16.00 -12.73
N GLU A 166 -3.16 -17.06 -12.87
CA GLU A 166 -4.36 -17.00 -13.69
C GLU A 166 -5.21 -15.82 -13.25
N GLY A 167 -5.69 -15.07 -14.23
CA GLY A 167 -6.47 -13.90 -13.91
C GLY A 167 -5.68 -12.63 -13.74
N GLY A 168 -4.36 -12.71 -13.77
CA GLY A 168 -3.53 -11.55 -13.63
C GLY A 168 -2.98 -11.43 -12.22
N GLY A 169 -1.93 -10.65 -12.10
CA GLY A 169 -1.32 -10.46 -10.80
C GLY A 169 -0.27 -11.51 -10.49
N HIS A 170 0.35 -11.32 -9.31
CA HIS A 170 1.51 -12.10 -8.91
C HIS A 170 1.32 -12.64 -7.50
N TYR A 171 2.02 -13.73 -7.23
CA TYR A 171 1.96 -14.44 -5.96
C TYR A 171 3.39 -14.53 -5.44
N ARG A 172 3.67 -13.83 -4.34
CA ARG A 172 5.04 -13.62 -3.93
C ARG A 172 5.57 -14.72 -3.04
N CYS A 173 6.88 -14.96 -3.15
CA CYS A 173 7.59 -15.95 -2.37
C CYS A 173 8.96 -15.43 -1.98
N ASP A 174 9.25 -15.43 -0.68
CA ASP A 174 10.55 -15.03 -0.13
C ASP A 174 11.45 -16.25 -0.02
N PHE A 175 12.55 -16.26 -0.78
CA PHE A 175 13.51 -17.36 -0.76
C PHE A 175 14.68 -16.96 0.14
N LYS A 176 15.06 -17.83 1.07
CA LYS A 176 16.25 -17.64 1.87
C LYS A 176 17.03 -18.94 1.83
N THR A 177 18.19 -18.93 1.19
CA THR A 177 19.00 -20.14 1.03
C THR A 177 20.37 -19.95 1.69
N THR A 178 20.91 -21.04 2.23
CA THR A 178 22.29 -21.10 2.67
C THR A 178 22.97 -22.21 1.90
N TYR A 179 24.06 -21.86 1.22
CA TYR A 179 24.85 -22.79 0.43
C TYR A 179 26.13 -23.08 1.21
N LYS A 180 26.46 -24.36 1.36
CA LYS A 180 27.54 -24.77 2.26
C LYS A 180 28.46 -25.73 1.51
N ALA A 181 29.63 -25.21 1.10
CA ALA A 181 30.65 -26.03 0.45
C ALA A 181 31.26 -27.05 1.41
N LYS A 182 31.62 -28.20 0.89
CA LYS A 182 32.24 -29.24 1.71
C LYS A 182 33.76 -29.11 1.76
N LYS A 183 34.31 -28.00 1.30
CA LYS A 183 35.72 -27.70 1.51
C LYS A 183 35.89 -26.19 1.53
N ASP A 184 37.05 -25.74 2.01
CA ASP A 184 37.37 -24.33 2.00
C ASP A 184 37.55 -23.83 0.57
N VAL A 185 36.92 -22.70 0.26
CA VAL A 185 37.00 -22.07 -1.06
C VAL A 185 37.18 -20.58 -0.84
N ARG A 186 37.57 -19.88 -1.91
CA ARG A 186 37.62 -18.43 -1.83
C ARG A 186 36.20 -17.87 -1.78
N LEU A 187 35.91 -17.05 -0.75
CA LEU A 187 34.52 -16.59 -0.66
C LEU A 187 34.31 -15.32 -1.47
N PRO A 188 33.17 -15.18 -2.14
CA PRO A 188 32.91 -13.98 -2.93
C PRO A 188 32.42 -12.85 -2.05
N GLY A 189 32.52 -11.63 -2.60
CA GLY A 189 31.82 -10.50 -2.02
C GLY A 189 30.35 -10.53 -2.43
N TYR A 190 29.61 -9.54 -1.96
CA TYR A 190 28.19 -9.40 -2.29
C TYR A 190 28.00 -9.28 -3.80
N HIS A 191 27.09 -10.07 -4.34
CA HIS A 191 26.87 -10.01 -5.79
C HIS A 191 25.48 -10.55 -6.11
N PHE A 192 25.18 -10.62 -7.40
CA PHE A 192 23.85 -10.90 -7.88
C PHE A 192 23.93 -12.07 -8.85
N VAL A 193 22.88 -12.89 -8.87
CA VAL A 193 22.78 -13.97 -9.85
C VAL A 193 21.42 -13.82 -10.50
N ASP A 194 21.39 -13.38 -11.76
CA ASP A 194 20.15 -13.34 -12.53
C ASP A 194 19.76 -14.76 -12.91
N HIS A 195 18.45 -15.06 -12.83
CA HIS A 195 17.94 -16.37 -13.18
C HIS A 195 16.71 -16.22 -14.05
N ARG A 196 16.54 -17.16 -14.96
CA ARG A 196 15.25 -17.31 -15.65
C ARG A 196 14.96 -18.79 -15.83
N ILE A 197 13.89 -19.24 -15.21
CA ILE A 197 13.52 -20.64 -15.23
C ILE A 197 12.27 -20.76 -16.08
N GLU A 198 12.32 -21.65 -17.08
CA GLU A 198 11.26 -21.76 -18.08
C GLU A 198 10.88 -23.22 -18.30
N ILE A 199 9.57 -23.48 -18.37
CA ILE A 199 9.08 -24.79 -18.76
C ILE A 199 9.00 -24.87 -20.28
N LEU A 200 9.76 -25.80 -20.87
CA LEU A 200 9.82 -25.97 -22.30
C LEU A 200 8.72 -26.88 -22.81
N LYS A 201 8.36 -27.87 -22.01
CA LYS A 201 7.43 -28.92 -22.42
C LYS A 201 6.86 -29.55 -21.15
N HIS A 202 5.58 -29.92 -21.20
CA HIS A 202 4.95 -30.61 -20.10
C HIS A 202 3.78 -31.42 -20.64
N ASP A 203 3.50 -32.56 -20.01
CA ASP A 203 2.25 -33.24 -20.31
C ASP A 203 1.12 -32.61 -19.49
N LYS A 204 -0.10 -33.14 -19.68
CA LYS A 204 -1.30 -32.52 -19.14
C LYS A 204 -1.21 -32.27 -17.64
N ASP A 205 -0.80 -33.27 -16.86
CA ASP A 205 -0.77 -33.10 -15.40
C ASP A 205 0.62 -32.80 -14.87
N TYR A 206 1.55 -32.42 -15.72
CA TYR A 206 2.92 -32.13 -15.31
C TYR A 206 3.56 -33.34 -14.64
N ASN A 207 3.21 -34.56 -15.07
CA ASN A 207 3.98 -35.71 -14.62
C ASN A 207 5.31 -35.79 -15.34
N LYS A 208 5.41 -35.14 -16.50
CA LYS A 208 6.62 -35.13 -17.32
C LYS A 208 6.86 -33.70 -17.75
N VAL A 209 8.01 -33.15 -17.39
CA VAL A 209 8.32 -31.74 -17.59
C VAL A 209 9.76 -31.63 -18.09
N LYS A 210 9.97 -30.83 -19.12
CA LYS A 210 11.30 -30.40 -19.55
C LYS A 210 11.43 -28.94 -19.15
N GLN A 211 12.43 -28.62 -18.34
CA GLN A 211 12.56 -27.23 -17.93
C GLN A 211 13.98 -26.78 -18.16
N TYR A 212 14.13 -25.48 -18.25
CA TYR A 212 15.38 -24.87 -18.68
C TYR A 212 15.69 -23.70 -17.77
N GLU A 213 16.98 -23.47 -17.52
CA GLU A 213 17.37 -22.36 -16.69
C GLU A 213 18.63 -21.72 -17.25
N ASN A 214 18.65 -20.40 -17.21
CA ASN A 214 19.79 -19.58 -17.57
C ASN A 214 20.14 -18.79 -16.32
N ALA A 215 21.41 -18.83 -15.91
CA ALA A 215 21.78 -18.13 -14.69
C ALA A 215 23.14 -17.48 -14.88
N VAL A 216 23.24 -16.18 -14.56
CA VAL A 216 24.47 -15.41 -14.76
C VAL A 216 24.71 -14.55 -13.53
N ALA A 217 25.92 -14.64 -12.99
CA ALA A 217 26.35 -13.83 -11.84
C ALA A 217 26.96 -12.52 -12.31
N ARG A 218 26.81 -11.47 -11.50
CA ARG A 218 27.30 -10.15 -11.88
C ARG A 218 27.34 -9.25 -10.65
N TYR A 219 27.98 -8.11 -10.83
CA TYR A 219 27.84 -7.03 -9.88
C TYR A 219 26.64 -6.17 -10.31
N SER A 220 26.42 -5.06 -9.61
CA SER A 220 25.36 -4.14 -10.00
C SER A 220 25.56 -3.62 -11.42
N MET A 221 24.45 -3.42 -12.12
CA MET A 221 24.49 -2.75 -13.41
C MET A 221 24.96 -1.30 -13.35
N LEU A 222 24.83 -0.67 -12.20
CA LEU A 222 25.02 0.77 -12.09
C LEU A 222 26.44 1.09 -11.64
N PRO A 223 27.12 2.04 -12.27
CA PRO A 223 28.44 2.44 -11.77
C PRO A 223 28.34 3.16 -10.44
N SER A 224 29.47 3.19 -9.73
CA SER A 224 29.58 3.79 -8.42
C SER A 224 30.17 5.19 -8.53
N GLN A 225 29.64 6.12 -7.73
CA GLN A 225 30.10 7.50 -7.76
C GLN A 225 31.03 7.87 -6.61
N ALA A 226 31.19 6.99 -5.62
CA ALA A 226 32.11 7.27 -4.51
C ALA A 226 33.55 7.21 -4.99
N SER B 6 -16.39 -45.47 23.06
CA SER B 6 -15.52 -44.73 22.15
C SER B 6 -14.30 -45.56 21.76
N VAL B 7 -13.65 -45.19 20.65
CA VAL B 7 -12.44 -45.90 20.27
C VAL B 7 -11.26 -45.45 21.13
N ILE B 8 -11.38 -44.32 21.80
CA ILE B 8 -10.30 -43.76 22.60
C ILE B 8 -10.58 -44.09 24.06
N LYS B 9 -9.72 -44.93 24.64
CA LYS B 9 -9.86 -45.42 26.01
C LYS B 9 -9.19 -44.47 26.98
N GLU B 10 -9.41 -44.70 28.29
CA GLU B 10 -8.83 -43.81 29.30
C GLU B 10 -7.30 -43.89 29.31
N GLU B 11 -6.74 -45.06 28.99
CA GLU B 11 -5.31 -45.19 28.76
C GLU B 11 -5.07 -45.70 27.34
N MET B 12 -4.19 -45.01 26.61
CA MET B 12 -3.80 -45.34 25.24
C MET B 12 -2.28 -45.40 25.13
N LYS B 13 -1.80 -46.33 24.33
CA LYS B 13 -0.40 -46.42 23.98
C LYS B 13 -0.12 -45.56 22.75
N ILE B 14 1.16 -45.31 22.52
CA ILE B 14 1.62 -44.53 21.38
C ILE B 14 2.83 -45.23 20.79
N LYS B 15 2.89 -45.28 19.46
CA LYS B 15 4.11 -45.66 18.75
C LYS B 15 4.40 -44.57 17.74
N LEU B 16 5.69 -44.23 17.58
CA LEU B 16 6.01 -43.11 16.73
C LEU B 16 7.28 -43.40 15.93
N ARG B 17 7.33 -42.85 14.73
CA ARG B 17 8.55 -42.82 13.94
C ARG B 17 8.67 -41.43 13.34
N MET B 18 9.88 -40.88 13.38
CA MET B 18 10.16 -39.59 12.76
C MET B 18 11.40 -39.72 11.89
N GLU B 19 11.33 -39.17 10.67
CA GLU B 19 12.52 -39.02 9.84
C GLU B 19 12.74 -37.54 9.59
N GLY B 20 14.00 -37.12 9.62
CA GLY B 20 14.22 -35.69 9.59
C GLY B 20 15.58 -35.35 9.08
N THR B 21 15.73 -34.06 8.75
CA THR B 21 17.01 -33.48 8.34
C THR B 21 17.07 -32.11 8.99
N VAL B 22 18.17 -31.82 9.70
CA VAL B 22 18.33 -30.50 10.31
C VAL B 22 19.75 -30.05 10.00
N ASN B 23 19.89 -28.88 9.40
CA ASN B 23 21.23 -28.39 9.07
C ASN B 23 21.97 -29.37 8.16
N GLY B 24 21.23 -30.10 7.30
CA GLY B 24 21.79 -31.11 6.42
C GLY B 24 22.04 -32.46 7.06
N HIS B 25 21.76 -32.63 8.33
CA HIS B 25 22.02 -33.86 9.07
C HIS B 25 20.76 -34.72 9.12
N ASN B 26 20.81 -35.92 8.51
CA ASN B 26 19.67 -36.83 8.51
C ASN B 26 19.61 -37.64 9.79
N PHE B 27 18.39 -37.95 10.24
CA PHE B 27 18.26 -38.80 11.41
C PHE B 27 16.93 -39.54 11.37
N VAL B 28 16.82 -40.57 12.21
CA VAL B 28 15.55 -41.30 12.42
C VAL B 28 15.38 -41.43 13.92
N ILE B 29 14.15 -41.25 14.39
CA ILE B 29 13.80 -41.42 15.80
C ILE B 29 12.58 -42.32 15.89
N GLU B 30 12.61 -43.29 16.80
CA GLU B 30 11.46 -44.11 17.09
C GLU B 30 11.04 -43.83 18.53
N GLY B 31 9.74 -43.92 18.79
CA GLY B 31 9.23 -43.62 20.11
C GLY B 31 8.12 -44.57 20.50
N GLU B 32 8.02 -44.80 21.79
CA GLU B 32 6.81 -45.43 22.28
C GLU B 32 6.43 -44.79 23.60
N GLY B 33 5.14 -44.63 23.79
CA GLY B 33 4.69 -43.89 24.94
C GLY B 33 3.33 -44.37 25.36
N LYS B 34 2.75 -43.70 26.34
CA LYS B 34 1.38 -43.98 26.75
C LYS B 34 0.88 -42.80 27.56
N GLY B 35 -0.42 -42.67 27.59
CA GLY B 35 -0.98 -41.47 28.19
C GLY B 35 -2.45 -41.68 28.48
N ASN B 36 -3.05 -40.63 29.03
CA ASN B 36 -4.45 -40.66 29.44
C ASN B 36 -5.11 -39.54 28.67
N PRO B 37 -5.72 -39.86 27.53
CA PRO B 37 -6.20 -38.81 26.62
C PRO B 37 -7.18 -37.87 27.26
N TYR B 38 -8.01 -38.34 28.19
CA TYR B 38 -9.01 -37.45 28.75
C TYR B 38 -8.48 -36.65 29.93
N GLU B 39 -7.30 -36.99 30.44
CA GLU B 39 -6.63 -36.17 31.45
C GLU B 39 -5.65 -35.17 30.85
N GLY B 40 -5.33 -35.31 29.57
CA GLY B 40 -4.39 -34.38 28.97
C GLY B 40 -2.94 -34.63 29.25
N THR B 41 -2.55 -35.86 29.63
CA THR B 41 -1.18 -36.17 30.00
C THR B 41 -0.70 -37.38 29.23
N GLN B 42 0.61 -37.44 29.01
CA GLN B 42 1.26 -38.50 28.25
C GLN B 42 2.76 -38.46 28.49
N THR B 43 3.39 -39.63 28.38
CA THR B 43 4.82 -39.82 28.48
C THR B 43 5.26 -40.62 27.27
N MET B 44 6.41 -40.26 26.71
CA MET B 44 7.02 -40.96 25.60
C MET B 44 8.50 -41.14 25.80
N ASP B 45 8.99 -42.33 25.39
CA ASP B 45 10.40 -42.63 25.30
C ASP B 45 10.79 -42.60 23.83
N LEU B 46 11.78 -41.77 23.51
CA LEU B 46 12.27 -41.55 22.16
C LEU B 46 13.68 -42.10 22.06
N LYS B 47 13.99 -42.69 20.92
CA LYS B 47 15.30 -43.26 20.65
C LYS B 47 15.77 -42.81 19.28
N VAL B 48 16.96 -42.22 19.22
CA VAL B 48 17.58 -41.88 17.93
C VAL B 48 18.13 -43.19 17.37
N THR B 49 17.52 -43.69 16.30
CA THR B 49 17.96 -44.95 15.70
C THR B 49 18.89 -44.78 14.51
N GLU B 50 18.94 -43.61 13.88
CA GLU B 50 19.98 -43.31 12.91
C GLU B 50 20.35 -41.84 13.01
N GLY B 51 21.63 -41.55 12.78
CA GLY B 51 22.12 -40.19 12.82
C GLY B 51 22.55 -39.66 14.17
N GLY B 52 22.53 -40.50 15.21
CA GLY B 52 23.03 -40.11 16.50
C GLY B 52 24.55 -40.12 16.52
N PRO B 53 25.16 -39.24 17.33
CA PRO B 53 24.47 -38.26 18.16
C PRO B 53 24.00 -37.05 17.37
N LEU B 54 22.83 -36.54 17.70
CA LEU B 54 22.28 -35.40 17.00
C LEU B 54 23.15 -34.18 17.25
N PRO B 55 23.51 -33.43 16.22
CA PRO B 55 24.36 -32.25 16.44
C PRO B 55 23.60 -30.98 16.83
N PHE B 56 22.30 -31.05 17.10
CA PHE B 56 21.48 -29.88 17.40
C PHE B 56 20.66 -30.15 18.66
N ALA B 57 20.12 -29.08 19.24
CA ALA B 57 19.31 -29.18 20.46
C ALA B 57 18.09 -30.07 20.24
N TYR B 58 18.01 -31.12 21.06
CA TYR B 58 16.84 -32.02 21.02
C TYR B 58 15.53 -31.25 21.25
N ASP B 59 15.59 -30.14 21.98
CA ASP B 59 14.37 -29.39 22.29
C ASP B 59 13.57 -29.02 21.04
N ILE B 60 14.22 -28.82 19.89
CA ILE B 60 13.42 -28.39 18.73
C ILE B 60 12.51 -29.51 18.27
N LEU B 61 12.79 -30.75 18.67
CA LEU B 61 11.98 -31.89 18.27
C LEU B 61 10.85 -32.19 19.23
N SER B 62 11.00 -31.86 20.51
CA SER B 62 10.02 -32.36 21.49
C SER B 62 8.57 -31.98 21.18
N PRO B 63 8.24 -30.77 20.71
CA PRO B 63 6.83 -30.47 20.39
C PRO B 63 6.30 -31.22 19.17
N GLN B 64 7.12 -31.97 18.45
CA GLN B 64 6.61 -32.71 17.32
C GLN B 64 6.14 -34.09 17.73
N PHE B 65 6.39 -34.50 18.97
CA PHE B 65 6.08 -35.85 19.41
C PHE B 65 4.68 -36.03 20.03
N1 NRQ B 66 3.87 -34.98 20.10
CE NRQ B 66 5.20 -37.06 24.81
SD NRQ B 66 4.85 -35.30 24.75
CG1 NRQ B 66 4.00 -35.17 23.14
CB1 NRQ B 66 4.60 -34.09 22.26
CA1 NRQ B 66 3.91 -33.98 20.93
C1 NRQ B 66 3.25 -32.71 20.56
N2 NRQ B 66 3.22 -31.55 21.35
OH NRQ B 66 4.25 -25.48 24.60
CD2 NRQ B 66 2.60 -26.97 21.69
CE2 NRQ B 66 3.04 -26.03 22.61
CZ NRQ B 66 3.81 -26.42 23.70
CE1 NRQ B 66 4.13 -27.77 23.86
CD1 NRQ B 66 3.70 -28.71 22.93
CG2 NRQ B 66 2.91 -28.32 21.83
CB2 NRQ B 66 2.44 -29.23 20.81
CA2 NRQ B 66 2.61 -30.55 20.59
C2 NRQ B 66 2.12 -31.15 19.35
O2 NRQ B 66 1.51 -30.63 18.44
N3 NRQ B 66 2.59 -32.46 19.36
CA3 NRQ B 66 2.44 -33.37 18.25
C3 NRQ B 66 1.41 -34.48 18.48
O3 NRQ B 66 1.15 -35.25 17.54
N SER B 67 0.86 -34.55 19.68
CA SER B 67 0.10 -35.72 20.12
C SER B 67 -1.23 -35.19 20.66
N LYS B 68 -2.07 -34.73 19.72
CA LYS B 68 -3.18 -33.84 20.03
C LYS B 68 -4.38 -34.59 20.61
N ALA B 69 -4.41 -35.91 20.49
CA ALA B 69 -5.49 -36.65 21.13
C ALA B 69 -5.41 -36.59 22.65
N PHE B 70 -4.25 -36.24 23.19
CA PHE B 70 -4.02 -36.15 24.64
C PHE B 70 -4.16 -34.72 25.15
N ILE B 71 -5.28 -34.06 24.84
CA ILE B 71 -5.61 -32.75 25.41
C ILE B 71 -6.89 -32.91 26.21
N LYS B 72 -6.87 -32.43 27.45
CA LYS B 72 -8.08 -32.46 28.26
C LYS B 72 -9.04 -31.40 27.72
N TYR B 73 -10.07 -31.86 26.98
CA TYR B 73 -11.11 -30.96 26.48
C TYR B 73 -12.31 -30.94 27.40
N PRO B 74 -12.74 -29.78 27.88
CA PRO B 74 -14.00 -29.72 28.61
C PRO B 74 -15.16 -29.93 27.66
N ALA B 75 -16.31 -30.27 28.25
CA ALA B 75 -17.46 -30.72 27.47
C ALA B 75 -18.01 -29.62 26.55
N ASP B 76 -17.80 -28.35 26.88
CA ASP B 76 -18.38 -27.26 26.11
C ASP B 76 -17.44 -26.73 25.01
N ILE B 77 -16.33 -27.41 24.73
CA ILE B 77 -15.52 -27.13 23.55
C ILE B 77 -15.42 -28.42 22.74
N PRO B 78 -15.88 -28.43 21.49
CA PRO B 78 -15.70 -29.62 20.65
C PRO B 78 -14.24 -30.00 20.57
N ASP B 79 -13.98 -31.29 20.69
CA ASP B 79 -12.64 -31.85 20.65
C ASP B 79 -12.36 -32.24 19.19
N TYR B 80 -11.68 -31.36 18.45
CA TYR B 80 -11.42 -31.62 17.04
C TYR B 80 -10.72 -32.96 16.84
N PHE B 81 -9.81 -33.28 17.75
CA PHE B 81 -8.91 -34.40 17.57
C PHE B 81 -9.55 -35.72 17.95
N LYS B 82 -10.19 -35.78 19.11
CA LYS B 82 -10.82 -37.04 19.52
C LYS B 82 -11.97 -37.39 18.61
N GLN B 83 -12.71 -36.38 18.14
CA GLN B 83 -13.81 -36.63 17.21
C GLN B 83 -13.36 -37.26 15.90
N SER B 84 -12.09 -37.07 15.51
CA SER B 84 -11.63 -37.52 14.21
C SER B 84 -11.40 -39.03 14.14
N PHE B 85 -11.42 -39.71 15.25
CA PHE B 85 -11.09 -41.12 15.28
C PHE B 85 -12.33 -41.96 15.02
N PRO B 86 -12.17 -43.22 14.59
CA PRO B 86 -10.91 -43.94 14.39
C PRO B 86 -10.06 -43.51 13.19
N GLU B 87 -10.63 -42.72 12.28
CA GLU B 87 -9.93 -42.37 11.04
C GLU B 87 -8.66 -41.57 11.30
N GLY B 88 -8.70 -40.59 12.19
CA GLY B 88 -7.53 -39.82 12.56
C GLY B 88 -7.45 -38.48 11.86
N PHE B 89 -6.24 -37.90 11.86
CA PHE B 89 -6.02 -36.56 11.31
C PHE B 89 -4.56 -36.46 10.93
N HIS B 90 -4.19 -35.43 10.17
CA HIS B 90 -2.77 -35.19 10.05
C HIS B 90 -2.55 -33.71 10.39
N TRP B 91 -1.29 -33.33 10.58
CA TRP B 91 -1.04 -31.91 10.81
C TRP B 91 0.21 -31.47 10.05
N GLU B 92 0.28 -30.17 9.84
CA GLU B 92 1.36 -29.50 9.12
C GLU B 92 1.77 -28.29 9.94
N ARG B 93 3.07 -28.00 9.96
CA ARG B 93 3.54 -26.98 10.88
C ARG B 93 4.77 -26.27 10.33
N VAL B 94 4.81 -24.95 10.56
CA VAL B 94 6.00 -24.11 10.35
CA VAL B 94 6.01 -24.16 10.36
C VAL B 94 6.41 -23.57 11.71
N MET B 95 7.72 -23.45 11.93
CA MET B 95 8.30 -23.11 13.22
C MET B 95 9.38 -22.10 12.83
N THR B 96 9.12 -20.81 13.06
CA THR B 96 10.04 -19.75 12.65
C THR B 96 10.78 -19.26 13.88
N TYR B 97 12.08 -19.54 13.94
CA TYR B 97 12.90 -19.14 15.08
C TYR B 97 13.45 -17.75 14.84
N GLU B 98 13.70 -17.01 15.93
CA GLU B 98 13.96 -15.59 15.76
C GLU B 98 15.32 -15.32 15.09
N ASP B 99 16.23 -16.28 15.05
CA ASP B 99 17.53 -16.03 14.42
C ASP B 99 17.58 -16.58 13.01
N GLY B 100 16.42 -16.92 12.44
CA GLY B 100 16.35 -17.29 11.05
C GLY B 100 16.27 -18.78 10.79
N GLY B 101 16.48 -19.60 11.82
CA GLY B 101 16.20 -21.01 11.65
C GLY B 101 14.72 -21.22 11.39
N VAL B 102 14.42 -22.14 10.47
CA VAL B 102 13.03 -22.49 10.19
C VAL B 102 12.93 -24.00 10.16
N CYS B 103 11.89 -24.53 10.81
CA CYS B 103 11.57 -25.95 10.74
C CYS B 103 10.17 -26.11 10.17
N THR B 104 9.97 -27.16 9.38
CA THR B 104 8.65 -27.61 8.99
C THR B 104 8.46 -29.02 9.51
N ALA B 105 7.20 -29.42 9.67
CA ALA B 105 6.91 -30.78 10.05
C ALA B 105 5.53 -31.17 9.50
N THR B 106 5.42 -32.43 9.06
CA THR B 106 4.14 -33.02 8.67
C THR B 106 3.97 -34.32 9.45
N GLN B 107 2.80 -34.50 10.03
CA GLN B 107 2.52 -35.61 10.94
C GLN B 107 1.25 -36.28 10.50
N ASN B 108 1.25 -37.62 10.45
CA ASN B 108 0.04 -38.43 10.29
C ASN B 108 -0.25 -39.16 11.58
N THR B 109 -1.50 -39.10 12.02
CA THR B 109 -1.95 -39.74 13.25
C THR B 109 -3.03 -40.75 12.91
N SER B 110 -2.75 -42.02 13.18
CA SER B 110 -3.73 -43.09 13.00
C SER B 110 -3.86 -43.87 14.30
N LEU B 111 -4.85 -44.77 14.33
CA LEU B 111 -5.22 -45.49 15.53
C LEU B 111 -5.48 -46.93 15.14
N ARG B 112 -4.89 -47.87 15.87
CA ARG B 112 -5.23 -49.28 15.71
C ARG B 112 -5.32 -49.88 17.11
N GLY B 113 -6.48 -50.40 17.45
CA GLY B 113 -6.68 -50.98 18.77
C GLY B 113 -6.55 -49.93 19.85
N ASP B 114 -5.66 -50.18 20.80
CA ASP B 114 -5.42 -49.28 21.91
C ASP B 114 -4.12 -48.50 21.73
N CYS B 115 -3.72 -48.28 20.48
CA CYS B 115 -2.44 -47.62 20.21
C CYS B 115 -2.57 -46.60 19.09
N PHE B 116 -2.14 -45.37 19.37
CA PHE B 116 -1.98 -44.33 18.37
C PHE B 116 -0.66 -44.55 17.62
N PHE B 117 -0.69 -44.31 16.30
CA PHE B 117 0.51 -44.43 15.47
C PHE B 117 0.81 -43.07 14.86
N TYR B 118 2.02 -42.57 15.12
CA TYR B 118 2.46 -41.26 14.70
C TYR B 118 3.57 -41.42 13.69
N ASP B 119 3.41 -40.79 12.52
CA ASP B 119 4.46 -40.74 11.51
C ASP B 119 4.81 -39.27 11.26
N VAL B 120 6.07 -38.90 11.43
CA VAL B 120 6.47 -37.51 11.42
C VAL B 120 7.62 -37.31 10.44
N ARG B 121 7.53 -36.26 9.64
CA ARG B 121 8.64 -35.72 8.87
C ARG B 121 9.05 -34.39 9.49
N PHE B 122 10.35 -34.18 9.67
CA PHE B 122 10.82 -32.95 10.31
C PHE B 122 12.02 -32.42 9.54
N ASP B 123 12.07 -31.11 9.30
CA ASP B 123 13.15 -30.55 8.52
C ASP B 123 13.48 -29.19 9.09
N GLY B 124 14.76 -28.96 9.36
CA GLY B 124 15.21 -27.69 9.89
C GLY B 124 16.29 -27.12 8.99
N VAL B 125 16.19 -25.82 8.68
CA VAL B 125 17.13 -25.18 7.75
C VAL B 125 17.54 -23.82 8.29
N ASN B 126 18.71 -23.37 7.83
CA ASN B 126 19.20 -22.01 8.05
C ASN B 126 19.44 -21.70 9.52
N PHE B 127 19.72 -22.72 10.35
CA PHE B 127 20.13 -22.42 11.72
C PHE B 127 21.53 -21.84 11.74
N PRO B 128 21.74 -20.70 12.40
CA PRO B 128 23.08 -20.15 12.53
C PRO B 128 23.99 -21.11 13.27
N PRO B 129 25.23 -21.27 12.79
CA PRO B 129 26.10 -22.29 13.38
C PRO B 129 26.50 -22.00 14.82
N ASN B 130 26.49 -20.74 15.25
CA ASN B 130 26.76 -20.41 16.64
C ASN B 130 25.50 -20.03 17.40
N GLY B 131 24.33 -20.30 16.85
CA GLY B 131 23.12 -20.08 17.57
C GLY B 131 22.87 -21.17 18.59
N PRO B 132 21.86 -20.94 19.44
CA PRO B 132 21.63 -21.86 20.56
C PRO B 132 21.17 -23.25 20.14
N VAL B 133 20.63 -23.42 18.92
CA VAL B 133 20.20 -24.75 18.51
C VAL B 133 21.40 -25.62 18.15
N MET B 134 22.25 -25.13 17.23
CA MET B 134 23.47 -25.87 16.87
C MET B 134 24.50 -25.91 17.98
N GLN B 135 24.43 -25.04 18.97
CA GLN B 135 25.38 -25.10 20.08
C GLN B 135 24.80 -25.79 21.30
N LYS B 136 23.56 -26.26 21.23
CA LYS B 136 22.89 -26.95 22.32
C LYS B 136 22.93 -26.14 23.63
N LYS B 137 22.43 -24.91 23.55
CA LYS B 137 22.36 -24.02 24.69
C LYS B 137 20.94 -23.87 25.24
N THR B 138 20.00 -24.73 24.86
CA THR B 138 18.61 -24.56 25.28
C THR B 138 18.30 -25.45 26.49
N LEU B 139 17.37 -24.98 27.31
CA LEU B 139 17.00 -25.63 28.56
C LEU B 139 15.50 -25.88 28.62
N GLY B 140 14.93 -26.30 27.49
CA GLY B 140 13.53 -26.65 27.43
C GLY B 140 12.62 -25.47 27.14
N TRP B 141 11.34 -25.78 26.90
CA TRP B 141 10.37 -24.76 26.52
C TRP B 141 9.67 -24.22 27.74
N GLU B 142 9.39 -22.91 27.71
CA GLU B 142 8.44 -22.38 28.65
C GLU B 142 7.07 -23.00 28.36
N PRO B 143 6.22 -23.12 29.38
CA PRO B 143 4.82 -23.45 29.09
C PRO B 143 4.23 -22.42 28.13
N SER B 144 3.17 -22.83 27.45
CA SER B 144 2.66 -21.99 26.37
C SER B 144 1.15 -22.17 26.28
N THR B 145 0.52 -21.28 25.52
CA THR B 145 -0.92 -21.32 25.27
C THR B 145 -1.08 -21.23 23.76
N GLU B 146 -1.49 -22.33 23.16
CA GLU B 146 -1.73 -22.36 21.72
C GLU B 146 -3.14 -21.83 21.43
N LYS B 147 -3.28 -21.00 20.39
CA LYS B 147 -4.57 -20.42 20.06
C LYS B 147 -5.18 -21.19 18.88
N MET B 148 -6.32 -21.80 19.13
CA MET B 148 -7.02 -22.66 18.17
C MET B 148 -8.17 -21.90 17.51
N TYR B 149 -8.26 -21.97 16.19
CA TYR B 149 -9.35 -21.30 15.47
C TYR B 149 -9.56 -21.98 14.12
N VAL B 150 -10.80 -21.94 13.63
CA VAL B 150 -11.12 -22.56 12.36
C VAL B 150 -10.68 -21.65 11.22
N ARG B 151 -10.09 -22.25 10.19
CA ARG B 151 -9.74 -21.53 8.97
C ARG B 151 -9.93 -22.50 7.82
N ASP B 152 -10.73 -22.11 6.83
CA ASP B 152 -10.97 -22.92 5.64
C ASP B 152 -11.42 -24.33 5.99
N GLY B 153 -12.28 -24.44 7.00
CA GLY B 153 -12.89 -25.71 7.35
C GLY B 153 -12.02 -26.67 8.15
N VAL B 154 -10.82 -26.28 8.54
CA VAL B 154 -9.90 -27.10 9.33
C VAL B 154 -9.47 -26.25 10.52
N LEU B 155 -8.61 -26.80 11.38
CA LEU B 155 -8.32 -26.16 12.66
C LEU B 155 -6.89 -25.66 12.64
N LYS B 156 -6.69 -24.37 12.86
CA LYS B 156 -5.36 -23.80 12.97
C LYS B 156 -4.99 -23.63 14.43
N GLY B 157 -3.71 -23.85 14.73
CA GLY B 157 -3.16 -23.53 16.02
C GLY B 157 -1.93 -22.66 15.86
N ASP B 158 -1.94 -21.49 16.51
CA ASP B 158 -0.82 -20.56 16.48
C ASP B 158 -0.31 -20.34 17.90
N VAL B 159 1.00 -20.37 18.09
CA VAL B 159 1.50 -20.11 19.44
C VAL B 159 2.88 -19.48 19.36
N ILE B 160 3.10 -18.51 20.26
CA ILE B 160 4.39 -17.93 20.63
C ILE B 160 5.08 -18.85 21.63
N LYS B 161 6.20 -19.45 21.24
CA LYS B 161 6.90 -20.29 22.20
C LYS B 161 8.29 -19.72 22.44
N ALA B 162 8.91 -20.19 23.52
CA ALA B 162 10.23 -19.68 23.87
C ALA B 162 11.06 -20.77 24.53
N LEU B 163 12.29 -20.95 24.04
CA LEU B 163 13.25 -21.82 24.70
C LEU B 163 13.99 -21.00 25.76
N LEU B 164 14.10 -21.55 26.97
CA LEU B 164 15.00 -20.96 27.96
C LEU B 164 16.45 -21.27 27.53
N LEU B 165 17.36 -20.33 27.78
CA LEU B 165 18.74 -20.47 27.34
C LEU B 165 19.69 -20.64 28.53
N GLU B 166 20.76 -21.42 28.33
CA GLU B 166 21.83 -21.43 29.31
C GLU B 166 22.30 -20.00 29.55
N GLY B 167 22.46 -19.64 30.80
CA GLY B 167 22.94 -18.32 31.14
C GLY B 167 21.86 -17.27 31.22
N GLY B 168 20.62 -17.63 30.95
CA GLY B 168 19.53 -16.69 31.06
C GLY B 168 19.07 -16.19 29.70
N GLY B 169 17.83 -15.69 29.68
CA GLY B 169 17.24 -15.19 28.47
C GLY B 169 16.46 -16.27 27.75
N HIS B 170 15.80 -15.84 26.68
CA HIS B 170 14.90 -16.72 25.95
C HIS B 170 15.18 -16.58 24.47
N TYR B 171 14.74 -17.60 23.75
CA TYR B 171 14.98 -17.78 22.33
C TYR B 171 13.62 -18.13 21.77
N ARG B 172 13.07 -17.26 20.92
CA ARG B 172 11.66 -17.32 20.55
C ARG B 172 11.44 -18.09 19.27
N CYS B 173 10.27 -18.72 19.17
CA CYS B 173 9.87 -19.48 18.00
C CYS B 173 8.37 -19.34 17.83
N ASP B 174 7.95 -18.94 16.63
CA ASP B 174 6.53 -18.85 16.31
C ASP B 174 6.11 -20.13 15.61
N PHE B 175 5.09 -20.80 16.17
CA PHE B 175 4.52 -22.02 15.63
C PHE B 175 3.22 -21.67 14.90
N LYS B 176 3.06 -22.17 13.67
CA LYS B 176 1.80 -22.09 12.93
C LYS B 176 1.47 -23.48 12.44
N THR B 177 0.38 -24.06 12.96
CA THR B 177 0.03 -25.42 12.65
C THR B 177 -1.36 -25.45 12.00
N THR B 178 -1.57 -26.37 11.08
CA THR B 178 -2.90 -26.67 10.57
C THR B 178 -3.19 -28.14 10.89
N TYR B 179 -4.29 -28.38 11.59
CA TYR B 179 -4.74 -29.72 11.94
C TYR B 179 -5.91 -30.09 11.05
N LYS B 180 -5.85 -31.26 10.42
CA LYS B 180 -6.79 -31.65 9.38
C LYS B 180 -7.36 -33.03 9.69
N ALA B 181 -8.60 -33.07 10.16
CA ALA B 181 -9.27 -34.34 10.43
C ALA B 181 -9.50 -35.10 9.14
N LYS B 182 -9.45 -36.44 9.22
CA LYS B 182 -9.69 -37.28 8.05
C LYS B 182 -11.17 -37.54 7.82
N LYS B 183 -12.03 -37.03 8.69
CA LYS B 183 -13.47 -37.06 8.50
C LYS B 183 -14.04 -35.79 9.12
N ASP B 184 -15.24 -35.42 8.71
CA ASP B 184 -15.83 -34.19 9.21
C ASP B 184 -16.19 -34.33 10.69
N VAL B 185 -15.94 -33.27 11.44
CA VAL B 185 -16.21 -33.26 12.89
C VAL B 185 -16.91 -31.96 13.25
N ARG B 186 -17.47 -31.92 14.45
CA ARG B 186 -18.02 -30.68 14.95
C ARG B 186 -16.87 -29.70 15.23
N LEU B 187 -16.91 -28.54 14.58
CA LEU B 187 -15.81 -27.60 14.68
C LEU B 187 -15.94 -26.76 15.96
N PRO B 188 -14.82 -26.51 16.65
CA PRO B 188 -14.86 -25.66 17.85
C PRO B 188 -14.82 -24.17 17.50
N GLY B 189 -15.26 -23.36 18.44
CA GLY B 189 -15.00 -21.94 18.40
C GLY B 189 -13.55 -21.66 18.80
N TYR B 190 -13.20 -20.38 18.71
CA TYR B 190 -11.87 -19.92 19.08
C TYR B 190 -11.59 -20.31 20.53
N HIS B 191 -10.45 -20.94 20.79
CA HIS B 191 -10.17 -21.30 22.19
C HIS B 191 -8.67 -21.43 22.39
N PHE B 192 -8.28 -21.89 23.57
CA PHE B 192 -6.89 -21.95 24.00
C PHE B 192 -6.54 -23.34 24.51
N VAL B 193 -5.32 -23.78 24.24
CA VAL B 193 -4.80 -25.01 24.80
C VAL B 193 -3.52 -24.66 25.53
N ASP B 194 -3.55 -24.70 26.85
CA ASP B 194 -2.32 -24.56 27.63
C ASP B 194 -1.51 -25.83 27.51
N HIS B 195 -0.20 -25.69 27.32
CA HIS B 195 0.70 -26.81 27.23
C HIS B 195 1.82 -26.63 28.25
N ARG B 196 2.37 -27.74 28.71
CA ARG B 196 3.66 -27.74 29.40
C ARG B 196 4.39 -29.01 28.99
N ILE B 197 5.47 -28.87 28.25
CA ILE B 197 6.23 -30.01 27.76
C ILE B 197 7.56 -30.04 28.49
N GLU B 198 7.97 -31.22 28.95
CA GLU B 198 9.14 -31.33 29.80
C GLU B 198 9.92 -32.60 29.46
N ILE B 199 11.24 -32.48 29.49
CA ILE B 199 12.14 -33.62 29.40
C ILE B 199 12.30 -34.16 30.83
N LEU B 200 11.93 -35.42 31.04
CA LEU B 200 12.12 -36.03 32.35
C LEU B 200 13.50 -36.64 32.53
N LYS B 201 14.11 -37.10 31.43
CA LYS B 201 15.29 -37.92 31.52
C LYS B 201 15.91 -38.06 30.15
N HIS B 202 17.23 -38.04 30.08
CA HIS B 202 17.92 -38.26 28.82
C HIS B 202 19.29 -38.86 29.12
N ASP B 203 19.86 -39.55 28.14
CA ASP B 203 21.24 -39.96 28.25
C ASP B 203 22.16 -38.85 27.73
N LYS B 204 23.46 -39.12 27.69
CA LYS B 204 24.46 -38.08 27.49
C LYS B 204 24.24 -37.33 26.19
N ASP B 205 24.02 -38.07 25.10
CA ASP B 205 23.96 -37.45 23.79
C ASP B 205 22.52 -37.26 23.32
N TYR B 206 21.56 -37.43 24.23
CA TYR B 206 20.14 -37.36 23.88
C TYR B 206 19.77 -38.39 22.83
N ASN B 207 20.51 -39.50 22.76
CA ASN B 207 20.03 -40.60 21.92
C ASN B 207 18.79 -41.23 22.52
N LYS B 208 18.63 -41.17 23.84
CA LYS B 208 17.41 -41.62 24.48
C LYS B 208 16.86 -40.51 25.36
N VAL B 209 15.56 -40.24 25.21
CA VAL B 209 14.89 -39.15 25.90
C VAL B 209 13.53 -39.64 26.37
N LYS B 210 13.19 -39.32 27.61
CA LYS B 210 11.83 -39.47 28.13
C LYS B 210 11.23 -38.09 28.30
N GLN B 211 10.05 -37.87 27.74
CA GLN B 211 9.42 -36.57 27.82
C GLN B 211 7.95 -36.73 28.15
N TYR B 212 7.36 -35.64 28.62
CA TYR B 212 6.05 -35.65 29.23
C TYR B 212 5.34 -34.39 28.78
N GLU B 213 4.04 -34.48 28.51
CA GLU B 213 3.33 -33.25 28.23
C GLU B 213 1.99 -33.26 28.97
N ASN B 214 1.58 -32.06 29.37
CA ASN B 214 0.28 -31.80 29.97
C ASN B 214 -0.37 -30.72 29.13
N ALA B 215 -1.58 -30.98 28.65
CA ALA B 215 -2.28 -30.07 27.74
C ALA B 215 -3.75 -29.99 28.12
N VAL B 216 -4.28 -28.78 28.27
CA VAL B 216 -5.65 -28.58 28.72
C VAL B 216 -6.29 -27.46 27.89
N ALA B 217 -7.45 -27.75 27.30
CA ALA B 217 -8.17 -26.75 26.51
C ALA B 217 -9.13 -25.93 27.40
N ARG B 218 -9.30 -24.66 27.04
CA ARG B 218 -10.18 -23.77 27.78
C ARG B 218 -10.57 -22.58 26.93
N TYR B 219 -11.58 -21.85 27.41
CA TYR B 219 -11.77 -20.49 26.92
C TYR B 219 -10.93 -19.54 27.77
N SER B 220 -11.12 -18.23 27.56
CA SER B 220 -10.40 -17.25 28.35
C SER B 220 -10.79 -17.34 29.83
N MET B 221 -9.82 -17.01 30.67
CA MET B 221 -10.00 -16.93 32.12
C MET B 221 -10.91 -15.80 32.52
N LEU B 222 -10.93 -14.78 31.75
CA LEU B 222 -11.49 -13.48 32.06
C LEU B 222 -12.92 -13.40 31.55
N PRO B 223 -13.85 -12.95 32.38
CA PRO B 223 -15.25 -12.87 31.94
C PRO B 223 -15.45 -11.70 30.99
N SER B 224 -16.49 -11.82 30.17
CA SER B 224 -16.91 -10.72 29.30
C SER B 224 -17.71 -9.69 30.09
N GLN B 225 -17.40 -8.41 29.86
CA GLN B 225 -18.20 -7.30 30.39
C GLN B 225 -19.28 -6.84 29.41
N ALA B 226 -19.08 -7.07 28.12
CA ALA B 226 -20.03 -6.66 27.09
C ALA B 226 -21.05 -7.76 26.82
N SER C 6 3.95 4.80 47.57
CA SER C 6 3.36 4.44 46.28
C SER C 6 2.61 5.63 45.71
N VAL C 7 2.90 5.95 44.45
CA VAL C 7 2.28 7.09 43.76
C VAL C 7 1.11 6.64 42.90
N ILE C 8 0.70 5.38 42.98
CA ILE C 8 -0.45 4.89 42.23
C ILE C 8 -1.52 4.50 43.24
N LYS C 9 -2.62 5.26 43.22
CA LYS C 9 -3.80 5.04 44.03
C LYS C 9 -4.58 3.82 43.54
N GLU C 10 -5.52 3.35 44.37
CA GLU C 10 -6.34 2.24 43.90
C GLU C 10 -7.34 2.65 42.83
N GLU C 11 -7.51 3.95 42.58
CA GLU C 11 -8.29 4.41 41.44
C GLU C 11 -7.55 5.55 40.77
N MET C 12 -7.30 5.43 39.47
CA MET C 12 -6.51 6.41 38.76
C MET C 12 -7.23 6.84 37.49
N LYS C 13 -6.99 8.09 37.12
CA LYS C 13 -7.53 8.64 35.89
C LYS C 13 -6.52 8.45 34.78
N ILE C 14 -6.99 8.58 33.53
CA ILE C 14 -6.11 8.49 32.37
C ILE C 14 -6.47 9.61 31.39
N LYS C 15 -5.46 10.22 30.80
CA LYS C 15 -5.60 11.15 29.69
C LYS C 15 -4.72 10.65 28.55
N LEU C 16 -5.26 10.70 27.33
CA LEU C 16 -4.56 10.10 26.20
C LEU C 16 -4.68 10.98 24.98
N ARG C 17 -3.60 11.06 24.20
CA ARG C 17 -3.67 11.59 22.86
C ARG C 17 -2.95 10.65 21.91
N MET C 18 -3.60 10.31 20.81
CA MET C 18 -2.99 9.54 19.75
C MET C 18 -3.04 10.34 18.46
N GLU C 19 -1.92 10.37 17.75
CA GLU C 19 -1.89 10.91 16.41
C GLU C 19 -1.30 9.86 15.48
N GLY C 20 -1.82 9.81 14.26
CA GLY C 20 -1.30 8.74 13.41
C GLY C 20 -1.72 8.88 11.98
N THR C 21 -1.31 7.91 11.20
CA THR C 21 -1.59 7.84 9.77
C THR C 21 -1.82 6.38 9.44
N VAL C 22 -2.94 6.08 8.80
CA VAL C 22 -3.21 4.72 8.34
C VAL C 22 -3.59 4.81 6.87
N ASN C 23 -2.88 4.07 6.01
CA ASN C 23 -3.22 4.07 4.59
C ASN C 23 -3.11 5.49 4.02
N GLY C 24 -2.20 6.29 4.58
CA GLY C 24 -2.06 7.67 4.15
C GLY C 24 -3.04 8.65 4.77
N HIS C 25 -3.90 8.21 5.67
CA HIS C 25 -4.95 9.06 6.22
C HIS C 25 -4.54 9.51 7.62
N ASN C 26 -4.41 10.82 7.82
CA ASN C 26 -4.05 11.34 9.14
C ASN C 26 -5.26 11.43 10.06
N PHE C 27 -5.04 11.19 11.35
CA PHE C 27 -6.13 11.32 12.33
C PHE C 27 -5.56 11.64 13.71
N VAL C 28 -6.43 12.15 14.57
CA VAL C 28 -6.10 12.41 15.97
C VAL C 28 -7.23 11.87 16.84
N ILE C 29 -6.89 11.21 17.93
CA ILE C 29 -7.86 10.74 18.91
C ILE C 29 -7.46 11.24 20.28
N GLU C 30 -8.41 11.77 21.05
CA GLU C 30 -8.16 12.10 22.43
C GLU C 30 -8.96 11.16 23.32
N GLY C 31 -8.45 10.89 24.52
CA GLY C 31 -9.09 9.94 25.40
C GLY C 31 -9.06 10.40 26.84
N GLU C 32 -10.11 10.03 27.57
CA GLU C 32 -10.17 10.13 29.02
C GLU C 32 -10.68 8.82 29.59
N GLY C 33 -10.10 8.40 30.71
CA GLY C 33 -10.49 7.14 31.30
C GLY C 33 -10.24 7.12 32.79
N LYS C 34 -10.66 6.00 33.40
CA LYS C 34 -10.48 5.68 34.81
C LYS C 34 -10.33 4.18 34.96
N GLY C 35 -9.66 3.79 36.04
CA GLY C 35 -9.44 2.38 36.27
C GLY C 35 -8.92 2.10 37.65
N ASN C 36 -8.76 0.82 37.93
CA ASN C 36 -8.32 0.31 39.22
C ASN C 36 -7.03 -0.45 38.95
N PRO C 37 -5.88 0.21 39.08
CA PRO C 37 -4.62 -0.41 38.62
C PRO C 37 -4.31 -1.74 39.26
N TYR C 38 -4.65 -1.92 40.53
CA TYR C 38 -4.38 -3.18 41.22
C TYR C 38 -5.44 -4.24 40.96
N GLU C 39 -6.58 -3.87 40.40
CA GLU C 39 -7.62 -4.81 39.99
C GLU C 39 -7.46 -5.25 38.54
N GLY C 40 -6.63 -4.58 37.75
CA GLY C 40 -6.48 -4.97 36.35
C GLY C 40 -7.56 -4.49 35.40
N THR C 41 -8.34 -3.47 35.78
CA THR C 41 -9.51 -3.09 35.01
C THR C 41 -9.53 -1.58 34.75
N GLN C 42 -10.06 -1.21 33.59
CA GLN C 42 -10.08 0.20 33.22
C GLN C 42 -11.11 0.41 32.11
N THR C 43 -11.58 1.65 32.03
CA THR C 43 -12.55 2.07 31.02
C THR C 43 -12.07 3.37 30.45
N MET C 44 -12.17 3.54 29.13
CA MET C 44 -11.76 4.83 28.58
C MET C 44 -12.66 5.23 27.41
N ASP C 45 -12.83 6.54 27.30
CA ASP C 45 -13.71 7.19 26.34
C ASP C 45 -12.85 7.92 25.33
N LEU C 46 -13.00 7.55 24.07
CA LEU C 46 -12.15 7.96 22.97
C LEU C 46 -12.97 8.81 22.01
N LYS C 47 -12.41 9.92 21.59
CA LYS C 47 -13.08 10.79 20.63
C LYS C 47 -12.13 11.00 19.45
N VAL C 48 -12.66 10.85 18.24
CA VAL C 48 -11.89 11.17 17.04
C VAL C 48 -11.99 12.68 16.85
N THR C 49 -10.88 13.38 17.06
CA THR C 49 -10.89 14.84 16.98
C THR C 49 -10.40 15.39 15.63
N GLU C 50 -9.59 14.64 14.89
CA GLU C 50 -9.21 15.03 13.54
C GLU C 50 -9.20 13.80 12.64
N GLY C 51 -9.56 14.02 11.39
CA GLY C 51 -9.57 12.93 10.43
C GLY C 51 -10.75 11.99 10.53
N GLY C 52 -11.80 12.35 11.26
CA GLY C 52 -12.97 11.49 11.33
C GLY C 52 -13.94 11.80 10.20
N PRO C 53 -14.79 10.82 9.85
CA PRO C 53 -14.81 9.44 10.35
C PRO C 53 -13.61 8.65 9.82
N LEU C 54 -13.10 7.78 10.67
CA LEU C 54 -11.94 6.98 10.29
C LEU C 54 -12.34 6.09 9.11
N PRO C 55 -11.53 6.04 8.05
CA PRO C 55 -11.84 5.15 6.93
C PRO C 55 -11.37 3.71 7.10
N PHE C 56 -10.91 3.34 8.29
CA PHE C 56 -10.39 2.00 8.57
C PHE C 56 -11.03 1.53 9.88
N ALA C 57 -10.94 0.22 10.13
CA ALA C 57 -11.53 -0.38 11.33
C ALA C 57 -10.91 0.19 12.61
N TYR C 58 -11.77 0.76 13.47
CA TYR C 58 -11.32 1.27 14.75
C TYR C 58 -10.58 0.20 15.56
N ASP C 59 -10.93 -1.08 15.36
CA ASP C 59 -10.33 -2.16 16.15
C ASP C 59 -8.79 -2.15 16.12
N ILE C 60 -8.17 -1.74 15.01
CA ILE C 60 -6.71 -1.80 14.98
C ILE C 60 -6.10 -0.83 15.99
N LEU C 61 -6.91 0.11 16.51
CA LEU C 61 -6.42 1.08 17.47
C LEU C 61 -6.68 0.71 18.92
N SER C 62 -7.73 -0.06 19.19
CA SER C 62 -8.10 -0.26 20.60
C SER C 62 -6.98 -0.83 21.48
N PRO C 63 -6.13 -1.77 21.03
CA PRO C 63 -5.06 -2.26 21.93
C PRO C 63 -3.92 -1.28 22.11
N GLN C 64 -3.95 -0.11 21.49
CA GLN C 64 -2.93 0.91 21.73
C GLN C 64 -3.32 1.86 22.85
N PHE C 65 -4.57 1.79 23.30
CA PHE C 65 -5.04 2.75 24.26
C PHE C 65 -4.77 2.28 25.69
N1 NRQ C 66 -4.16 1.10 25.86
CE NRQ C 66 -9.10 1.04 28.44
SD NRQ C 66 -8.56 -0.30 27.39
CG1 NRQ C 66 -6.77 0.01 27.33
CB1 NRQ C 66 -6.15 -0.37 25.97
CA1 NRQ C 66 -4.67 -0.09 25.86
C1 NRQ C 66 -3.72 -1.21 25.75
N2 NRQ C 66 -4.10 -2.57 25.63
OH NRQ C 66 -5.86 -8.98 23.56
CD2 NRQ C 66 -2.96 -6.93 24.50
CE2 NRQ C 66 -3.71 -8.02 24.08
CZ NRQ C 66 -5.09 -7.90 23.97
CE1 NRQ C 66 -5.71 -6.69 24.28
CD1 NRQ C 66 -4.95 -5.62 24.69
CG2 NRQ C 66 -3.56 -5.71 24.82
CB2 NRQ C 66 -2.71 -4.61 25.22
CA2 NRQ C 66 -2.92 -3.30 25.46
C2 NRQ C 66 -1.79 -2.38 25.62
O2 NRQ C 66 -0.59 -2.61 25.57
N3 NRQ C 66 -2.34 -1.12 25.71
CA3 NRQ C 66 -1.54 0.10 25.72
C3 NRQ C 66 -1.39 0.72 27.10
O3 NRQ C 66 -0.58 1.66 27.23
N SER C 67 -2.13 0.22 28.07
CA SER C 67 -2.34 0.89 29.35
C SER C 67 -1.81 0.00 30.46
N LYS C 68 -0.49 -0.14 30.50
CA LYS C 68 0.14 -1.28 31.16
C LYS C 68 0.15 -1.20 32.68
N ALA C 69 -0.10 -0.02 33.26
CA ALA C 69 -0.14 0.07 34.71
C ALA C 69 -1.39 -0.59 35.29
N PHE C 70 -2.37 -0.94 34.45
CA PHE C 70 -3.63 -1.50 34.92
C PHE C 70 -3.68 -3.00 34.71
N ILE C 71 -2.58 -3.69 34.97
CA ILE C 71 -2.56 -5.15 35.04
C ILE C 71 -2.56 -5.57 36.51
N LYS C 72 -3.42 -6.53 36.84
CA LYS C 72 -3.38 -7.13 38.17
C LYS C 72 -2.18 -8.06 38.24
N TYR C 73 -1.13 -7.65 38.97
CA TYR C 73 0.04 -8.48 39.16
C TYR C 73 -0.03 -9.19 40.50
N PRO C 74 0.11 -10.50 40.54
CA PRO C 74 0.24 -11.19 41.82
C PRO C 74 1.53 -10.79 42.52
N ALA C 75 1.53 -11.01 43.83
CA ALA C 75 2.66 -10.57 44.64
C ALA C 75 3.95 -11.27 44.25
N ASP C 76 3.86 -12.48 43.71
CA ASP C 76 5.07 -13.24 43.38
C ASP C 76 5.55 -12.99 41.95
N ILE C 77 5.04 -11.96 41.26
CA ILE C 77 5.60 -11.58 39.95
C ILE C 77 5.88 -10.09 39.97
N PRO C 78 7.14 -9.66 39.86
CA PRO C 78 7.43 -8.23 39.87
C PRO C 78 6.65 -7.50 38.77
N ASP C 79 6.10 -6.35 39.15
CA ASP C 79 5.25 -5.52 38.30
C ASP C 79 6.16 -4.50 37.62
N TYR C 80 6.58 -4.81 36.40
CA TYR C 80 7.54 -3.96 35.71
C TYR C 80 6.98 -2.55 35.54
N PHE C 81 5.67 -2.44 35.30
CA PHE C 81 5.07 -1.17 34.96
C PHE C 81 4.87 -0.31 36.19
N LYS C 82 4.25 -0.86 37.24
CA LYS C 82 3.99 -0.07 38.43
C LYS C 82 5.29 0.34 39.10
N GLN C 83 6.31 -0.52 39.09
CA GLN C 83 7.59 -0.16 39.71
C GLN C 83 8.21 1.05 39.04
N SER C 84 7.95 1.26 37.75
CA SER C 84 8.63 2.28 36.98
C SER C 84 8.27 3.70 37.39
N PHE C 85 7.22 3.89 38.13
CA PHE C 85 6.77 5.23 38.47
C PHE C 85 7.49 5.73 39.71
N PRO C 86 7.57 7.06 39.88
CA PRO C 86 6.92 8.11 39.07
C PRO C 86 7.55 8.34 37.67
N GLU C 87 8.74 7.81 37.41
CA GLU C 87 9.46 8.16 36.18
C GLU C 87 8.68 7.72 34.94
N GLY C 88 8.06 6.54 34.99
CA GLY C 88 7.25 6.06 33.88
C GLY C 88 8.00 5.11 32.96
N PHE C 89 7.45 4.90 31.78
CA PHE C 89 8.05 4.00 30.80
C PHE C 89 7.57 4.41 29.41
N HIS C 90 8.22 3.88 28.35
CA HIS C 90 7.55 4.03 27.06
C HIS C 90 7.53 2.64 26.43
N TRP C 91 6.72 2.47 25.38
CA TRP C 91 6.75 1.20 24.68
C TRP C 91 6.75 1.42 23.17
N GLU C 92 7.19 0.37 22.46
CA GLU C 92 7.37 0.33 21.02
C GLU C 92 6.72 -0.94 20.52
N ARG C 93 6.08 -0.90 19.37
CA ARG C 93 5.25 -2.03 19.01
C ARG C 93 5.18 -2.18 17.51
N VAL C 94 5.25 -3.43 17.04
CA VAL C 94 4.95 -3.74 15.65
C VAL C 94 3.83 -4.77 15.65
N MET C 95 2.90 -4.59 14.72
CA MET C 95 1.66 -5.33 14.60
C MET C 95 1.60 -5.81 13.16
N THR C 96 1.79 -7.10 12.94
CA THR C 96 1.91 -7.64 11.58
C THR C 96 0.63 -8.41 11.29
N TYR C 97 -0.20 -7.87 10.41
CA TYR C 97 -1.47 -8.50 10.04
C TYR C 97 -1.22 -9.51 8.94
N GLU C 98 -2.07 -10.55 8.89
CA GLU C 98 -1.73 -11.67 8.02
C GLU C 98 -1.87 -11.35 6.53
N ASP C 99 -2.49 -10.24 6.16
CA ASP C 99 -2.63 -9.91 4.74
C ASP C 99 -1.67 -8.82 4.32
N GLY C 100 -0.63 -8.56 5.11
CA GLY C 100 0.42 -7.64 4.76
C GLY C 100 0.28 -6.25 5.35
N GLY C 101 -0.88 -5.90 5.92
CA GLY C 101 -0.94 -4.67 6.69
C GLY C 101 -0.01 -4.73 7.88
N VAL C 102 0.76 -3.65 8.09
CA VAL C 102 1.67 -3.57 9.23
C VAL C 102 1.47 -2.22 9.90
N CYS C 103 1.42 -2.22 11.23
CA CYS C 103 1.32 -1.01 12.02
C CYS C 103 2.49 -0.94 12.99
N THR C 104 2.99 0.26 13.21
CA THR C 104 3.92 0.49 14.30
C THR C 104 3.26 1.45 15.28
N ALA C 105 3.68 1.39 16.54
CA ALA C 105 3.20 2.40 17.47
C ALA C 105 4.28 2.63 18.50
N THR C 106 4.40 3.88 18.91
CA THR C 106 5.29 4.27 20.02
C THR C 106 4.45 5.09 21.01
N GLN C 107 4.60 4.77 22.29
CA GLN C 107 3.76 5.28 23.37
C GLN C 107 4.64 5.73 24.52
N ASN C 108 4.34 6.89 25.08
CA ASN C 108 5.00 7.36 26.28
C ASN C 108 3.96 7.38 27.40
N THR C 109 4.33 6.85 28.56
CA THR C 109 3.44 6.85 29.72
C THR C 109 4.11 7.68 30.81
N SER C 110 3.43 8.73 31.23
CA SER C 110 3.89 9.53 32.35
C SER C 110 2.75 9.63 33.37
N LEU C 111 3.07 10.19 34.53
CA LEU C 111 2.14 10.23 35.65
C LEU C 111 2.26 11.57 36.35
N ARG C 112 1.11 12.21 36.59
N ARG C 112 1.12 12.22 36.59
CA ARG C 112 1.06 13.44 37.37
CA ARG C 112 1.10 13.43 37.40
C ARG C 112 -0.16 13.39 38.27
C ARG C 112 -0.14 13.40 38.27
N GLY C 113 0.06 13.49 39.58
CA GLY C 113 -1.06 13.38 40.51
C GLY C 113 -1.75 12.04 40.38
N ASP C 114 -3.08 12.05 40.27
CA ASP C 114 -3.87 10.83 40.12
C ASP C 114 -4.14 10.48 38.66
N CYS C 115 -3.33 10.96 37.72
CA CYS C 115 -3.66 10.81 36.32
C CYS C 115 -2.43 10.34 35.54
N PHE C 116 -2.58 9.22 34.83
CA PHE C 116 -1.61 8.80 33.82
C PHE C 116 -1.86 9.58 32.54
N PHE C 117 -0.78 9.96 31.86
CA PHE C 117 -0.84 10.62 30.56
C PHE C 117 -0.21 9.70 29.52
N TYR C 118 -0.97 9.41 28.47
CA TYR C 118 -0.54 8.53 27.40
C TYR C 118 -0.43 9.37 26.13
N ASP C 119 0.71 9.31 25.46
CA ASP C 119 0.88 9.94 24.16
C ASP C 119 1.30 8.86 23.18
N VAL C 120 0.52 8.67 22.12
CA VAL C 120 0.68 7.52 21.25
C VAL C 120 0.88 8.01 19.84
N ARG C 121 1.89 7.46 19.15
CA ARG C 121 2.04 7.63 17.71
C ARG C 121 1.74 6.30 17.04
N PHE C 122 0.95 6.32 15.98
CA PHE C 122 0.45 5.08 15.38
C PHE C 122 0.54 5.20 13.87
N ASP C 123 1.05 4.19 13.19
CA ASP C 123 1.16 4.29 11.74
C ASP C 123 0.85 2.94 11.11
N GLY C 124 -0.03 2.93 10.13
CA GLY C 124 -0.39 1.71 9.43
C GLY C 124 -0.18 1.86 7.94
N VAL C 125 0.41 0.84 7.32
CA VAL C 125 0.75 0.87 5.89
C VAL C 125 0.41 -0.48 5.26
N ASN C 126 0.26 -0.46 3.94
CA ASN C 126 0.09 -1.67 3.12
C ASN C 126 -1.16 -2.48 3.45
N PHE C 127 -2.19 -1.90 4.01
CA PHE C 127 -3.44 -2.65 4.16
C PHE C 127 -4.10 -2.80 2.80
N PRO C 128 -4.49 -4.00 2.38
CA PRO C 128 -5.18 -4.16 1.08
C PRO C 128 -6.48 -3.39 1.07
N PRO C 129 -6.84 -2.79 -0.07
CA PRO C 129 -8.02 -1.91 -0.09
C PRO C 129 -9.32 -2.64 0.15
N ASN C 130 -9.40 -3.91 -0.22
CA ASN C 130 -10.61 -4.70 0.03
C ASN C 130 -10.47 -5.62 1.22
N GLY C 131 -9.43 -5.44 2.02
CA GLY C 131 -9.27 -6.21 3.22
C GLY C 131 -10.18 -5.73 4.33
N PRO C 132 -10.20 -6.52 5.41
CA PRO C 132 -11.18 -6.27 6.49
C PRO C 132 -10.93 -4.97 7.24
N VAL C 133 -9.70 -4.48 7.25
CA VAL C 133 -9.40 -3.23 7.94
C VAL C 133 -9.93 -2.03 7.16
N MET C 134 -9.62 -1.97 5.86
CA MET C 134 -10.06 -0.86 5.03
C MET C 134 -11.55 -0.96 4.71
N GLN C 135 -12.11 -2.17 4.74
CA GLN C 135 -13.54 -2.34 4.51
C GLN C 135 -14.34 -2.39 5.80
N LYS C 136 -13.69 -2.24 6.96
CA LYS C 136 -14.35 -2.17 8.27
C LYS C 136 -15.22 -3.41 8.52
N LYS C 137 -14.64 -4.58 8.29
CA LYS C 137 -15.35 -5.82 8.45
C LYS C 137 -15.05 -6.50 9.77
N THR C 138 -14.43 -5.80 10.73
CA THR C 138 -13.98 -6.44 11.95
C THR C 138 -14.99 -6.24 13.07
N LEU C 139 -15.01 -7.20 13.99
CA LEU C 139 -16.01 -7.29 15.04
C LEU C 139 -15.35 -7.52 16.40
N GLY C 140 -14.26 -6.80 16.66
CA GLY C 140 -13.60 -6.89 17.94
C GLY C 140 -12.57 -8.01 18.00
N TRP C 141 -11.69 -7.91 19.00
CA TRP C 141 -10.63 -8.88 19.26
C TRP C 141 -11.10 -10.05 20.09
N GLU C 142 -10.51 -11.21 19.85
CA GLU C 142 -10.62 -12.31 20.81
C GLU C 142 -9.81 -11.95 22.06
N PRO C 143 -10.13 -12.53 23.21
CA PRO C 143 -9.22 -12.41 24.35
C PRO C 143 -7.91 -13.07 23.99
N SER C 144 -6.85 -12.69 24.71
CA SER C 144 -5.54 -13.18 24.31
C SER C 144 -4.68 -13.34 25.55
N THR C 145 -3.49 -13.90 25.35
CA THR C 145 -2.51 -14.05 26.42
C THR C 145 -1.17 -13.54 25.89
N GLU C 146 -0.74 -12.38 26.39
CA GLU C 146 0.59 -11.86 26.09
C GLU C 146 1.66 -12.63 26.86
N LYS C 147 2.76 -12.98 26.16
CA LYS C 147 3.91 -13.65 26.77
C LYS C 147 4.98 -12.60 27.05
N MET C 148 5.43 -12.54 28.31
CA MET C 148 6.22 -11.44 28.82
C MET C 148 7.59 -12.01 29.21
N TYR C 149 8.67 -11.42 28.71
CA TYR C 149 9.99 -11.94 28.98
C TYR C 149 11.01 -10.83 28.84
N VAL C 150 12.10 -10.93 29.61
CA VAL C 150 13.14 -9.93 29.62
C VAL C 150 14.10 -10.19 28.47
N ARG C 151 14.52 -9.12 27.82
CA ARG C 151 15.55 -9.20 26.79
C ARG C 151 16.34 -7.90 26.89
N ASP C 152 17.65 -7.99 27.05
CA ASP C 152 18.52 -6.81 27.13
C ASP C 152 18.06 -5.85 28.21
N GLY C 153 17.66 -6.40 29.35
CA GLY C 153 17.33 -5.57 30.48
C GLY C 153 16.03 -4.81 30.40
N VAL C 154 15.23 -5.01 29.35
CA VAL C 154 13.90 -4.40 29.27
C VAL C 154 12.89 -5.53 29.10
N LEU C 155 11.61 -5.22 29.03
CA LEU C 155 10.56 -6.23 28.99
C LEU C 155 9.92 -6.30 27.61
N LYS C 156 9.91 -7.49 27.03
CA LYS C 156 9.19 -7.73 25.79
C LYS C 156 7.89 -8.46 26.07
N GLY C 157 6.89 -8.19 25.21
CA GLY C 157 5.64 -8.91 25.24
C GLY C 157 5.24 -9.27 23.83
N ASP C 158 5.00 -10.55 23.58
CA ASP C 158 4.58 -11.03 22.26
C ASP C 158 3.23 -11.72 22.41
N VAL C 159 2.36 -11.55 21.42
CA VAL C 159 1.04 -12.14 21.53
C VAL C 159 0.44 -12.34 20.15
N ILE C 160 -0.16 -13.51 19.97
CA ILE C 160 -1.02 -13.88 18.84
C ILE C 160 -2.40 -13.28 19.07
N LYS C 161 -2.85 -12.42 18.18
CA LYS C 161 -4.18 -11.84 18.38
C LYS C 161 -5.01 -12.12 17.14
N ALA C 162 -6.33 -12.02 17.31
CA ALA C 162 -7.25 -12.31 16.20
C ALA C 162 -8.48 -11.45 16.31
N LEU C 163 -8.87 -10.86 15.20
CA LEU C 163 -10.12 -10.12 15.08
C LEU C 163 -11.19 -11.04 14.51
N LEU C 164 -12.38 -11.00 15.10
CA LEU C 164 -13.55 -11.63 14.48
C LEU C 164 -13.97 -10.86 13.24
N LEU C 165 -14.42 -11.59 12.22
CA LEU C 165 -14.80 -11.03 10.92
C LEU C 165 -16.31 -11.13 10.69
N GLU C 166 -16.85 -10.08 10.07
CA GLU C 166 -18.27 -10.03 9.71
C GLU C 166 -18.69 -11.20 8.82
N GLY C 167 -17.83 -11.60 7.89
CA GLY C 167 -18.12 -12.67 6.94
C GLY C 167 -17.90 -14.06 7.45
N GLY C 168 -17.40 -14.19 8.67
CA GLY C 168 -17.02 -15.45 9.27
C GLY C 168 -15.51 -15.56 9.40
N GLY C 169 -15.08 -16.43 10.33
CA GLY C 169 -13.67 -16.65 10.56
C GLY C 169 -13.00 -15.53 11.33
N HIS C 170 -11.66 -15.59 11.32
CA HIS C 170 -10.81 -14.68 12.06
C HIS C 170 -9.75 -14.08 11.16
N TYR C 171 -9.20 -12.94 11.62
CA TYR C 171 -8.17 -12.19 10.92
C TYR C 171 -7.04 -12.00 11.91
N ARG C 172 -5.86 -12.47 11.57
CA ARG C 172 -4.80 -12.66 12.55
C ARG C 172 -3.78 -11.54 12.51
N CYS C 173 -3.29 -11.19 13.69
CA CYS C 173 -2.30 -10.15 13.87
C CYS C 173 -1.31 -10.60 14.93
N ASP C 174 -0.03 -10.48 14.63
CA ASP C 174 1.04 -10.75 15.60
C ASP C 174 1.56 -9.44 16.19
N PHE C 175 1.56 -9.36 17.52
CA PHE C 175 2.06 -8.20 18.24
C PHE C 175 3.43 -8.53 18.85
N LYS C 176 4.40 -7.63 18.64
CA LYS C 176 5.70 -7.70 19.32
C LYS C 176 5.97 -6.33 19.91
N THR C 177 6.02 -6.25 21.23
CA THR C 177 6.16 -4.99 21.93
C THR C 177 7.41 -5.03 22.80
N THR C 178 8.07 -3.87 22.93
CA THR C 178 9.15 -3.68 23.89
C THR C 178 8.71 -2.60 24.87
N TYR C 179 8.70 -2.93 26.15
CA TYR C 179 8.38 -2.00 27.22
C TYR C 179 9.69 -1.56 27.88
N LYS C 180 9.88 -0.26 28.08
CA LYS C 180 11.16 0.28 28.53
C LYS C 180 10.93 1.26 29.69
N ALA C 181 11.22 0.79 30.91
CA ALA C 181 11.09 1.63 32.08
C ALA C 181 12.16 2.72 32.07
N LYS C 182 11.82 3.86 32.66
CA LYS C 182 12.71 5.01 32.70
C LYS C 182 13.57 5.02 33.97
N LYS C 183 13.58 3.92 34.71
CA LYS C 183 14.51 3.71 35.80
C LYS C 183 14.65 2.21 35.99
N ASP C 184 15.67 1.83 36.76
CA ASP C 184 15.89 0.41 37.06
C ASP C 184 14.76 -0.10 37.94
N VAL C 185 14.22 -1.27 37.60
CA VAL C 185 13.20 -1.93 38.39
C VAL C 185 13.60 -3.39 38.59
N ARG C 186 12.97 -4.06 39.56
CA ARG C 186 13.05 -5.51 39.72
C ARG C 186 12.48 -6.19 38.48
N LEU C 187 13.31 -6.95 37.71
CA LEU C 187 12.82 -7.54 36.47
C LEU C 187 12.04 -8.82 36.76
N PRO C 188 10.95 -9.07 36.04
CA PRO C 188 10.19 -10.30 36.25
C PRO C 188 10.77 -11.46 35.45
N GLY C 189 10.42 -12.67 35.87
CA GLY C 189 10.68 -13.84 35.06
C GLY C 189 9.63 -13.96 33.96
N TYR C 190 9.80 -14.98 33.12
CA TYR C 190 8.86 -15.23 32.03
C TYR C 190 7.46 -15.45 32.58
N HIS C 191 6.48 -14.78 31.99
CA HIS C 191 5.13 -14.90 32.54
C HIS C 191 4.11 -14.49 31.49
N PHE C 192 2.85 -14.55 31.88
CA PHE C 192 1.73 -14.36 30.99
C PHE C 192 0.84 -13.27 31.53
N VAL C 193 0.24 -12.49 30.62
CA VAL C 193 -0.81 -11.54 30.96
C VAL C 193 -2.02 -11.89 30.11
N ASP C 194 -3.09 -12.34 30.75
CA ASP C 194 -4.34 -12.53 30.02
C ASP C 194 -5.01 -11.18 29.83
N HIS C 195 -5.54 -10.96 28.62
CA HIS C 195 -6.22 -9.72 28.26
C HIS C 195 -7.61 -10.03 27.76
N ARG C 196 -8.54 -9.09 27.99
CA ARG C 196 -9.79 -9.06 27.23
C ARG C 196 -10.18 -7.61 27.00
N ILE C 197 -10.08 -7.16 25.75
CA ILE C 197 -10.42 -5.79 25.39
C ILE C 197 -11.80 -5.80 24.77
N GLU C 198 -12.67 -4.91 25.23
CA GLU C 198 -14.06 -4.92 24.80
C GLU C 198 -14.52 -3.50 24.48
N ILE C 199 -15.23 -3.36 23.37
CA ILE C 199 -15.95 -2.13 23.10
C ILE C 199 -17.28 -2.18 23.84
N LEU C 200 -17.47 -1.25 24.76
CA LEU C 200 -18.74 -1.22 25.47
C LEU C 200 -19.80 -0.46 24.70
N LYS C 201 -19.41 0.63 24.05
CA LYS C 201 -20.36 1.51 23.38
C LYS C 201 -19.62 2.21 22.25
N HIS C 202 -20.29 2.40 21.12
CA HIS C 202 -19.73 3.20 20.04
C HIS C 202 -20.86 3.82 19.24
N ASP C 203 -20.61 5.03 18.74
CA ASP C 203 -21.54 5.56 17.74
C ASP C 203 -21.29 4.90 16.39
N LYS C 204 -22.15 5.20 15.41
CA LYS C 204 -22.16 4.41 14.16
C LYS C 204 -20.81 4.47 13.45
N ASP C 205 -20.15 5.63 13.44
CA ASP C 205 -18.89 5.79 12.75
C ASP C 205 -17.67 5.58 13.64
N TYR C 206 -17.86 5.19 14.90
CA TYR C 206 -16.79 5.04 15.88
C TYR C 206 -16.03 6.36 16.07
N ASN C 207 -16.74 7.48 15.91
CA ASN C 207 -16.16 8.77 16.33
C ASN C 207 -16.07 8.87 17.84
N LYS C 208 -16.94 8.17 18.56
CA LYS C 208 -16.92 8.16 20.02
C LYS C 208 -17.03 6.72 20.49
N VAL C 209 -16.08 6.28 21.31
CA VAL C 209 -15.97 4.87 21.66
C VAL C 209 -15.74 4.76 23.15
N LYS C 210 -16.48 3.90 23.81
CA LYS C 210 -16.23 3.52 25.20
C LYS C 210 -15.63 2.12 25.19
N GLN C 211 -14.43 2.02 25.74
CA GLN C 211 -13.61 0.82 25.65
C GLN C 211 -13.23 0.34 27.04
N TYR C 212 -13.11 -0.98 27.20
CA TYR C 212 -12.85 -1.60 28.50
C TYR C 212 -11.78 -2.67 28.35
N GLU C 213 -10.90 -2.77 29.35
CA GLU C 213 -9.94 -3.87 29.36
C GLU C 213 -9.79 -4.46 30.75
N ASN C 214 -9.68 -5.78 30.78
CA ASN C 214 -9.34 -6.57 31.94
C ASN C 214 -8.02 -7.26 31.65
N ALA C 215 -7.03 -7.14 32.55
CA ALA C 215 -5.73 -7.74 32.32
C ALA C 215 -5.16 -8.29 33.62
N VAL C 216 -4.68 -9.54 33.60
CA VAL C 216 -4.23 -10.24 34.81
C VAL C 216 -2.94 -10.99 34.51
N ALA C 217 -1.87 -10.70 35.25
CA ALA C 217 -0.62 -11.42 35.10
C ALA C 217 -0.67 -12.73 35.90
N ARG C 218 0.02 -13.75 35.39
CA ARG C 218 0.03 -15.07 36.02
C ARG C 218 1.20 -15.85 35.45
N TYR C 219 1.53 -16.95 36.14
CA TYR C 219 2.32 -18.01 35.53
C TYR C 219 1.38 -18.98 34.81
N SER C 220 1.92 -20.10 34.36
CA SER C 220 1.13 -21.12 33.66
C SER C 220 0.03 -21.68 34.57
N MET C 221 -1.13 -22.01 33.99
CA MET C 221 -2.08 -22.80 34.77
C MET C 221 -1.66 -24.23 35.01
N LEU C 222 -0.69 -24.71 34.32
CA LEU C 222 -0.36 -26.12 34.47
C LEU C 222 0.79 -26.30 35.44
N PRO C 223 0.62 -27.14 36.45
CA PRO C 223 1.72 -27.45 37.37
C PRO C 223 2.86 -28.13 36.63
N SER C 224 4.04 -28.06 37.20
CA SER C 224 5.18 -28.76 36.62
C SER C 224 5.19 -30.22 37.07
N GLN C 225 5.61 -31.09 36.16
CA GLN C 225 5.94 -32.47 36.47
C GLN C 225 7.44 -32.61 36.76
N ALA C 226 7.78 -33.57 37.61
CA ALA C 226 9.19 -33.84 37.91
C ALA C 226 9.49 -35.34 37.89
N MET D 4 9.74 12.76 -22.65
CA MET D 4 9.35 14.04 -22.04
C MET D 4 7.87 14.14 -21.69
N VAL D 5 7.61 14.48 -20.44
CA VAL D 5 6.32 14.98 -19.99
C VAL D 5 6.52 16.44 -19.61
N SER D 6 5.72 17.33 -20.20
CA SER D 6 5.98 18.78 -20.10
C SER D 6 6.08 19.25 -18.65
N VAL D 7 5.35 18.63 -17.71
CA VAL D 7 5.40 19.13 -16.33
C VAL D 7 6.65 18.71 -15.57
N ILE D 8 7.43 17.77 -16.09
CA ILE D 8 8.67 17.34 -15.44
C ILE D 8 9.82 17.70 -16.35
N LYS D 9 10.66 18.63 -15.88
CA LYS D 9 11.76 19.10 -16.70
C LYS D 9 12.98 18.23 -16.61
N GLU D 10 13.92 18.50 -17.53
CA GLU D 10 15.14 17.71 -17.62
C GLU D 10 15.99 17.85 -16.37
N GLU D 11 15.89 19.00 -15.70
CA GLU D 11 16.51 19.18 -14.40
C GLU D 11 15.43 19.68 -13.47
N MET D 12 15.32 19.08 -12.29
CA MET D 12 14.25 19.44 -11.38
C MET D 12 14.84 19.56 -9.97
N LYS D 13 14.24 20.41 -9.15
CA LYS D 13 14.66 20.56 -7.76
C LYS D 13 13.82 19.69 -6.84
N ILE D 14 14.32 19.50 -5.62
CA ILE D 14 13.62 18.73 -4.59
C ILE D 14 13.70 19.51 -3.28
N LYS D 15 12.60 19.53 -2.55
CA LYS D 15 12.58 19.95 -1.14
C LYS D 15 11.93 18.86 -0.30
N LEU D 16 12.52 18.56 0.86
CA LEU D 16 12.10 17.41 1.65
C LEU D 16 11.96 17.81 3.11
N ARG D 17 10.90 17.31 3.77
CA ARG D 17 10.82 17.28 5.22
C ARG D 17 10.51 15.87 5.69
N MET D 18 11.27 15.39 6.66
CA MET D 18 10.99 14.14 7.35
C MET D 18 10.82 14.40 8.84
N GLU D 19 9.76 13.82 9.40
CA GLU D 19 9.54 13.74 10.85
C GLU D 19 9.50 12.28 11.23
N GLY D 20 10.09 11.93 12.37
CA GLY D 20 10.04 10.52 12.69
C GLY D 20 10.42 10.24 14.12
N THR D 21 10.36 8.96 14.46
CA THR D 21 10.71 8.43 15.77
C THR D 21 11.37 7.08 15.57
N VAL D 22 12.53 6.88 16.18
CA VAL D 22 13.23 5.60 16.14
C VAL D 22 13.57 5.22 17.57
N ASN D 23 13.10 4.05 18.00
CA ASN D 23 13.28 3.58 19.39
C ASN D 23 12.93 4.69 20.38
N GLY D 24 11.82 5.36 20.11
CA GLY D 24 11.36 6.42 20.98
C GLY D 24 12.08 7.74 20.84
N HIS D 25 13.08 7.85 19.95
CA HIS D 25 13.82 9.10 19.77
C HIS D 25 13.21 9.88 18.62
N ASN D 26 12.74 11.09 18.90
CA ASN D 26 12.13 11.92 17.86
C ASN D 26 13.21 12.69 17.11
N PHE D 27 12.94 13.01 15.84
CA PHE D 27 13.84 13.80 15.02
C PHE D 27 13.10 14.43 13.84
N VAL D 28 13.71 15.46 13.27
CA VAL D 28 13.26 16.10 12.04
C VAL D 28 14.46 16.24 11.12
N ILE D 29 14.25 16.04 9.82
CA ILE D 29 15.28 16.24 8.81
C ILE D 29 14.72 17.11 7.70
N GLU D 30 15.52 18.07 7.24
CA GLU D 30 15.17 18.86 6.07
C GLU D 30 16.15 18.55 4.97
N GLY D 31 15.66 18.50 3.74
CA GLY D 31 16.51 18.22 2.60
C GLY D 31 16.25 19.18 1.46
N GLU D 32 17.29 19.36 0.64
CA GLU D 32 17.21 20.13 -0.59
C GLU D 32 18.06 19.43 -1.64
N GLY D 33 17.52 19.28 -2.85
CA GLY D 33 18.30 18.58 -3.83
C GLY D 33 17.94 18.98 -5.24
N LYS D 34 18.57 18.31 -6.19
CA LYS D 34 18.17 18.47 -7.59
C LYS D 34 18.71 17.29 -8.38
N GLY D 35 18.04 17.01 -9.48
CA GLY D 35 18.40 15.83 -10.24
C GLY D 35 17.90 15.94 -11.65
N ASN D 36 18.16 14.88 -12.40
CA ASN D 36 17.77 14.79 -13.80
C ASN D 36 16.80 13.63 -13.92
N PRO D 37 15.48 13.90 -13.89
CA PRO D 37 14.51 12.80 -13.78
C PRO D 37 14.59 11.78 -14.89
N TYR D 38 14.84 12.21 -16.12
CA TYR D 38 14.93 11.25 -17.21
C TYR D 38 16.27 10.54 -17.25
N GLU D 39 17.25 10.99 -16.49
CA GLU D 39 18.53 10.30 -16.40
C GLU D 39 18.59 9.35 -15.21
N GLY D 40 17.61 9.42 -14.31
CA GLY D 40 17.62 8.56 -13.14
C GLY D 40 18.68 8.90 -12.11
N THR D 41 19.10 10.16 -12.03
CA THR D 41 20.13 10.55 -11.08
C THR D 41 19.67 11.76 -10.29
N GLN D 42 20.20 11.87 -9.08
CA GLN D 42 19.78 12.95 -8.20
C GLN D 42 20.73 13.05 -7.02
N THR D 43 20.86 14.27 -6.51
CA THR D 43 21.69 14.55 -5.34
C THR D 43 20.83 15.35 -4.37
N MET D 44 20.93 15.02 -3.08
CA MET D 44 20.20 15.74 -2.05
C MET D 44 21.13 16.04 -0.89
N ASP D 45 20.94 17.22 -0.31
CA ASP D 45 21.66 17.64 0.88
C ASP D 45 20.65 17.61 2.02
N LEU D 46 20.96 16.82 3.05
CA LEU D 46 20.08 16.55 4.17
C LEU D 46 20.71 17.14 5.42
N LYS D 47 19.88 17.73 6.27
CA LYS D 47 20.32 18.36 7.51
C LYS D 47 19.39 17.90 8.63
N VAL D 48 19.97 17.34 9.69
CA VAL D 48 19.19 17.05 10.89
C VAL D 48 18.88 18.36 11.61
N THR D 49 17.60 18.69 11.74
CA THR D 49 17.21 19.96 12.33
C THR D 49 16.61 19.85 13.72
N GLU D 50 16.06 18.70 14.10
CA GLU D 50 15.63 18.39 15.46
C GLU D 50 16.09 16.97 15.81
N GLY D 51 16.53 16.79 17.05
CA GLY D 51 16.83 15.48 17.58
C GLY D 51 18.24 14.98 17.36
N GLY D 52 19.11 15.76 16.71
CA GLY D 52 20.46 15.37 16.46
C GLY D 52 21.33 15.59 17.68
N PRO D 53 22.48 14.90 17.75
CA PRO D 53 22.88 13.92 16.72
C PRO D 53 22.05 12.64 16.81
N LEU D 54 21.65 12.08 15.67
CA LEU D 54 20.78 10.92 15.67
C LEU D 54 21.45 9.80 16.44
N PRO D 55 20.76 9.13 17.36
CA PRO D 55 21.37 8.01 18.09
C PRO D 55 21.31 6.69 17.34
N PHE D 56 20.93 6.70 16.06
CA PHE D 56 20.79 5.51 15.25
C PHE D 56 21.47 5.76 13.90
N ALA D 57 21.69 4.68 13.16
CA ALA D 57 22.39 4.74 11.87
C ALA D 57 21.62 5.59 10.87
N TYR D 58 22.31 6.58 10.29
CA TYR D 58 21.68 7.41 9.27
C TYR D 58 21.18 6.54 8.11
N ASP D 59 21.93 5.49 7.79
CA ASP D 59 21.59 4.58 6.69
C ASP D 59 20.11 4.14 6.67
N ILE D 60 19.48 3.95 7.83
CA ILE D 60 18.09 3.48 7.76
C ILE D 60 17.16 4.52 7.12
N LEU D 61 17.58 5.78 7.07
CA LEU D 61 16.76 6.86 6.52
C LEU D 61 17.01 7.08 5.04
N SER D 62 18.22 6.80 4.58
CA SER D 62 18.60 7.29 3.25
C SER D 62 17.68 6.80 2.13
N PRO D 63 17.14 5.56 2.15
CA PRO D 63 16.21 5.16 1.07
C PRO D 63 14.87 5.82 1.16
N GLN D 64 14.57 6.54 2.22
CA GLN D 64 13.31 7.25 2.29
C GLN D 64 13.36 8.60 1.60
N PHE D 65 14.54 9.08 1.24
CA PHE D 65 14.68 10.42 0.67
C PHE D 65 14.45 10.47 -0.84
N1 NRQ D 66 14.22 9.34 -1.51
CE NRQ D 66 18.94 11.74 -3.29
SD NRQ D 66 18.76 9.97 -3.11
CG1 NRQ D 66 16.97 9.84 -2.82
CB1 NRQ D 66 16.55 8.64 -1.97
CA1 NRQ D 66 15.06 8.44 -1.88
C1 NRQ D 66 14.48 7.12 -2.22
N2 NRQ D 66 15.24 5.98 -2.54
OH NRQ D 66 18.95 0.13 -2.96
CD2 NRQ D 66 15.52 1.39 -3.16
CE2 NRQ D 66 16.59 0.52 -3.20
CZ NRQ D 66 17.87 0.99 -2.95
CE1 NRQ D 66 18.07 2.35 -2.69
CD1 NRQ D 66 16.99 3.21 -2.67
CG2 NRQ D 66 15.69 2.75 -2.91
CB2 NRQ D 66 14.52 3.60 -2.89
CA2 NRQ D 66 14.32 4.93 -2.67
C2 NRQ D 66 12.97 5.47 -2.55
O2 NRQ D 66 11.89 4.91 -2.62
N3 NRQ D 66 13.13 6.80 -2.20
CA3 NRQ D 66 12.03 7.64 -1.81
C3 NRQ D 66 11.64 8.67 -2.88
O3 NRQ D 66 10.61 9.35 -2.70
N SER D 67 12.43 8.77 -3.93
CA SER D 67 12.35 9.92 -4.84
C SER D 67 12.07 9.40 -6.24
N LYS D 68 10.87 8.84 -6.42
CA LYS D 68 10.64 7.88 -7.49
C LYS D 68 10.55 8.52 -8.86
N ALA D 69 10.35 9.84 -8.93
CA ALA D 69 10.30 10.51 -10.22
C ALA D 69 11.67 10.49 -10.91
N PHE D 70 12.74 10.26 -10.16
CA PHE D 70 14.10 10.23 -10.70
C PHE D 70 14.55 8.81 -11.00
N ILE D 71 13.73 8.05 -11.74
CA ILE D 71 14.13 6.75 -12.27
C ILE D 71 14.16 6.88 -13.79
N LYS D 72 15.24 6.41 -14.41
CA LYS D 72 15.28 6.38 -15.87
C LYS D 72 14.43 5.23 -16.37
N TYR D 73 13.23 5.54 -16.90
CA TYR D 73 12.32 4.54 -17.44
C TYR D 73 12.48 4.45 -18.93
N PRO D 74 12.69 3.26 -19.50
CA PRO D 74 12.65 3.11 -20.96
C PRO D 74 11.27 3.41 -21.47
N ALA D 75 11.21 3.84 -22.75
CA ALA D 75 9.93 4.24 -23.31
C ALA D 75 8.93 3.08 -23.31
N ASP D 76 9.39 1.84 -23.35
CA ASP D 76 8.43 0.74 -23.45
C ASP D 76 7.93 0.23 -22.11
N ILE D 77 8.46 0.69 -20.98
CA ILE D 77 7.92 0.35 -19.67
C ILE D 77 7.18 1.58 -19.14
N PRO D 78 5.87 1.50 -18.94
CA PRO D 78 5.12 2.67 -18.45
C PRO D 78 5.70 3.14 -17.13
N ASP D 79 5.82 4.46 -17.00
CA ASP D 79 6.47 5.10 -15.86
C ASP D 79 5.35 5.52 -14.92
N TYR D 80 5.10 4.69 -13.91
CA TYR D 80 4.02 4.95 -12.97
C TYR D 80 4.16 6.33 -12.34
N PHE D 81 5.40 6.73 -12.06
CA PHE D 81 5.60 7.92 -11.26
C PHE D 81 5.48 9.18 -12.09
N LYS D 82 6.17 9.21 -13.24
CA LYS D 82 6.12 10.43 -14.03
C LYS D 82 4.72 10.67 -14.60
N GLN D 83 3.99 9.60 -14.93
CA GLN D 83 2.61 9.78 -15.40
C GLN D 83 1.70 10.36 -14.32
N SER D 84 2.01 10.13 -13.05
CA SER D 84 1.11 10.57 -12.00
C SER D 84 1.07 12.08 -11.84
N PHE D 85 2.02 12.80 -12.40
CA PHE D 85 2.06 14.25 -12.25
C PHE D 85 1.18 14.95 -13.28
N PRO D 86 0.68 16.16 -12.96
CA PRO D 86 1.03 17.00 -11.80
C PRO D 86 0.41 16.59 -10.47
N GLU D 87 -0.56 15.67 -10.48
CA GLU D 87 -1.24 15.33 -9.23
C GLU D 87 -0.29 14.68 -8.22
N GLY D 88 0.67 13.88 -8.68
CA GLY D 88 1.63 13.26 -7.79
C GLY D 88 1.17 11.92 -7.25
N PHE D 89 1.79 11.50 -6.15
CA PHE D 89 1.50 10.20 -5.59
C PHE D 89 1.94 10.17 -4.14
N HIS D 90 1.48 9.16 -3.41
CA HIS D 90 2.03 8.91 -2.08
C HIS D 90 2.51 7.48 -2.02
N TRP D 91 3.38 7.18 -1.05
CA TRP D 91 3.77 5.80 -0.87
C TRP D 91 3.82 5.44 0.61
N GLU D 92 3.73 4.13 0.85
CA GLU D 92 3.65 3.49 2.15
C GLU D 92 4.65 2.36 2.17
N ARG D 93 5.37 2.19 3.29
CA ARG D 93 6.50 1.27 3.24
C ARG D 93 6.66 0.59 4.58
N VAL D 94 6.94 -0.72 4.54
CA VAL D 94 7.42 -1.46 5.71
C VAL D 94 8.85 -1.92 5.42
N MET D 95 9.72 -1.74 6.41
CA MET D 95 11.09 -2.24 6.38
C MET D 95 11.30 -3.16 7.57
N THR D 96 11.53 -4.45 7.28
CA THR D 96 11.69 -5.48 8.31
C THR D 96 13.16 -5.88 8.38
N TYR D 97 13.85 -5.43 9.41
CA TYR D 97 15.24 -5.79 9.55
C TYR D 97 15.35 -7.17 10.18
N GLU D 98 16.45 -7.87 9.88
CA GLU D 98 16.53 -9.27 10.28
C GLU D 98 16.71 -9.46 11.78
N ASP D 99 17.00 -8.41 12.54
CA ASP D 99 17.13 -8.58 13.99
C ASP D 99 15.92 -8.05 14.76
N GLY D 100 14.77 -7.95 14.11
CA GLY D 100 13.58 -7.52 14.81
C GLY D 100 13.26 -6.04 14.74
N GLY D 101 14.20 -5.19 14.33
CA GLY D 101 13.84 -3.80 14.09
C GLY D 101 12.86 -3.74 12.91
N VAL D 102 11.82 -2.92 13.04
CA VAL D 102 10.86 -2.71 11.96
C VAL D 102 10.61 -1.22 11.80
N CYS D 103 10.61 -0.73 10.56
CA CYS D 103 10.31 0.67 10.29
C CYS D 103 9.13 0.75 9.33
N THR D 104 8.26 1.72 9.56
CA THR D 104 7.25 2.08 8.59
C THR D 104 7.54 3.49 8.09
N ALA D 105 7.07 3.80 6.88
CA ALA D 105 7.15 5.15 6.41
C ALA D 105 5.99 5.44 5.47
N THR D 106 5.51 6.68 5.52
CA THR D 106 4.48 7.19 4.62
C THR D 106 5.01 8.46 4.01
N GLN D 107 4.92 8.57 2.69
CA GLN D 107 5.51 9.71 1.98
C GLN D 107 4.49 10.31 1.03
N ASN D 108 4.47 11.64 0.97
CA ASN D 108 3.66 12.34 -0.01
C ASN D 108 4.59 13.05 -0.97
N THR D 109 4.33 12.93 -2.26
CA THR D 109 5.12 13.58 -3.29
C THR D 109 4.20 14.51 -4.07
N SER D 110 4.52 15.79 -4.05
CA SER D 110 3.77 16.76 -4.84
C SER D 110 4.75 17.55 -5.70
N LEU D 111 4.18 18.33 -6.60
CA LEU D 111 4.94 19.06 -7.60
C LEU D 111 4.43 20.49 -7.64
N ARG D 112 5.34 21.46 -7.57
CA ARG D 112 5.00 22.86 -7.78
C ARG D 112 6.10 23.48 -8.60
N GLY D 113 5.76 23.92 -9.80
CA GLY D 113 6.77 24.51 -10.68
C GLY D 113 7.81 23.47 -11.08
N ASP D 114 9.08 23.84 -10.93
CA ASP D 114 10.20 22.94 -11.18
C ASP D 114 10.70 22.25 -9.91
N CYS D 115 9.85 22.11 -8.89
CA CYS D 115 10.30 21.56 -7.61
C CYS D 115 9.37 20.48 -7.11
N PHE D 116 9.95 19.33 -6.76
CA PHE D 116 9.22 18.27 -6.08
C PHE D 116 9.27 18.54 -4.59
N PHE D 117 8.15 18.27 -3.91
CA PHE D 117 8.05 18.42 -2.46
C PHE D 117 7.74 17.07 -1.85
N TYR D 118 8.63 16.61 -0.96
CA TYR D 118 8.50 15.33 -0.30
C TYR D 118 8.23 15.56 1.17
N ASP D 119 7.15 14.98 1.69
CA ASP D 119 6.92 14.95 3.12
C ASP D 119 6.94 13.51 3.57
N VAL D 120 7.80 13.18 4.52
CA VAL D 120 8.00 11.81 4.96
C VAL D 120 7.69 11.71 6.44
N ARG D 121 6.99 10.66 6.83
CA ARG D 121 6.89 10.24 8.22
C ARG D 121 7.60 8.90 8.36
N PHE D 122 8.46 8.76 9.39
CA PHE D 122 9.27 7.56 9.56
C PHE D 122 9.19 7.09 11.01
N ASP D 123 8.97 5.81 11.23
CA ASP D 123 8.93 5.28 12.59
C ASP D 123 9.63 3.95 12.66
N GLY D 124 10.57 3.83 13.59
CA GLY D 124 11.29 2.59 13.80
C GLY D 124 11.08 2.10 15.22
N VAL D 125 10.81 0.80 15.37
CA VAL D 125 10.57 0.19 16.66
C VAL D 125 11.39 -1.09 16.77
N ASN D 126 11.67 -1.47 18.03
CA ASN D 126 12.21 -2.77 18.42
C ASN D 126 13.61 -3.02 17.87
N PHE D 127 14.38 -1.99 17.58
CA PHE D 127 15.80 -2.20 17.27
C PHE D 127 16.54 -2.66 18.53
N PRO D 128 17.26 -3.76 18.49
CA PRO D 128 18.04 -4.18 19.70
C PRO D 128 19.04 -3.10 20.08
N PRO D 129 19.24 -2.88 21.38
CA PRO D 129 20.15 -1.81 21.84
C PRO D 129 21.59 -1.97 21.40
N ASN D 130 22.07 -3.20 21.28
CA ASN D 130 23.44 -3.46 20.86
C ASN D 130 23.55 -3.85 19.40
N GLY D 131 22.47 -3.72 18.62
CA GLY D 131 22.51 -4.07 17.21
C GLY D 131 23.13 -2.98 16.38
N PRO D 132 23.37 -3.28 15.10
CA PRO D 132 24.16 -2.36 14.25
C PRO D 132 23.51 -1.00 14.07
N VAL D 133 22.18 -0.95 14.10
CA VAL D 133 21.51 0.31 13.91
C VAL D 133 21.69 1.20 15.14
N MET D 134 21.47 0.67 16.34
CA MET D 134 21.58 1.64 17.42
C MET D 134 23.01 1.82 17.87
N GLN D 135 23.92 0.95 17.44
CA GLN D 135 25.34 1.14 17.68
C GLN D 135 26.05 1.81 16.50
N LYS D 136 25.32 2.19 15.45
CA LYS D 136 25.85 2.87 14.26
C LYS D 136 27.07 2.16 13.69
N LYS D 137 26.87 0.90 13.36
CA LYS D 137 27.92 0.08 12.77
C LYS D 137 27.67 -0.22 11.30
N THR D 138 26.76 0.53 10.66
CA THR D 138 26.49 0.29 9.24
C THR D 138 27.38 1.18 8.37
N LEU D 139 27.57 0.73 7.13
CA LEU D 139 28.49 1.37 6.20
C LEU D 139 27.86 1.48 4.83
N GLY D 140 26.59 1.84 4.78
CA GLY D 140 25.90 2.05 3.53
C GLY D 140 25.22 0.79 3.00
N TRP D 141 24.38 1.02 2.01
CA TRP D 141 23.57 -0.01 1.37
C TRP D 141 24.33 -0.58 0.17
N GLU D 142 24.25 -1.90 -0.02
CA GLU D 142 24.65 -2.45 -1.30
C GLU D 142 23.66 -1.97 -2.37
N PRO D 143 24.10 -1.92 -3.63
CA PRO D 143 23.14 -1.65 -4.71
C PRO D 143 22.07 -2.73 -4.67
N SER D 144 20.89 -2.40 -5.19
CA SER D 144 19.80 -3.36 -5.11
C SER D 144 18.95 -3.24 -6.37
N THR D 145 17.92 -4.10 -6.43
CA THR D 145 16.98 -4.09 -7.54
C THR D 145 15.59 -4.30 -6.95
N GLU D 146 14.74 -3.28 -7.07
CA GLU D 146 13.37 -3.36 -6.58
C GLU D 146 12.52 -4.04 -7.64
N LYS D 147 11.63 -4.92 -7.20
CA LYS D 147 10.75 -5.64 -8.11
C LYS D 147 9.39 -4.95 -8.06
N MET D 148 8.92 -4.47 -9.22
CA MET D 148 7.76 -3.63 -9.35
C MET D 148 6.66 -4.42 -10.02
N TYR D 149 5.49 -4.46 -9.39
CA TYR D 149 4.37 -5.24 -9.91
C TYR D 149 3.08 -4.60 -9.42
N VAL D 150 2.02 -4.78 -10.20
CA VAL D 150 0.72 -4.18 -9.89
C VAL D 150 -0.06 -5.12 -8.98
N ARG D 151 -0.75 -4.53 -8.02
CA ARG D 151 -1.63 -5.25 -7.09
C ARG D 151 -2.79 -4.31 -6.78
N ASP D 152 -4.02 -4.76 -7.04
CA ASP D 152 -5.21 -3.94 -6.77
C ASP D 152 -5.12 -2.55 -7.41
N GLY D 153 -4.67 -2.50 -8.66
CA GLY D 153 -4.65 -1.27 -9.42
C GLY D 153 -3.62 -0.24 -8.98
N VAL D 154 -2.75 -0.57 -8.04
CA VAL D 154 -1.65 0.31 -7.65
C VAL D 154 -0.34 -0.45 -7.82
N LEU D 155 0.80 0.19 -7.55
CA LEU D 155 2.11 -0.38 -7.86
C LEU D 155 2.81 -0.78 -6.57
N LYS D 156 3.26 -2.03 -6.51
CA LYS D 156 4.01 -2.52 -5.37
C LYS D 156 5.48 -2.61 -5.76
N GLY D 157 6.35 -2.40 -4.77
CA GLY D 157 7.75 -2.64 -5.00
C GLY D 157 8.32 -3.40 -3.83
N ASP D 158 8.99 -4.53 -4.09
CA ASP D 158 9.58 -5.35 -3.03
C ASP D 158 11.07 -5.48 -3.31
N VAL D 159 11.88 -5.51 -2.25
CA VAL D 159 13.29 -5.78 -2.44
C VAL D 159 13.88 -6.14 -1.09
N ILE D 160 14.73 -7.14 -1.08
CA ILE D 160 15.55 -7.39 0.10
C ILE D 160 16.85 -6.62 -0.11
N LYS D 161 17.07 -5.64 0.74
CA LYS D 161 18.29 -4.84 0.69
C LYS D 161 19.22 -5.29 1.82
N ALA D 162 20.47 -4.85 1.74
CA ALA D 162 21.45 -5.23 2.74
C ALA D 162 22.38 -4.06 3.04
N LEU D 163 22.55 -3.80 4.32
CA LEU D 163 23.54 -2.85 4.81
C LEU D 163 24.88 -3.54 5.02
N LEU D 164 25.94 -2.91 4.53
CA LEU D 164 27.29 -3.32 4.89
C LEU D 164 27.55 -2.99 6.36
N LEU D 165 28.25 -3.88 7.04
CA LEU D 165 28.54 -3.71 8.46
C LEU D 165 30.01 -3.46 8.70
N GLU D 166 30.29 -2.67 9.74
CA GLU D 166 31.64 -2.58 10.29
C GLU D 166 32.13 -3.98 10.65
N GLY D 167 33.31 -4.33 10.15
CA GLY D 167 33.84 -5.66 10.38
C GLY D 167 33.53 -6.68 9.31
N GLY D 168 32.73 -6.33 8.31
CA GLY D 168 32.35 -7.24 7.26
C GLY D 168 30.99 -7.85 7.54
N GLY D 169 30.44 -8.46 6.52
CA GLY D 169 29.12 -9.03 6.69
C GLY D 169 28.05 -8.01 6.40
N HIS D 170 26.81 -8.49 6.43
CA HIS D 170 25.68 -7.72 5.96
C HIS D 170 24.52 -7.86 6.92
N TYR D 171 23.65 -6.87 6.85
CA TYR D 171 22.50 -6.75 7.73
C TYR D 171 21.30 -6.53 6.83
N ARG D 172 20.38 -7.48 6.83
CA ARG D 172 19.35 -7.53 5.80
C ARG D 172 18.09 -6.79 6.23
N CYS D 173 17.39 -6.28 5.23
CA CYS D 173 16.14 -5.58 5.48
C CYS D 173 15.20 -5.85 4.32
N ASP D 174 14.00 -6.30 4.63
CA ASP D 174 12.96 -6.59 3.65
C ASP D 174 12.13 -5.31 3.46
N PHE D 175 12.18 -4.73 2.26
CA PHE D 175 11.35 -3.58 1.91
C PHE D 175 10.09 -4.03 1.19
N LYS D 176 8.92 -3.57 1.66
CA LYS D 176 7.65 -3.76 0.98
C LYS D 176 6.98 -2.39 0.86
N THR D 177 6.90 -1.87 -0.37
CA THR D 177 6.35 -0.55 -0.62
C THR D 177 5.11 -0.66 -1.50
N THR D 178 4.16 0.22 -1.26
CA THR D 178 3.02 0.41 -2.16
C THR D 178 3.03 1.86 -2.61
N TYR D 179 3.04 2.06 -3.93
CA TYR D 179 3.03 3.38 -4.55
C TYR D 179 1.64 3.67 -5.11
N LYS D 180 1.06 4.82 -4.77
CA LYS D 180 -0.34 5.10 -5.10
C LYS D 180 -0.48 6.45 -5.81
N ALA D 181 -0.61 6.41 -7.14
CA ALA D 181 -0.82 7.61 -7.93
C ALA D 181 -2.12 8.31 -7.57
N LYS D 182 -2.14 9.63 -7.67
CA LYS D 182 -3.35 10.40 -7.40
C LYS D 182 -4.21 10.63 -8.64
N LYS D 183 -3.94 9.93 -9.73
CA LYS D 183 -4.85 9.87 -10.86
C LYS D 183 -4.58 8.57 -11.60
N ASP D 184 -5.46 8.23 -12.55
CA ASP D 184 -5.23 7.01 -13.31
C ASP D 184 -4.04 7.16 -14.24
N VAL D 185 -3.24 6.11 -14.33
CA VAL D 185 -2.07 6.10 -15.18
C VAL D 185 -2.04 4.77 -15.90
N ARG D 186 -1.31 4.71 -17.00
CA ARG D 186 -1.10 3.41 -17.63
C ARG D 186 -0.20 2.58 -16.72
N LEU D 187 -0.62 1.34 -16.47
CA LEU D 187 0.10 0.53 -15.48
C LEU D 187 1.17 -0.31 -16.16
N PRO D 188 2.33 -0.47 -15.52
CA PRO D 188 3.39 -1.26 -16.12
C PRO D 188 3.20 -2.74 -15.83
N GLY D 189 3.84 -3.59 -16.64
CA GLY D 189 4.02 -4.97 -16.28
C GLY D 189 5.10 -5.12 -15.22
N TYR D 190 5.30 -6.37 -14.80
CA TYR D 190 6.33 -6.67 -13.81
C TYR D 190 7.69 -6.25 -14.34
N HIS D 191 8.49 -5.58 -13.51
CA HIS D 191 9.79 -5.12 -13.99
C HIS D 191 10.69 -4.82 -12.80
N PHE D 192 11.90 -4.34 -13.09
CA PHE D 192 12.98 -4.19 -12.12
C PHE D 192 13.44 -2.75 -12.14
N VAL D 193 13.80 -2.22 -10.98
CA VAL D 193 14.45 -0.92 -10.92
C VAL D 193 15.76 -1.13 -10.16
N ASP D 194 16.89 -1.02 -10.88
CA ASP D 194 18.19 -1.06 -10.22
C ASP D 194 18.41 0.26 -9.50
N HIS D 195 18.97 0.18 -8.29
CA HIS D 195 19.21 1.33 -7.45
C HIS D 195 20.65 1.27 -6.97
N ARG D 196 21.27 2.42 -6.82
CA ARG D 196 22.51 2.50 -6.05
C ARG D 196 22.51 3.82 -5.31
N ILE D 197 22.37 3.75 -3.99
CA ILE D 197 22.32 4.93 -3.15
C ILE D 197 23.67 5.06 -2.47
N GLU D 198 24.28 6.24 -2.55
CA GLU D 198 25.63 6.45 -2.04
C GLU D 198 25.70 7.73 -1.24
N ILE D 199 26.45 7.69 -0.14
CA ILE D 199 26.76 8.87 0.65
C ILE D 199 28.01 9.50 0.04
N LEU D 200 27.85 10.69 -0.52
CA LEU D 200 28.96 11.43 -1.10
C LEU D 200 29.78 12.13 -0.04
N LYS D 201 29.13 12.66 1.00
CA LYS D 201 29.89 13.39 2.01
C LYS D 201 29.04 13.35 3.28
N HIS D 202 29.70 13.27 4.44
CA HIS D 202 28.97 13.41 5.70
C HIS D 202 29.91 14.02 6.72
N ASP D 203 29.34 14.74 7.68
CA ASP D 203 30.12 15.11 8.87
C ASP D 203 30.14 13.92 9.83
N LYS D 204 30.82 14.10 10.97
CA LYS D 204 31.13 12.95 11.81
C LYS D 204 29.88 12.23 12.30
N ASP D 205 28.88 12.98 12.76
CA ASP D 205 27.67 12.38 13.31
C ASP D 205 26.52 12.31 12.31
N TYR D 206 26.78 12.59 11.03
CA TYR D 206 25.77 12.55 9.98
C TYR D 206 24.65 13.55 10.24
N ASN D 207 25.00 14.68 10.85
CA ASN D 207 24.09 15.81 10.95
C ASN D 207 23.88 16.47 9.60
N LYS D 208 24.86 16.35 8.71
CA LYS D 208 24.84 17.00 7.40
C LYS D 208 25.33 15.98 6.40
N VAL D 209 24.49 15.63 5.41
CA VAL D 209 24.77 14.51 4.52
C VAL D 209 24.46 14.95 3.09
N LYS D 210 25.38 14.65 2.17
CA LYS D 210 25.12 14.75 0.73
C LYS D 210 25.00 13.33 0.21
N GLN D 211 23.86 13.00 -0.37
CA GLN D 211 23.67 11.63 -0.84
C GLN D 211 23.19 11.68 -2.28
N TYR D 212 23.46 10.60 -2.99
CA TYR D 212 23.26 10.52 -4.43
C TYR D 212 22.59 9.20 -4.74
N GLU D 213 21.53 9.17 -5.59
CA GLU D 213 21.00 7.88 -6.01
C GLU D 213 20.98 7.83 -7.53
N ASN D 214 21.26 6.68 -8.18
CA ASN D 214 21.12 6.36 -9.58
C ASN D 214 20.12 5.21 -9.67
N ALA D 215 19.06 5.39 -10.47
CA ALA D 215 18.01 4.39 -10.56
C ALA D 215 17.57 4.22 -12.00
N VAL D 216 17.46 2.98 -12.45
CA VAL D 216 17.15 2.67 -13.86
C VAL D 216 16.18 1.52 -13.87
N ALA D 217 15.07 1.66 -14.62
CA ALA D 217 14.09 0.59 -14.78
C ALA D 217 14.40 -0.25 -16.01
N ARG D 218 14.10 -1.54 -15.91
CA ARG D 218 14.39 -2.47 -17.00
C ARG D 218 13.58 -3.75 -16.82
N TYR D 219 13.55 -4.55 -17.87
CA TYR D 219 13.13 -5.94 -17.76
C TYR D 219 14.36 -6.78 -17.41
N SER D 220 14.19 -8.10 -17.35
CA SER D 220 15.30 -8.98 -16.97
C SER D 220 16.46 -8.86 -17.97
N MET D 221 17.69 -8.95 -17.46
CA MET D 221 18.85 -9.08 -18.34
C MET D 221 18.87 -10.33 -19.22
N LEU D 222 18.13 -11.39 -18.85
CA LEU D 222 18.29 -12.67 -19.53
C LEU D 222 17.22 -12.85 -20.61
N PRO D 223 17.60 -13.34 -21.80
CA PRO D 223 16.59 -13.55 -22.86
C PRO D 223 15.58 -14.62 -22.49
N SER D 224 14.37 -14.45 -23.02
CA SER D 224 13.33 -15.47 -22.92
C SER D 224 13.65 -16.64 -23.84
N GLN D 225 13.38 -17.86 -23.37
CA GLN D 225 13.45 -19.07 -24.19
C GLN D 225 12.07 -19.71 -24.38
N ALA D 226 10.99 -18.96 -24.16
CA ALA D 226 9.64 -19.50 -24.23
C ALA D 226 9.40 -20.25 -25.54
N LYS D 227 8.91 -21.49 -25.42
CA LYS D 227 8.58 -22.31 -26.59
C LYS D 227 7.36 -21.75 -27.30
N SER E 6 -33.57 -1.80 -2.80
CA SER E 6 -32.51 -1.06 -3.48
C SER E 6 -31.23 -1.12 -2.66
N VAL E 7 -30.11 -0.74 -3.26
CA VAL E 7 -28.82 -0.71 -2.56
C VAL E 7 -28.68 0.63 -1.86
N ILE E 8 -29.73 1.45 -1.92
CA ILE E 8 -29.73 2.78 -1.31
C ILE E 8 -30.50 2.63 0.00
N LYS E 9 -29.76 2.52 1.11
CA LYS E 9 -30.35 2.36 2.42
C LYS E 9 -30.98 3.68 2.87
N GLU E 10 -31.84 3.63 3.90
CA GLU E 10 -32.46 4.89 4.33
C GLU E 10 -31.47 5.86 4.95
N GLU E 11 -30.28 5.39 5.30
CA GLU E 11 -29.17 6.26 5.67
C GLU E 11 -27.96 5.84 4.85
N MET E 12 -27.30 6.82 4.25
CA MET E 12 -26.20 6.60 3.32
C MET E 12 -25.09 7.59 3.70
N LYS E 13 -23.83 7.16 3.54
CA LYS E 13 -22.73 8.08 3.74
C LYS E 13 -22.31 8.73 2.42
N ILE E 14 -21.48 9.77 2.51
CA ILE E 14 -20.94 10.47 1.35
C ILE E 14 -19.47 10.76 1.58
N LYS E 15 -18.64 10.57 0.56
CA LYS E 15 -17.26 11.02 0.56
C LYS E 15 -16.99 11.70 -0.79
N LEU E 16 -16.24 12.80 -0.75
CA LEU E 16 -16.20 13.74 -1.87
C LEU E 16 -14.81 14.33 -2.06
N ARG E 17 -14.41 14.50 -3.32
CA ARG E 17 -13.26 15.33 -3.66
C ARG E 17 -13.65 16.32 -4.75
N MET E 18 -13.30 17.58 -4.54
CA MET E 18 -13.37 18.62 -5.58
C MET E 18 -11.97 19.14 -5.87
N GLU E 19 -11.64 19.27 -7.16
CA GLU E 19 -10.44 19.97 -7.59
C GLU E 19 -10.85 21.08 -8.54
N GLY E 20 -10.34 22.29 -8.31
CA GLY E 20 -10.90 23.43 -9.01
C GLY E 20 -9.91 24.54 -9.24
N THR E 21 -10.29 25.43 -10.15
CA THR E 21 -9.55 26.64 -10.45
C THR E 21 -10.57 27.75 -10.62
N VAL E 22 -10.40 28.84 -9.88
CA VAL E 22 -11.28 29.99 -9.99
C VAL E 22 -10.40 31.23 -10.06
N ASN E 23 -10.59 32.06 -11.09
CA ASN E 23 -9.79 33.28 -11.23
C ASN E 23 -8.29 32.96 -11.30
N GLY E 24 -7.96 31.79 -11.81
CA GLY E 24 -6.57 31.34 -11.84
C GLY E 24 -6.04 30.73 -10.56
N HIS E 25 -6.89 30.50 -9.57
CA HIS E 25 -6.44 30.04 -8.25
C HIS E 25 -6.84 28.59 -8.07
N ASN E 26 -5.86 27.70 -7.96
CA ASN E 26 -6.16 26.27 -7.80
C ASN E 26 -6.45 25.93 -6.34
N PHE E 27 -7.36 24.98 -6.14
CA PHE E 27 -7.75 24.56 -4.80
C PHE E 27 -8.24 23.12 -4.86
N VAL E 28 -8.26 22.49 -3.68
CA VAL E 28 -8.78 21.13 -3.49
C VAL E 28 -9.65 21.17 -2.24
N ILE E 29 -10.81 20.53 -2.32
CA ILE E 29 -11.73 20.39 -1.20
C ILE E 29 -12.09 18.92 -1.04
N GLU E 30 -11.99 18.39 0.17
CA GLU E 30 -12.57 17.09 0.44
C GLU E 30 -13.70 17.22 1.45
N GLY E 31 -14.69 16.35 1.27
CA GLY E 31 -15.90 16.41 2.07
C GLY E 31 -16.26 15.04 2.59
N GLU E 32 -17.10 15.05 3.62
CA GLU E 32 -17.49 13.83 4.29
C GLU E 32 -18.91 14.03 4.78
N GLY E 33 -19.83 13.15 4.38
CA GLY E 33 -21.21 13.42 4.64
C GLY E 33 -22.02 12.18 4.89
N LYS E 34 -23.27 12.41 5.27
CA LYS E 34 -24.27 11.35 5.41
C LYS E 34 -25.64 11.99 5.26
N GLY E 35 -26.61 11.19 4.82
CA GLY E 35 -27.96 11.72 4.69
C GLY E 35 -28.96 10.61 4.52
N ASN E 36 -30.23 11.00 4.38
CA ASN E 36 -31.35 10.09 4.22
C ASN E 36 -31.94 10.26 2.82
N PRO E 37 -31.48 9.48 1.84
CA PRO E 37 -31.89 9.72 0.44
C PRO E 37 -33.39 9.78 0.23
N TYR E 38 -34.16 8.94 0.92
CA TYR E 38 -35.60 8.92 0.67
C TYR E 38 -36.33 9.99 1.44
N GLU E 39 -35.65 10.67 2.36
CA GLU E 39 -36.20 11.85 3.02
C GLU E 39 -35.72 13.14 2.37
N GLY E 40 -34.72 13.07 1.51
CA GLY E 40 -34.23 14.26 0.83
C GLY E 40 -33.42 15.17 1.71
N THR E 41 -32.73 14.64 2.72
CA THR E 41 -31.87 15.45 3.57
C THR E 41 -30.47 14.86 3.60
N GLN E 42 -29.49 15.74 3.75
CA GLN E 42 -28.11 15.32 3.91
C GLN E 42 -27.33 16.47 4.54
N THR E 43 -26.23 16.09 5.19
CA THR E 43 -25.28 17.01 5.79
C THR E 43 -23.88 16.59 5.36
N MET E 44 -23.00 17.54 5.12
CA MET E 44 -21.64 17.17 4.78
C MET E 44 -20.67 18.20 5.34
N ASP E 45 -19.50 17.70 5.74
CA ASP E 45 -18.42 18.50 6.30
C ASP E 45 -17.32 18.63 5.25
N LEU E 46 -16.97 19.88 4.92
CA LEU E 46 -16.13 20.22 3.78
C LEU E 46 -14.87 20.88 4.32
N LYS E 47 -13.70 20.45 3.81
CA LYS E 47 -12.44 21.01 4.25
C LYS E 47 -11.62 21.42 3.04
N VAL E 48 -11.11 22.64 3.04
CA VAL E 48 -10.21 23.09 1.98
C VAL E 48 -8.83 22.52 2.29
N THR E 49 -8.39 21.56 1.50
CA THR E 49 -7.11 20.92 1.76
C THR E 49 -5.97 21.56 1.00
N GLU E 50 -6.25 22.24 -0.11
CA GLU E 50 -5.22 22.95 -0.86
C GLU E 50 -5.80 24.27 -1.35
N GLY E 51 -4.96 25.30 -1.38
CA GLY E 51 -5.37 26.59 -1.89
C GLY E 51 -6.07 27.49 -0.91
N GLY E 52 -6.15 27.10 0.36
CA GLY E 52 -6.79 27.91 1.37
C GLY E 52 -5.85 29.00 1.87
N PRO E 53 -6.41 30.14 2.31
CA PRO E 53 -7.84 30.44 2.28
C PRO E 53 -8.32 30.79 0.88
N LEU E 54 -9.52 30.36 0.53
CA LEU E 54 -10.05 30.61 -0.79
C LEU E 54 -10.22 32.11 -1.00
N PRO E 55 -9.73 32.68 -2.10
CA PRO E 55 -9.90 34.10 -2.34
C PRO E 55 -11.22 34.50 -2.98
N PHE E 56 -12.18 33.58 -3.11
CA PHE E 56 -13.49 33.85 -3.69
C PHE E 56 -14.57 33.38 -2.72
N ALA E 57 -15.82 33.78 -3.00
CA ALA E 57 -16.95 33.37 -2.16
C ALA E 57 -17.15 31.87 -2.18
N TYR E 58 -17.17 31.27 -0.99
CA TYR E 58 -17.40 29.83 -0.89
C TYR E 58 -18.74 29.43 -1.50
N ASP E 59 -19.72 30.35 -1.48
CA ASP E 59 -21.07 30.01 -1.90
C ASP E 59 -21.14 29.49 -3.34
N ILE E 60 -20.17 29.82 -4.19
CA ILE E 60 -20.26 29.33 -5.57
C ILE E 60 -20.01 27.84 -5.63
N LEU E 61 -19.39 27.28 -4.59
CA LEU E 61 -19.07 25.87 -4.52
C LEU E 61 -20.18 25.00 -3.93
N SER E 62 -20.99 25.55 -3.01
CA SER E 62 -21.90 24.69 -2.24
C SER E 62 -22.91 23.93 -3.11
N PRO E 63 -23.51 24.49 -4.17
CA PRO E 63 -24.42 23.68 -5.01
C PRO E 63 -23.73 22.56 -5.79
N GLN E 64 -22.41 22.48 -5.78
CA GLN E 64 -21.73 21.39 -6.45
C GLN E 64 -21.55 20.17 -5.55
N PHE E 65 -21.66 20.35 -4.24
CA PHE E 65 -21.45 19.28 -3.28
C PHE E 65 -22.66 18.35 -3.06
N1 NRQ E 66 -23.72 18.50 -3.83
CE NRQ E 66 -24.85 18.59 1.63
SD NRQ E 66 -25.50 19.78 0.47
CG1 NRQ E 66 -25.16 18.94 -1.10
CB1 NRQ E 66 -25.02 19.92 -2.28
CA1 NRQ E 66 -24.72 19.29 -3.62
C1 NRQ E 66 -25.59 19.62 -4.77
N2 NRQ E 66 -26.61 20.57 -4.71
OH NRQ E 66 -30.97 25.92 -4.65
CD2 NRQ E 66 -29.85 23.16 -6.77
CE2 NRQ E 66 -30.53 24.28 -6.33
CZ NRQ E 66 -30.27 24.82 -5.09
CE1 NRQ E 66 -29.32 24.22 -4.27
CD1 NRQ E 66 -28.64 23.10 -4.70
CG2 NRQ E 66 -28.88 22.54 -5.96
CB2 NRQ E 66 -28.18 21.38 -6.48
CA2 NRQ E 66 -27.20 20.60 -5.98
C2 NRQ E 66 -26.56 19.57 -6.81
O2 NRQ E 66 -26.80 19.23 -7.95
N3 NRQ E 66 -25.50 19.09 -6.05
CA3 NRQ E 66 -24.51 18.16 -6.54
C3 NRQ E 66 -24.77 16.72 -6.10
O3 NRQ E 66 -24.06 15.81 -6.57
N SER E 67 -25.74 16.53 -5.22
CA SER E 67 -25.86 15.27 -4.49
C SER E 67 -27.24 14.70 -4.75
N LYS E 68 -27.45 14.25 -6.00
CA LYS E 68 -28.81 14.12 -6.52
C LYS E 68 -29.58 12.93 -5.94
N ALA E 69 -28.90 11.89 -5.45
CA ALA E 69 -29.62 10.76 -4.87
C ALA E 69 -30.39 11.14 -3.61
N PHE E 70 -30.04 12.25 -2.97
CA PHE E 70 -30.74 12.68 -1.75
C PHE E 70 -31.86 13.66 -2.07
N ILE E 71 -32.70 13.28 -3.03
CA ILE E 71 -33.94 13.99 -3.32
C ILE E 71 -35.09 13.08 -2.91
N LYS E 72 -36.06 13.64 -2.20
CA LYS E 72 -37.23 12.86 -1.82
C LYS E 72 -38.20 12.87 -3.01
N TYR E 73 -38.27 11.74 -3.74
CA TYR E 73 -39.14 11.62 -4.89
C TYR E 73 -40.45 10.94 -4.51
N PRO E 74 -41.61 11.48 -4.89
CA PRO E 74 -42.85 10.71 -4.72
C PRO E 74 -42.79 9.45 -5.58
N ALA E 75 -43.74 8.55 -5.33
CA ALA E 75 -43.79 7.32 -6.11
C ALA E 75 -44.18 7.59 -7.55
N ASP E 76 -45.07 8.55 -7.77
CA ASP E 76 -45.60 8.82 -9.10
C ASP E 76 -44.65 9.61 -9.99
N ILE E 77 -43.52 10.08 -9.48
CA ILE E 77 -42.48 10.69 -10.31
C ILE E 77 -41.29 9.72 -10.34
N PRO E 78 -40.89 9.21 -11.50
CA PRO E 78 -39.68 8.38 -11.56
C PRO E 78 -38.47 9.14 -11.02
N ASP E 79 -37.67 8.43 -10.22
CA ASP E 79 -36.45 8.97 -9.62
C ASP E 79 -35.28 8.59 -10.52
N TYR E 80 -34.90 9.51 -11.42
CA TYR E 80 -33.84 9.25 -12.39
C TYR E 80 -32.55 8.86 -11.70
N PHE E 81 -32.29 9.46 -10.54
CA PHE E 81 -30.99 9.30 -9.89
C PHE E 81 -30.92 7.99 -9.09
N LYS E 82 -31.92 7.73 -8.25
CA LYS E 82 -31.89 6.49 -7.47
C LYS E 82 -31.91 5.28 -8.40
N GLN E 83 -32.72 5.33 -9.47
CA GLN E 83 -32.77 4.26 -10.46
C GLN E 83 -31.42 3.96 -11.09
N SER E 84 -30.51 4.93 -11.09
CA SER E 84 -29.24 4.78 -11.79
C SER E 84 -28.25 3.88 -11.05
N PHE E 85 -28.54 3.50 -9.83
CA PHE E 85 -27.52 2.73 -9.15
C PHE E 85 -27.79 1.23 -9.27
N PRO E 86 -26.75 0.39 -9.11
CA PRO E 86 -25.41 0.68 -8.58
C PRO E 86 -24.47 1.44 -9.52
N GLU E 87 -24.74 1.38 -10.83
CA GLU E 87 -23.76 1.87 -11.80
C GLU E 87 -23.50 3.37 -11.66
N GLY E 88 -24.45 4.13 -11.15
CA GLY E 88 -24.24 5.55 -10.91
C GLY E 88 -24.64 6.44 -12.08
N PHE E 89 -24.04 7.63 -12.11
CA PHE E 89 -24.29 8.64 -13.14
C PHE E 89 -23.24 9.72 -13.02
N HIS E 90 -23.20 10.59 -14.02
CA HIS E 90 -22.40 11.81 -13.92
C HIS E 90 -23.25 12.99 -14.37
N TRP E 91 -22.83 14.21 -14.00
CA TRP E 91 -23.52 15.40 -14.47
C TRP E 91 -22.53 16.45 -14.93
N GLU E 92 -23.03 17.34 -15.79
CA GLU E 92 -22.27 18.42 -16.38
C GLU E 92 -23.05 19.70 -16.17
N ARG E 93 -22.36 20.79 -15.89
CA ARG E 93 -23.10 21.98 -15.46
C ARG E 93 -22.37 23.23 -15.92
N VAL E 94 -23.15 24.20 -16.41
CA VAL E 94 -22.66 25.54 -16.67
C VAL E 94 -23.45 26.49 -15.79
N MET E 95 -22.77 27.48 -15.25
CA MET E 95 -23.30 28.35 -14.20
C MET E 95 -22.96 29.75 -14.69
N THR E 96 -23.94 30.48 -15.19
CA THR E 96 -23.67 31.76 -15.86
C THR E 96 -24.11 32.87 -14.93
N TYR E 97 -23.14 33.56 -14.34
CA TYR E 97 -23.44 34.63 -13.41
C TYR E 97 -23.74 35.91 -14.15
N GLU E 98 -24.58 36.77 -13.56
CA GLU E 98 -25.08 37.90 -14.32
C GLU E 98 -24.01 38.94 -14.64
N ASP E 99 -22.85 38.90 -13.97
CA ASP E 99 -21.79 39.87 -14.23
C ASP E 99 -20.66 39.31 -15.09
N GLY E 100 -20.93 38.23 -15.83
CA GLY E 100 -19.95 37.69 -16.74
C GLY E 100 -19.08 36.58 -16.19
N GLY E 101 -19.10 36.36 -14.88
CA GLY E 101 -18.46 35.16 -14.35
C GLY E 101 -19.18 33.91 -14.83
N VAL E 102 -18.41 32.91 -15.20
CA VAL E 102 -18.98 31.65 -15.67
C VAL E 102 -18.26 30.51 -14.98
N CYS E 103 -19.01 29.57 -14.43
CA CYS E 103 -18.42 28.38 -13.84
C CYS E 103 -18.91 27.14 -14.58
N THR E 104 -18.03 26.16 -14.74
CA THR E 104 -18.43 24.86 -15.24
C THR E 104 -18.06 23.83 -14.19
N ALA E 105 -18.83 22.75 -14.15
CA ALA E 105 -18.53 21.66 -13.25
C ALA E 105 -18.89 20.36 -13.93
N THR E 106 -18.04 19.36 -13.76
CA THR E 106 -18.33 17.99 -14.16
C THR E 106 -18.20 17.11 -12.91
N GLN E 107 -19.20 16.30 -12.65
CA GLN E 107 -19.20 15.49 -11.44
C GLN E 107 -19.55 14.06 -11.76
N ASN E 108 -18.90 13.14 -11.04
CA ASN E 108 -19.17 11.72 -11.14
C ASN E 108 -19.69 11.20 -9.81
N THR E 109 -20.75 10.39 -9.87
CA THR E 109 -21.40 9.88 -8.66
C THR E 109 -21.37 8.36 -8.71
N SER E 110 -20.56 7.76 -7.85
CA SER E 110 -20.44 6.30 -7.77
C SER E 110 -20.91 5.83 -6.39
N LEU E 111 -21.03 4.52 -6.24
CA LEU E 111 -21.61 3.95 -5.03
C LEU E 111 -20.84 2.68 -4.67
N ARG E 112 -20.13 2.70 -3.54
CA ARG E 112 -19.50 1.50 -2.98
C ARG E 112 -19.97 1.32 -1.55
N GLY E 113 -20.52 0.13 -1.26
CA GLY E 113 -20.98 -0.14 0.09
C GLY E 113 -22.16 0.73 0.44
N ASP E 114 -22.08 1.37 1.60
CA ASP E 114 -23.13 2.29 2.04
C ASP E 114 -22.76 3.75 1.81
N CYS E 115 -21.75 4.01 0.99
CA CYS E 115 -21.23 5.36 0.80
C CYS E 115 -21.21 5.74 -0.68
N PHE E 116 -21.86 6.86 -1.00
CA PHE E 116 -21.71 7.47 -2.32
C PHE E 116 -20.35 8.17 -2.40
N PHE E 117 -19.76 8.15 -3.59
CA PHE E 117 -18.49 8.83 -3.81
C PHE E 117 -18.68 9.89 -4.89
N TYR E 118 -18.34 11.14 -4.57
CA TYR E 118 -18.51 12.27 -5.47
C TYR E 118 -17.15 12.76 -5.91
N ASP E 119 -16.95 12.85 -7.22
CA ASP E 119 -15.72 13.40 -7.78
C ASP E 119 -16.12 14.60 -8.64
N VAL E 120 -15.69 15.80 -8.24
CA VAL E 120 -16.16 17.04 -8.85
C VAL E 120 -14.97 17.81 -9.39
N ARG E 121 -15.09 18.30 -10.62
CA ARG E 121 -14.13 19.24 -11.18
C ARG E 121 -14.86 20.57 -11.36
N PHE E 122 -14.21 21.68 -10.99
CA PHE E 122 -14.90 22.96 -10.94
C PHE E 122 -14.01 24.06 -11.50
N ASP E 123 -14.55 24.89 -12.39
CA ASP E 123 -13.73 25.98 -12.91
C ASP E 123 -14.54 27.27 -13.01
N GLY E 124 -13.94 28.36 -12.55
CA GLY E 124 -14.55 29.67 -12.65
C GLY E 124 -13.67 30.70 -13.35
N VAL E 125 -14.22 31.38 -14.34
CA VAL E 125 -13.45 32.29 -15.18
C VAL E 125 -14.22 33.60 -15.34
N ASN E 126 -13.46 34.68 -15.56
CA ASN E 126 -13.98 35.99 -15.93
C ASN E 126 -14.79 36.66 -14.81
N PHE E 127 -14.57 36.26 -13.56
CA PHE E 127 -15.21 36.94 -12.44
C PHE E 127 -14.62 38.33 -12.28
N PRO E 128 -15.41 39.40 -12.30
CA PRO E 128 -14.85 40.75 -12.13
C PRO E 128 -14.19 40.88 -10.76
N PRO E 129 -13.06 41.59 -10.68
CA PRO E 129 -12.35 41.68 -9.40
C PRO E 129 -13.16 42.37 -8.31
N ASN E 130 -14.10 43.23 -8.69
CA ASN E 130 -14.96 43.92 -7.74
C ASN E 130 -16.38 43.37 -7.73
N GLY E 131 -16.60 42.19 -8.32
CA GLY E 131 -17.87 41.50 -8.20
C GLY E 131 -18.01 40.81 -6.86
N PRO E 132 -19.25 40.42 -6.55
CA PRO E 132 -19.50 39.87 -5.20
C PRO E 132 -18.81 38.55 -4.97
N VAL E 133 -18.38 37.84 -6.01
CA VAL E 133 -17.72 36.56 -5.77
C VAL E 133 -16.29 36.77 -5.30
N MET E 134 -15.51 37.56 -6.02
CA MET E 134 -14.13 37.78 -5.60
C MET E 134 -14.06 38.72 -4.41
N GLN E 135 -15.13 39.48 -4.14
CA GLN E 135 -15.19 40.33 -2.95
C GLN E 135 -15.82 39.64 -1.75
N LYS E 136 -16.21 38.37 -1.89
CA LYS E 136 -16.74 37.58 -0.77
C LYS E 136 -17.91 38.31 -0.11
N LYS E 137 -18.82 38.79 -0.95
CA LYS E 137 -19.95 39.59 -0.51
C LYS E 137 -21.28 38.83 -0.49
N THR E 138 -21.26 37.50 -0.54
CA THR E 138 -22.48 36.71 -0.64
C THR E 138 -22.89 36.16 0.72
N LEU E 139 -24.20 35.91 0.88
CA LEU E 139 -24.76 35.42 2.16
C LEU E 139 -25.65 34.23 1.91
N GLY E 140 -25.19 33.31 1.09
CA GLY E 140 -25.92 32.09 0.81
C GLY E 140 -26.94 32.21 -0.31
N TRP E 141 -27.38 31.05 -0.78
CA TRP E 141 -28.36 30.99 -1.86
C TRP E 141 -29.78 31.08 -1.32
N GLU E 142 -30.64 31.74 -2.06
CA GLU E 142 -32.07 31.57 -1.83
C GLU E 142 -32.45 30.12 -2.09
N PRO E 143 -33.49 29.63 -1.43
CA PRO E 143 -34.09 28.37 -1.87
C PRO E 143 -34.52 28.51 -3.32
N SER E 144 -34.49 27.40 -4.05
CA SER E 144 -34.77 27.45 -5.47
C SER E 144 -35.52 26.19 -5.90
N THR E 145 -36.01 26.23 -7.13
CA THR E 145 -36.70 25.08 -7.72
C THR E 145 -36.08 24.79 -9.07
N GLU E 146 -35.42 23.64 -9.17
CA GLU E 146 -34.87 23.16 -10.43
C GLU E 146 -35.96 22.55 -11.29
N LYS E 147 -35.97 22.90 -12.57
CA LYS E 147 -36.93 22.31 -13.50
C LYS E 147 -36.26 21.14 -14.20
N MET E 148 -36.79 19.93 -13.98
CA MET E 148 -36.30 18.71 -14.62
C MET E 148 -37.13 18.36 -15.84
N TYR E 149 -36.47 18.05 -16.94
CA TYR E 149 -37.11 17.64 -18.18
C TYR E 149 -36.14 16.80 -18.99
N VAL E 150 -36.69 15.95 -19.82
CA VAL E 150 -35.87 15.05 -20.61
C VAL E 150 -35.54 15.71 -21.93
N ARG E 151 -34.28 15.56 -22.35
CA ARG E 151 -33.89 15.90 -23.71
C ARG E 151 -32.85 14.89 -24.17
N ASP E 152 -33.00 14.40 -25.40
CA ASP E 152 -32.02 13.47 -25.97
C ASP E 152 -31.86 12.24 -25.09
N GLY E 153 -32.92 11.83 -24.41
CA GLY E 153 -32.85 10.64 -23.58
C GLY E 153 -32.14 10.81 -22.25
N VAL E 154 -31.55 11.98 -21.98
CA VAL E 154 -30.95 12.23 -20.68
C VAL E 154 -31.78 13.27 -19.95
N LEU E 155 -31.44 13.55 -18.70
CA LEU E 155 -32.21 14.48 -17.89
C LEU E 155 -31.47 15.80 -17.79
N LYS E 156 -32.16 16.89 -18.12
CA LYS E 156 -31.60 18.22 -17.90
C LYS E 156 -32.31 18.89 -16.75
N GLY E 157 -31.58 19.76 -16.07
CA GLY E 157 -32.18 20.59 -15.04
C GLY E 157 -31.75 22.02 -15.25
N ASP E 158 -32.71 22.93 -15.22
CA ASP E 158 -32.42 24.34 -15.35
C ASP E 158 -33.03 25.08 -14.19
N VAL E 159 -32.34 26.12 -13.73
CA VAL E 159 -32.88 26.95 -12.67
C VAL E 159 -32.09 28.26 -12.67
N ILE E 160 -32.81 29.36 -12.49
CA ILE E 160 -32.19 30.65 -12.22
C ILE E 160 -32.08 30.74 -10.70
N LYS E 161 -30.87 30.69 -10.16
CA LYS E 161 -30.66 30.82 -8.72
C LYS E 161 -30.19 32.22 -8.38
N ALA E 162 -30.21 32.54 -7.09
CA ALA E 162 -29.87 33.88 -6.62
C ALA E 162 -29.15 33.82 -5.28
N LEU E 163 -27.99 34.44 -5.23
CA LEU E 163 -27.24 34.62 -4.00
C LEU E 163 -27.70 35.90 -3.32
N LEU E 164 -27.97 35.83 -2.03
CA LEU E 164 -28.19 37.05 -1.27
C LEU E 164 -26.86 37.76 -1.02
N LEU E 165 -26.84 39.08 -1.20
CA LEU E 165 -25.63 39.88 -1.01
C LEU E 165 -25.63 40.57 0.34
N GLU E 166 -24.46 40.59 0.98
CA GLU E 166 -24.30 41.42 2.17
C GLU E 166 -24.51 42.87 1.76
N GLY E 167 -25.30 43.60 2.56
CA GLY E 167 -25.70 44.93 2.22
C GLY E 167 -27.01 45.03 1.48
N GLY E 168 -27.61 43.89 1.11
CA GLY E 168 -28.88 43.85 0.44
C GLY E 168 -28.75 43.58 -1.05
N GLY E 169 -29.85 43.12 -1.64
CA GLY E 169 -29.83 42.82 -3.05
C GLY E 169 -29.49 41.37 -3.33
N HIS E 170 -29.57 41.03 -4.62
CA HIS E 170 -29.38 39.67 -5.05
C HIS E 170 -28.45 39.63 -6.27
N TYR E 171 -27.81 38.48 -6.44
CA TYR E 171 -26.85 38.24 -7.52
C TYR E 171 -27.23 36.93 -8.19
N ARG E 172 -27.57 37.00 -9.47
CA ARG E 172 -28.22 35.90 -10.16
C ARG E 172 -27.24 34.98 -10.86
N CYS E 173 -27.60 33.71 -10.94
CA CYS E 173 -26.80 32.70 -11.63
C CYS E 173 -27.74 31.77 -12.37
N ASP E 174 -27.51 31.58 -13.67
CA ASP E 174 -28.28 30.65 -14.49
CA ASP E 174 -28.26 30.65 -14.50
C ASP E 174 -27.58 29.28 -14.50
N PHE E 175 -28.23 28.29 -13.90
CA PHE E 175 -27.74 26.91 -13.88
C PHE E 175 -28.38 26.12 -15.01
N LYS E 176 -27.54 25.47 -15.81
CA LYS E 176 -28.00 24.48 -16.79
C LYS E 176 -27.18 23.21 -16.57
N THR E 177 -27.85 22.13 -16.21
CA THR E 177 -27.20 20.89 -15.86
C THR E 177 -27.77 19.76 -16.70
N THR E 178 -26.89 18.88 -17.16
CA THR E 178 -27.28 17.63 -17.81
C THR E 178 -26.88 16.48 -16.89
N TYR E 179 -27.86 15.66 -16.52
CA TYR E 179 -27.64 14.48 -15.69
C TYR E 179 -27.69 13.25 -16.59
N LYS E 180 -26.63 12.44 -16.57
CA LYS E 180 -26.51 11.29 -17.46
C LYS E 180 -26.36 10.01 -16.64
N ALA E 181 -27.43 9.24 -16.52
CA ALA E 181 -27.33 7.93 -15.89
C ALA E 181 -26.41 7.01 -16.71
N LYS E 182 -25.74 6.10 -16.02
CA LYS E 182 -24.81 5.19 -16.68
C LYS E 182 -25.52 4.00 -17.31
N LYS E 183 -26.82 3.82 -17.04
CA LYS E 183 -27.64 2.75 -17.61
C LYS E 183 -29.03 3.30 -17.91
N ASP E 184 -29.78 2.55 -18.70
CA ASP E 184 -31.13 2.98 -19.03
C ASP E 184 -31.99 2.94 -17.77
N VAL E 185 -32.87 3.95 -17.63
CA VAL E 185 -33.77 4.07 -16.49
C VAL E 185 -35.12 4.58 -16.98
N ARG E 186 -36.13 4.40 -16.14
CA ARG E 186 -37.48 4.90 -16.45
C ARG E 186 -37.50 6.42 -16.33
N LEU E 187 -37.63 7.13 -17.50
CA LEU E 187 -37.46 8.57 -17.56
C LEU E 187 -38.68 9.29 -16.98
N PRO E 188 -38.46 10.38 -16.25
CA PRO E 188 -39.58 11.16 -15.72
C PRO E 188 -40.12 12.12 -16.77
N GLY E 189 -41.35 12.56 -16.53
CA GLY E 189 -41.86 13.72 -17.20
C GLY E 189 -41.35 14.99 -16.54
N TYR E 190 -41.82 16.11 -17.09
CA TYR E 190 -41.45 17.42 -16.57
C TYR E 190 -41.86 17.55 -15.11
N HIS E 191 -40.92 17.95 -14.26
CA HIS E 191 -41.20 18.04 -12.84
C HIS E 191 -40.23 19.02 -12.20
N PHE E 192 -40.50 19.32 -10.93
CA PHE E 192 -39.79 20.31 -10.15
C PHE E 192 -39.08 19.64 -8.99
N VAL E 193 -37.95 20.21 -8.58
CA VAL E 193 -37.24 19.79 -7.38
C VAL E 193 -36.95 21.03 -6.57
N ASP E 194 -37.63 21.18 -5.43
CA ASP E 194 -37.34 22.28 -4.52
C ASP E 194 -36.06 21.97 -3.75
N HIS E 195 -35.24 22.99 -3.60
CA HIS E 195 -33.96 22.81 -2.89
C HIS E 195 -33.77 23.93 -1.89
N ARG E 196 -33.18 23.61 -0.75
CA ARG E 196 -32.70 24.65 0.16
C ARG E 196 -31.35 24.20 0.67
N ILE E 197 -30.34 25.01 0.43
CA ILE E 197 -28.96 24.70 0.78
C ILE E 197 -28.51 25.72 1.82
N GLU E 198 -27.99 25.23 2.95
CA GLU E 198 -27.69 26.08 4.09
C GLU E 198 -26.35 25.72 4.68
N ILE E 199 -25.51 26.73 4.90
CA ILE E 199 -24.28 26.57 5.66
C ILE E 199 -24.66 26.53 7.14
N LEU E 200 -24.50 25.36 7.76
CA LEU E 200 -24.80 25.24 9.19
C LEU E 200 -23.73 25.90 10.04
N LYS E 201 -22.45 25.71 9.71
CA LYS E 201 -21.41 26.49 10.36
C LYS E 201 -20.19 26.55 9.44
N HIS E 202 -19.29 27.47 9.75
CA HIS E 202 -18.04 27.61 9.02
C HIS E 202 -17.04 28.34 9.91
N ASP E 203 -15.77 28.11 9.66
CA ASP E 203 -14.75 28.92 10.32
C ASP E 203 -14.56 30.21 9.53
N LYS E 204 -13.61 31.05 9.98
CA LYS E 204 -13.53 32.42 9.49
C LYS E 204 -13.35 32.47 7.97
N ASP E 205 -12.41 31.69 7.46
CA ASP E 205 -12.07 31.74 6.05
C ASP E 205 -12.75 30.66 5.22
N TYR E 206 -13.72 29.96 5.79
CA TYR E 206 -14.42 28.86 5.11
C TYR E 206 -13.49 27.73 4.71
N ASN E 207 -12.36 27.59 5.43
CA ASN E 207 -11.54 26.39 5.30
C ASN E 207 -12.27 25.15 5.80
N LYS E 208 -13.26 25.32 6.68
CA LYS E 208 -14.02 24.21 7.26
C LYS E 208 -15.48 24.62 7.29
N VAL E 209 -16.33 23.84 6.63
CA VAL E 209 -17.72 24.21 6.40
C VAL E 209 -18.60 22.99 6.65
N LYS E 210 -19.71 23.20 7.36
CA LYS E 210 -20.75 22.19 7.50
C LYS E 210 -21.98 22.73 6.79
N GLN E 211 -22.46 21.99 5.80
CA GLN E 211 -23.59 22.44 5.02
C GLN E 211 -24.65 21.35 4.92
N TYR E 212 -25.87 21.79 4.66
CA TYR E 212 -27.06 20.95 4.69
C TYR E 212 -27.91 21.29 3.47
N GLU E 213 -28.55 20.26 2.83
CA GLU E 213 -29.51 20.54 1.79
C GLU E 213 -30.77 19.72 2.02
N ASN E 214 -31.91 20.30 1.76
CA ASN E 214 -33.19 19.63 1.73
C ASN E 214 -33.74 19.74 0.30
N ALA E 215 -34.17 18.61 -0.27
CA ALA E 215 -34.56 18.55 -1.67
C ALA E 215 -35.79 17.67 -1.83
N VAL E 216 -36.82 18.19 -2.48
CA VAL E 216 -38.09 17.48 -2.67
C VAL E 216 -38.58 17.69 -4.10
N ALA E 217 -38.87 16.58 -4.77
CA ALA E 217 -39.41 16.60 -6.12
C ALA E 217 -40.93 16.58 -6.10
N ARG E 218 -41.55 17.30 -7.04
CA ARG E 218 -42.99 17.44 -7.03
C ARG E 218 -43.44 17.86 -8.43
N TYR E 219 -44.77 17.87 -8.61
CA TYR E 219 -45.39 18.54 -9.73
C TYR E 219 -45.79 19.95 -9.30
N SER E 220 -46.45 20.66 -10.20
CA SER E 220 -46.82 22.04 -9.90
C SER E 220 -47.66 22.12 -8.63
N MET E 221 -47.38 23.13 -7.82
CA MET E 221 -48.19 23.39 -6.63
C MET E 221 -49.65 23.64 -6.97
N LEU E 222 -49.95 24.03 -8.22
CA LEU E 222 -51.24 24.52 -8.65
C LEU E 222 -52.01 23.44 -9.42
N PRO E 223 -53.34 23.44 -9.29
CA PRO E 223 -54.17 22.54 -10.08
C PRO E 223 -54.57 23.12 -11.43
N SER E 224 -54.85 22.21 -12.36
CA SER E 224 -55.44 22.58 -13.63
C SER E 224 -56.87 23.08 -13.42
N GLN E 225 -57.29 24.01 -14.28
CA GLN E 225 -58.65 24.53 -14.22
C GLN E 225 -59.65 23.41 -14.44
N ALA E 226 -60.74 23.44 -13.68
CA ALA E 226 -61.74 22.37 -13.71
C ALA E 226 -63.16 22.93 -13.65
N SER F 6 12.92 42.48 -25.27
CA SER F 6 14.24 42.16 -24.73
C SER F 6 14.51 40.66 -24.72
N VAL F 7 13.90 39.97 -23.76
CA VAL F 7 14.10 38.54 -23.56
C VAL F 7 13.20 37.77 -24.52
N ILE F 8 12.50 38.49 -25.40
CA ILE F 8 11.71 37.89 -26.46
C ILE F 8 12.51 37.99 -27.76
N LYS F 9 12.91 36.84 -28.29
CA LYS F 9 13.86 36.70 -29.39
C LYS F 9 13.14 36.18 -30.64
N GLU F 10 13.77 36.43 -31.80
CA GLU F 10 13.05 36.40 -33.06
C GLU F 10 12.43 35.04 -33.36
N GLU F 11 13.04 33.94 -32.93
CA GLU F 11 12.29 32.70 -32.88
C GLU F 11 12.32 32.16 -31.46
N MET F 12 11.20 31.54 -31.08
CA MET F 12 11.02 30.90 -29.78
C MET F 12 10.45 29.51 -29.90
N LYS F 13 10.76 28.69 -28.91
CA LYS F 13 10.11 27.41 -28.75
C LYS F 13 8.84 27.57 -27.90
N ILE F 14 8.07 26.50 -27.85
CA ILE F 14 6.88 26.38 -27.02
C ILE F 14 6.77 24.94 -26.57
N LYS F 15 6.52 24.73 -25.30
CA LYS F 15 5.94 23.46 -24.87
C LYS F 15 4.59 23.72 -24.23
N LEU F 16 3.77 22.69 -24.25
CA LEU F 16 2.40 22.84 -23.81
C LEU F 16 1.93 21.54 -23.14
N ARG F 17 1.10 21.73 -22.12
CA ARG F 17 0.31 20.63 -21.60
C ARG F 17 -1.11 21.14 -21.41
N MET F 18 -2.07 20.36 -21.90
CA MET F 18 -3.49 20.57 -21.69
C MET F 18 -4.09 19.37 -20.96
N GLU F 19 -4.85 19.64 -19.91
CA GLU F 19 -5.67 18.62 -19.31
C GLU F 19 -7.13 19.07 -19.37
N GLY F 20 -8.04 18.10 -19.50
CA GLY F 20 -9.41 18.51 -19.78
C GLY F 20 -10.45 17.44 -19.57
N THR F 21 -11.70 17.89 -19.55
CA THR F 21 -12.88 17.03 -19.52
C THR F 21 -13.91 17.62 -20.46
N VAL F 22 -14.41 16.82 -21.39
CA VAL F 22 -15.47 17.25 -22.29
C VAL F 22 -16.52 16.15 -22.32
N ASN F 23 -17.78 16.53 -22.08
CA ASN F 23 -18.86 15.55 -22.07
C ASN F 23 -18.53 14.42 -21.10
N GLY F 24 -17.86 14.77 -20.00
CA GLY F 24 -17.47 13.79 -19.00
C GLY F 24 -16.27 12.94 -19.35
N HIS F 25 -15.61 13.20 -20.48
CA HIS F 25 -14.50 12.39 -20.96
C HIS F 25 -13.20 13.12 -20.67
N ASN F 26 -12.38 12.55 -19.79
CA ASN F 26 -11.09 13.15 -19.48
C ASN F 26 -10.07 12.82 -20.55
N PHE F 27 -9.20 13.79 -20.83
CA PHE F 27 -8.10 13.64 -21.78
C PHE F 27 -6.93 14.48 -21.30
N VAL F 28 -5.77 14.25 -21.91
CA VAL F 28 -4.57 15.05 -21.70
C VAL F 28 -3.90 15.22 -23.05
N ILE F 29 -3.35 16.39 -23.32
CA ILE F 29 -2.66 16.67 -24.56
C ILE F 29 -1.31 17.29 -24.23
N GLU F 30 -0.25 16.70 -24.78
CA GLU F 30 1.09 17.25 -24.68
C GLU F 30 1.43 17.87 -26.03
N GLY F 31 2.07 19.02 -26.00
CA GLY F 31 2.33 19.75 -27.23
C GLY F 31 3.72 20.34 -27.24
N GLU F 32 4.29 20.43 -28.44
CA GLU F 32 5.59 21.03 -28.63
C GLU F 32 5.54 21.87 -29.89
N GLY F 33 6.07 23.09 -29.83
CA GLY F 33 5.98 23.96 -30.97
C GLY F 33 7.11 24.96 -31.05
N LYS F 34 7.02 25.90 -31.98
CA LYS F 34 8.03 26.93 -32.17
C LYS F 34 7.49 27.94 -33.16
N GLY F 35 7.96 29.17 -33.07
CA GLY F 35 7.41 30.22 -33.90
C GLY F 35 8.21 31.50 -33.81
N ASN F 36 7.68 32.53 -34.47
CA ASN F 36 8.36 33.81 -34.68
C ASN F 36 7.51 34.92 -34.03
N PRO F 37 7.78 35.27 -32.77
CA PRO F 37 6.86 36.14 -32.02
C PRO F 37 6.57 37.48 -32.67
N TYR F 38 7.57 38.12 -33.27
CA TYR F 38 7.39 39.44 -33.85
C TYR F 38 6.76 39.36 -35.22
N GLU F 39 6.57 38.15 -35.73
CA GLU F 39 6.09 37.91 -37.07
C GLU F 39 4.62 37.52 -37.05
N GLY F 40 4.09 37.20 -35.87
CA GLY F 40 2.71 36.80 -35.71
C GLY F 40 2.41 35.37 -36.08
N THR F 41 3.42 34.51 -36.15
CA THR F 41 3.28 33.17 -36.73
C THR F 41 3.78 32.12 -35.76
N GLN F 42 3.22 30.91 -35.86
CA GLN F 42 3.72 29.82 -35.03
C GLN F 42 3.15 28.49 -35.53
N THR F 43 3.82 27.41 -35.11
CA THR F 43 3.41 26.07 -35.46
C THR F 43 3.58 25.19 -34.23
N MET F 44 2.70 24.21 -34.09
CA MET F 44 2.73 23.32 -32.91
C MET F 44 2.28 21.91 -33.25
N ASP F 45 3.04 20.93 -32.80
CA ASP F 45 2.67 19.52 -32.91
C ASP F 45 2.02 19.09 -31.60
N LEU F 46 0.79 18.59 -31.68
CA LEU F 46 0.00 18.24 -30.51
C LEU F 46 -0.32 16.76 -30.53
N LYS F 47 -0.23 16.12 -29.37
CA LYS F 47 -0.45 14.70 -29.24
C LYS F 47 -1.35 14.39 -28.05
N VAL F 48 -2.43 13.64 -28.31
CA VAL F 48 -3.31 13.18 -27.25
C VAL F 48 -2.62 12.04 -26.50
N THR F 49 -2.17 12.31 -25.27
CA THR F 49 -1.43 11.34 -24.50
C THR F 49 -2.31 10.53 -23.55
N GLU F 50 -3.48 11.04 -23.18
CA GLU F 50 -4.43 10.28 -22.39
C GLU F 50 -5.83 10.48 -22.96
N GLY F 51 -6.65 9.44 -22.87
CA GLY F 51 -8.03 9.53 -23.30
C GLY F 51 -8.27 9.61 -24.79
N GLY F 52 -7.28 9.21 -25.60
CA GLY F 52 -7.46 9.14 -27.03
C GLY F 52 -8.00 7.79 -27.45
N PRO F 53 -8.78 7.74 -28.54
CA PRO F 53 -9.18 8.85 -29.41
C PRO F 53 -10.23 9.76 -28.76
N LEU F 54 -10.17 11.05 -29.06
CA LEU F 54 -11.12 12.00 -28.49
C LEU F 54 -12.51 11.75 -29.06
N PRO F 55 -13.53 11.60 -28.22
CA PRO F 55 -14.90 11.41 -28.73
C PRO F 55 -15.53 12.68 -29.24
N PHE F 56 -14.82 13.80 -29.17
CA PHE F 56 -15.35 15.10 -29.55
C PHE F 56 -14.47 15.71 -30.62
N ALA F 57 -15.08 16.63 -31.36
CA ALA F 57 -14.40 17.37 -32.40
C ALA F 57 -13.16 18.05 -31.84
N TYR F 58 -12.02 17.82 -32.50
CA TYR F 58 -10.76 18.40 -32.05
C TYR F 58 -10.77 19.93 -32.13
N ASP F 59 -11.49 20.49 -33.09
CA ASP F 59 -11.44 21.93 -33.36
C ASP F 59 -11.78 22.79 -32.14
N ILE F 60 -12.54 22.26 -31.18
CA ILE F 60 -12.89 23.08 -30.02
C ILE F 60 -11.66 23.34 -29.17
N LEU F 61 -10.61 22.52 -29.29
CA LEU F 61 -9.39 22.72 -28.53
C LEU F 61 -8.37 23.61 -29.23
N SER F 62 -8.39 23.71 -30.56
CA SER F 62 -7.26 24.32 -31.28
C SER F 62 -7.00 25.77 -30.90
N PRO F 63 -7.98 26.65 -30.71
CA PRO F 63 -7.66 28.02 -30.27
C PRO F 63 -7.18 28.14 -28.81
N GLN F 64 -7.10 27.06 -28.04
CA GLN F 64 -6.53 27.14 -26.69
C GLN F 64 -5.06 26.80 -26.65
N PHE F 65 -4.45 26.52 -27.80
CA PHE F 65 -3.03 26.20 -27.88
C PHE F 65 -2.21 27.43 -28.31
N1 NRQ F 66 -2.84 28.59 -28.33
CE NRQ F 66 -0.10 27.16 -32.78
SD NRQ F 66 -1.79 27.76 -32.92
CG1 NRQ F 66 -1.96 28.61 -31.32
CB1 NRQ F 66 -3.36 28.49 -30.72
CA1 NRQ F 66 -3.47 29.09 -29.34
C1 NRQ F 66 -4.33 30.26 -29.16
N2 NRQ F 66 -5.13 30.78 -30.19
OH NRQ F 66 -9.88 32.61 -34.86
CD2 NRQ F 66 -8.54 33.56 -31.60
CE2 NRQ F 66 -9.31 33.56 -32.74
CZ NRQ F 66 -9.11 32.60 -33.73
CE1 NRQ F 66 -8.12 31.64 -33.55
CD1 NRQ F 66 -7.34 31.64 -32.41
CG2 NRQ F 66 -7.53 32.60 -31.40
CB2 NRQ F 66 -6.76 32.66 -30.17
CA2 NRQ F 66 -5.82 31.86 -29.65
C2 NRQ F 66 -5.33 32.08 -28.28
O2 NRQ F 66 -5.62 32.95 -27.49
N3 NRQ F 66 -4.54 30.97 -28.00
CA3 NRQ F 66 -4.02 30.66 -26.68
C3 NRQ F 66 -2.53 31.01 -26.50
O3 NRQ F 66 -1.99 30.73 -25.41
N SER F 67 -1.92 31.56 -27.54
CA SER F 67 -0.48 31.76 -27.57
C SER F 67 -0.23 33.22 -27.93
N LYS F 68 -0.47 34.10 -26.96
CA LYS F 68 -0.65 35.52 -27.22
C LYS F 68 0.65 36.27 -27.44
N ALA F 69 1.79 35.67 -27.09
CA ALA F 69 3.07 36.33 -27.34
C ALA F 69 3.37 36.40 -28.84
N PHE F 70 2.98 35.36 -29.58
CA PHE F 70 3.22 35.28 -31.02
C PHE F 70 2.16 36.04 -31.83
N ILE F 71 1.93 37.30 -31.48
CA ILE F 71 1.02 38.17 -32.21
C ILE F 71 1.85 39.33 -32.75
N LYS F 72 1.78 39.56 -34.06
CA LYS F 72 2.50 40.71 -34.63
C LYS F 72 1.78 41.99 -34.23
N TYR F 73 2.32 42.70 -33.24
CA TYR F 73 1.88 44.03 -32.80
C TYR F 73 2.62 45.15 -33.51
N PRO F 74 1.86 46.15 -33.94
CA PRO F 74 2.46 47.37 -34.47
C PRO F 74 3.13 48.16 -33.35
N ALA F 75 3.87 49.19 -33.77
CA ALA F 75 4.61 49.99 -32.81
C ALA F 75 3.70 50.92 -32.02
N ASP F 76 2.58 51.35 -32.60
CA ASP F 76 1.72 52.33 -31.94
C ASP F 76 0.60 51.69 -31.13
N ILE F 77 0.66 50.37 -30.91
CA ILE F 77 -0.28 49.70 -30.03
C ILE F 77 0.51 48.95 -28.98
N PRO F 78 0.40 49.31 -27.69
CA PRO F 78 1.12 48.57 -26.65
C PRO F 78 0.86 47.07 -26.73
N ASP F 79 1.93 46.29 -26.64
CA ASP F 79 1.88 44.83 -26.76
C ASP F 79 1.77 44.24 -25.35
N TYR F 80 0.52 44.15 -24.88
CA TYR F 80 0.21 43.68 -23.54
C TYR F 80 0.97 42.41 -23.20
N PHE F 81 1.07 41.50 -24.16
CA PHE F 81 1.57 40.17 -23.85
C PHE F 81 3.09 40.11 -23.81
N LYS F 82 3.76 40.84 -24.69
CA LYS F 82 5.21 40.82 -24.69
C LYS F 82 5.77 41.65 -23.55
N GLN F 83 5.11 42.76 -23.21
CA GLN F 83 5.48 43.55 -22.04
C GLN F 83 5.47 42.74 -20.75
N SER F 84 4.56 41.76 -20.65
CA SER F 84 4.37 41.06 -19.39
C SER F 84 5.57 40.23 -18.97
N PHE F 85 6.49 39.95 -19.88
CA PHE F 85 7.54 38.99 -19.58
C PHE F 85 8.73 39.67 -18.90
N PRO F 86 9.58 38.91 -18.16
CA PRO F 86 9.68 37.46 -17.95
C PRO F 86 8.60 36.83 -17.07
N GLU F 87 7.94 37.64 -16.24
CA GLU F 87 6.95 37.11 -15.30
C GLU F 87 5.82 36.38 -16.03
N GLY F 88 5.39 36.91 -17.17
CA GLY F 88 4.37 36.26 -17.96
C GLY F 88 2.95 36.71 -17.65
N PHE F 89 1.99 35.83 -17.92
CA PHE F 89 0.58 36.17 -17.75
C PHE F 89 -0.23 34.90 -17.73
N HIS F 90 -1.50 35.05 -17.35
CA HIS F 90 -2.45 33.96 -17.44
C HIS F 90 -3.72 34.49 -18.09
N TRP F 91 -4.52 33.59 -18.64
CA TRP F 91 -5.78 34.02 -19.23
C TRP F 91 -6.91 33.07 -18.85
N GLU F 92 -8.12 33.60 -18.96
CA GLU F 92 -9.35 32.91 -18.57
C GLU F 92 -10.35 33.07 -19.71
N ARG F 93 -11.05 32.00 -20.03
CA ARG F 93 -11.87 32.06 -21.23
C ARG F 93 -13.17 31.29 -21.05
N VAL F 94 -14.24 31.83 -21.61
CA VAL F 94 -15.48 31.11 -21.79
C VAL F 94 -15.83 31.12 -23.28
N MET F 95 -16.22 29.95 -23.78
CA MET F 95 -16.63 29.73 -25.16
C MET F 95 -18.06 29.21 -25.13
N THR F 96 -18.98 30.01 -25.66
CA THR F 96 -20.41 29.71 -25.63
C THR F 96 -20.85 29.35 -27.04
N TYR F 97 -21.15 28.08 -27.26
CA TYR F 97 -21.58 27.55 -28.55
C TYR F 97 -23.08 27.68 -28.71
N GLU F 98 -23.52 27.80 -29.96
CA GLU F 98 -24.91 28.19 -30.20
C GLU F 98 -25.90 27.09 -29.84
N ASP F 99 -25.48 25.82 -29.74
CA ASP F 99 -26.41 24.76 -29.38
C ASP F 99 -26.33 24.38 -27.90
N GLY F 100 -25.77 25.22 -27.06
CA GLY F 100 -25.79 24.98 -25.65
C GLY F 100 -24.50 24.43 -25.07
N GLY F 101 -23.58 23.99 -25.91
CA GLY F 101 -22.28 23.57 -25.38
C GLY F 101 -21.53 24.78 -24.86
N VAL F 102 -20.89 24.62 -23.71
CA VAL F 102 -20.09 25.69 -23.12
C VAL F 102 -18.75 25.11 -22.68
N CYS F 103 -17.67 25.79 -23.05
CA CYS F 103 -16.34 25.41 -22.58
C CYS F 103 -15.73 26.56 -21.80
N THR F 104 -14.91 26.20 -20.80
CA THR F 104 -14.07 27.16 -20.12
C THR F 104 -12.63 26.71 -20.24
N ALA F 105 -11.72 27.67 -20.16
CA ALA F 105 -10.30 27.33 -20.15
C ALA F 105 -9.57 28.33 -19.28
N THR F 106 -8.59 27.84 -18.52
CA THR F 106 -7.66 28.70 -17.80
C THR F 106 -6.25 28.34 -18.23
N GLN F 107 -5.43 29.34 -18.47
CA GLN F 107 -4.11 29.07 -19.03
C GLN F 107 -3.06 29.92 -18.34
N ASN F 108 -1.89 29.32 -18.09
CA ASN F 108 -0.73 30.03 -17.56
C ASN F 108 0.39 30.03 -18.59
N THR F 109 0.95 31.21 -18.85
CA THR F 109 2.09 31.39 -19.74
C THR F 109 3.31 31.78 -18.92
N SER F 110 4.36 30.96 -19.00
CA SER F 110 5.65 31.27 -18.38
C SER F 110 6.77 31.14 -19.41
N LEU F 111 7.88 31.85 -19.17
CA LEU F 111 9.02 31.88 -20.07
C LEU F 111 10.27 31.40 -19.36
N ARG F 112 10.91 30.36 -19.89
CA ARG F 112 12.15 29.80 -19.35
C ARG F 112 13.24 29.85 -20.42
N GLY F 113 13.88 31.00 -20.55
CA GLY F 113 14.97 31.14 -21.49
C GLY F 113 14.51 31.44 -22.90
N ASP F 114 14.46 30.39 -23.74
CA ASP F 114 13.98 30.52 -25.12
C ASP F 114 12.75 29.66 -25.40
N CYS F 115 12.11 29.12 -24.37
CA CYS F 115 10.95 28.23 -24.55
C CYS F 115 9.80 28.73 -23.69
N PHE F 116 8.75 29.23 -24.34
CA PHE F 116 7.50 29.52 -23.66
C PHE F 116 6.87 28.23 -23.15
N PHE F 117 6.30 28.28 -21.96
CA PHE F 117 5.63 27.11 -21.37
C PHE F 117 4.17 27.42 -21.14
N TYR F 118 3.31 26.54 -21.64
CA TYR F 118 1.86 26.72 -21.60
C TYR F 118 1.24 25.60 -20.79
N ASP F 119 0.44 25.96 -19.79
CA ASP F 119 -0.35 25.00 -19.05
C ASP F 119 -1.81 25.41 -19.18
N VAL F 120 -2.65 24.52 -19.70
CA VAL F 120 -4.03 24.85 -20.00
C VAL F 120 -4.94 23.84 -19.32
N ARG F 121 -6.02 24.33 -18.71
CA ARG F 121 -7.11 23.49 -18.24
C ARG F 121 -8.32 23.76 -19.13
N PHE F 122 -9.01 22.71 -19.56
CA PHE F 122 -10.10 22.86 -20.53
C PHE F 122 -11.26 21.99 -20.09
N ASP F 123 -12.45 22.57 -20.09
CA ASP F 123 -13.62 21.79 -19.71
C ASP F 123 -14.75 22.18 -20.64
N GLY F 124 -15.50 21.18 -21.10
CA GLY F 124 -16.63 21.40 -21.98
C GLY F 124 -17.82 20.63 -21.46
N VAL F 125 -18.99 21.28 -21.41
CA VAL F 125 -20.16 20.68 -20.81
C VAL F 125 -21.36 20.93 -21.72
N ASN F 126 -22.36 20.07 -21.59
CA ASN F 126 -23.70 20.25 -22.16
C ASN F 126 -23.71 20.22 -23.69
N PHE F 127 -22.74 19.60 -24.34
CA PHE F 127 -22.84 19.44 -25.79
C PHE F 127 -23.96 18.45 -26.15
N PRO F 128 -24.86 18.81 -27.07
CA PRO F 128 -25.87 17.85 -27.53
C PRO F 128 -25.20 16.64 -28.16
N PRO F 129 -25.69 15.43 -27.85
CA PRO F 129 -25.00 14.22 -28.33
C PRO F 129 -25.01 14.10 -29.83
N ASN F 130 -26.06 14.55 -30.50
CA ASN F 130 -26.16 14.55 -31.95
C ASN F 130 -25.69 15.86 -32.56
N GLY F 131 -25.09 16.74 -31.77
CA GLY F 131 -24.57 17.97 -32.28
C GLY F 131 -23.25 17.76 -33.00
N PRO F 132 -22.82 18.81 -33.70
CA PRO F 132 -21.60 18.67 -34.52
C PRO F 132 -20.33 18.39 -33.74
N VAL F 133 -20.23 18.83 -32.47
CA VAL F 133 -18.99 18.58 -31.75
C VAL F 133 -18.88 17.11 -31.35
N MET F 134 -19.93 16.54 -30.77
CA MET F 134 -19.93 15.13 -30.42
C MET F 134 -20.03 14.21 -31.64
N GLN F 135 -20.60 14.67 -32.76
CA GLN F 135 -20.63 13.89 -33.99
C GLN F 135 -19.43 14.14 -34.89
N LYS F 136 -18.51 15.01 -34.45
CA LYS F 136 -17.27 15.27 -35.18
C LYS F 136 -17.58 15.62 -36.64
N LYS F 137 -18.43 16.63 -36.82
CA LYS F 137 -18.84 17.10 -38.14
C LYS F 137 -18.28 18.49 -38.47
N THR F 138 -17.28 18.95 -37.73
CA THR F 138 -16.68 20.26 -37.95
C THR F 138 -15.45 20.16 -38.85
N LEU F 139 -15.15 21.26 -39.55
CA LEU F 139 -14.08 21.30 -40.53
C LEU F 139 -13.27 22.58 -40.36
N GLY F 140 -12.85 22.86 -39.13
CA GLY F 140 -11.97 23.99 -38.87
C GLY F 140 -12.71 25.29 -38.68
N TRP F 141 -12.01 26.25 -38.07
CA TRP F 141 -12.56 27.57 -37.81
C TRP F 141 -12.40 28.47 -39.02
N GLU F 142 -13.33 29.42 -39.15
CA GLU F 142 -13.11 30.55 -40.03
C GLU F 142 -12.08 31.48 -39.42
N PRO F 143 -11.45 32.33 -40.24
CA PRO F 143 -10.65 33.42 -39.68
C PRO F 143 -11.53 34.35 -38.86
N SER F 144 -10.90 35.14 -38.00
CA SER F 144 -11.66 35.94 -37.05
C SER F 144 -10.92 37.22 -36.70
N THR F 145 -11.63 38.12 -36.03
CA THR F 145 -11.09 39.39 -35.55
C THR F 145 -11.41 39.52 -34.06
N GLU F 146 -10.45 39.23 -33.19
CA GLU F 146 -10.64 39.42 -31.76
C GLU F 146 -10.58 40.91 -31.43
N LYS F 147 -11.48 41.37 -30.57
CA LYS F 147 -11.56 42.78 -30.21
C LYS F 147 -11.02 42.96 -28.79
N MET F 148 -10.01 43.81 -28.65
CA MET F 148 -9.24 43.94 -27.42
C MET F 148 -9.57 45.25 -26.74
N TYR F 149 -9.84 45.20 -25.44
CA TYR F 149 -10.11 46.42 -24.67
C TYR F 149 -9.79 46.18 -23.20
N VAL F 150 -9.57 47.29 -22.49
CA VAL F 150 -9.18 47.25 -21.08
C VAL F 150 -10.43 47.30 -20.22
N ARG F 151 -10.42 46.49 -19.16
CA ARG F 151 -11.46 46.49 -18.14
C ARG F 151 -10.80 46.11 -16.82
N ASP F 152 -11.00 46.95 -15.79
CA ASP F 152 -10.44 46.68 -14.47
C ASP F 152 -8.95 46.40 -14.54
N GLY F 153 -8.25 47.19 -15.37
CA GLY F 153 -6.79 47.15 -15.41
C GLY F 153 -6.20 45.94 -16.06
N VAL F 154 -7.00 45.04 -16.64
CA VAL F 154 -6.48 43.90 -17.36
C VAL F 154 -7.04 43.95 -18.78
N LEU F 155 -6.69 42.99 -19.61
CA LEU F 155 -7.05 43.03 -21.02
C LEU F 155 -8.10 41.99 -21.35
N LYS F 156 -9.20 42.43 -21.96
CA LYS F 156 -10.26 41.54 -22.37
C LYS F 156 -10.23 41.41 -23.89
N GLY F 157 -10.37 40.17 -24.36
CA GLY F 157 -10.60 39.93 -25.78
C GLY F 157 -11.90 39.19 -26.04
N ASP F 158 -12.75 39.73 -26.92
CA ASP F 158 -13.98 39.06 -27.32
C ASP F 158 -14.02 38.86 -28.82
N VAL F 159 -14.50 37.69 -29.26
CA VAL F 159 -14.65 37.45 -30.69
C VAL F 159 -15.78 36.45 -30.90
N ILE F 160 -16.53 36.63 -31.98
CA ILE F 160 -17.50 35.62 -32.41
C ILE F 160 -16.81 34.77 -33.46
N LYS F 161 -16.80 33.47 -33.25
CA LYS F 161 -16.07 32.57 -34.15
C LYS F 161 -17.06 31.59 -34.75
N ALA F 162 -16.62 30.87 -35.79
CA ALA F 162 -17.54 29.97 -36.46
C ALA F 162 -16.80 28.76 -37.03
N LEU F 163 -17.30 27.57 -36.73
CA LEU F 163 -16.78 26.34 -37.29
C LEU F 163 -17.50 26.01 -38.59
N LEU F 164 -16.75 25.58 -39.60
CA LEU F 164 -17.38 25.07 -40.82
C LEU F 164 -17.90 23.67 -40.58
N LEU F 165 -19.05 23.37 -41.17
CA LEU F 165 -19.72 22.11 -40.94
C LEU F 165 -19.69 21.25 -42.19
N GLU F 166 -19.59 19.93 -42.00
CA GLU F 166 -19.82 19.02 -43.10
C GLU F 166 -21.20 19.29 -43.69
N GLY F 167 -21.27 19.36 -45.01
CA GLY F 167 -22.51 19.66 -45.69
C GLY F 167 -22.83 21.13 -45.85
N GLY F 168 -21.90 22.02 -45.52
CA GLY F 168 -22.12 23.44 -45.60
C GLY F 168 -22.66 24.02 -44.30
N GLY F 169 -22.64 25.35 -44.22
CA GLY F 169 -23.13 26.05 -43.06
C GLY F 169 -22.10 26.11 -41.94
N HIS F 170 -22.44 26.91 -40.92
CA HIS F 170 -21.50 27.24 -39.87
C HIS F 170 -22.09 26.94 -38.50
N TYR F 171 -21.22 26.88 -37.52
CA TYR F 171 -21.57 26.55 -36.15
C TYR F 171 -20.89 27.58 -35.27
N ARG F 172 -21.68 28.44 -34.64
CA ARG F 172 -21.11 29.65 -34.05
C ARG F 172 -20.75 29.45 -32.59
N CYS F 173 -19.73 30.17 -32.16
CA CYS F 173 -19.19 30.15 -30.80
C CYS F 173 -18.77 31.56 -30.40
N ASP F 174 -19.15 31.99 -29.20
CA ASP F 174 -18.80 33.31 -28.69
C ASP F 174 -17.69 33.16 -27.66
N PHE F 175 -16.54 33.80 -27.94
CA PHE F 175 -15.37 33.77 -27.05
C PHE F 175 -15.35 35.03 -26.19
N LYS F 176 -15.13 34.86 -24.89
CA LYS F 176 -14.82 35.97 -24.02
C LYS F 176 -13.61 35.57 -23.19
N THR F 177 -12.52 36.33 -23.33
CA THR F 177 -11.27 36.00 -22.64
C THR F 177 -10.83 37.18 -21.81
N THR F 178 -10.22 36.90 -20.66
CA THR F 178 -9.57 37.92 -19.85
C THR F 178 -8.10 37.53 -19.74
N TYR F 179 -7.20 38.41 -20.19
CA TYR F 179 -5.76 38.19 -20.11
C TYR F 179 -5.19 39.06 -18.99
N LYS F 180 -4.45 38.43 -18.08
CA LYS F 180 -4.02 39.10 -16.86
C LYS F 180 -2.51 39.03 -16.72
N ALA F 181 -1.84 40.17 -16.93
CA ALA F 181 -0.40 40.23 -16.82
C ALA F 181 0.01 40.15 -15.36
N LYS F 182 1.08 39.39 -15.09
CA LYS F 182 1.58 39.21 -13.73
C LYS F 182 2.46 40.36 -13.26
N LYS F 183 2.60 41.41 -14.06
CA LYS F 183 3.24 42.64 -13.62
C LYS F 183 2.54 43.80 -14.32
N ASP F 184 2.75 45.00 -13.80
CA ASP F 184 2.17 46.17 -14.45
C ASP F 184 2.82 46.34 -15.82
N VAL F 185 1.99 46.59 -16.84
CA VAL F 185 2.45 46.87 -18.19
C VAL F 185 1.71 48.12 -18.66
N ARG F 186 2.14 48.65 -19.80
CA ARG F 186 1.41 49.75 -20.42
C ARG F 186 0.19 49.23 -21.17
N LEU F 187 -0.94 49.78 -20.88
CA LEU F 187 -2.21 49.22 -21.31
C LEU F 187 -2.58 49.78 -22.67
N PRO F 188 -3.02 48.95 -23.63
CA PRO F 188 -3.37 49.47 -24.95
C PRO F 188 -4.79 50.00 -24.99
N GLY F 189 -5.06 50.76 -26.05
CA GLY F 189 -6.40 51.21 -26.33
C GLY F 189 -7.18 50.17 -27.08
N TYR F 190 -8.48 50.44 -27.23
CA TYR F 190 -9.35 49.52 -27.96
C TYR F 190 -8.76 49.25 -29.33
N HIS F 191 -8.64 47.98 -29.67
CA HIS F 191 -8.03 47.61 -30.94
C HIS F 191 -8.42 46.17 -31.29
N PHE F 192 -7.94 45.72 -32.44
CA PHE F 192 -8.39 44.50 -33.08
C PHE F 192 -7.20 43.58 -33.29
N VAL F 193 -7.47 42.28 -33.28
CA VAL F 193 -6.46 41.27 -33.63
C VAL F 193 -7.08 40.32 -34.63
N ASP F 194 -6.61 40.37 -35.89
CA ASP F 194 -7.02 39.37 -36.87
C ASP F 194 -6.28 38.07 -36.60
N HIS F 195 -7.02 36.95 -36.71
CA HIS F 195 -6.47 35.61 -36.52
C HIS F 195 -6.81 34.72 -37.70
N ARG F 196 -5.98 33.70 -37.90
CA ARG F 196 -6.32 32.59 -38.78
C ARG F 196 -5.58 31.36 -38.28
N ILE F 197 -6.31 30.35 -37.86
CA ILE F 197 -5.73 29.15 -37.29
C ILE F 197 -6.08 27.98 -38.20
N GLU F 198 -5.05 27.20 -38.58
CA GLU F 198 -5.16 26.21 -39.63
C GLU F 198 -4.58 24.88 -39.15
N ILE F 199 -5.32 23.81 -39.36
CA ILE F 199 -4.82 22.46 -39.11
C ILE F 199 -4.03 22.03 -40.35
N LEU F 200 -2.72 21.88 -40.21
CA LEU F 200 -1.89 21.60 -41.38
C LEU F 200 -1.86 20.13 -41.73
N LYS F 201 -1.69 19.26 -40.74
CA LYS F 201 -1.61 17.82 -40.92
C LYS F 201 -2.28 17.18 -39.71
N HIS F 202 -2.92 16.03 -39.90
CA HIS F 202 -3.55 15.42 -38.74
C HIS F 202 -3.80 13.94 -38.97
N ASP F 203 -3.69 13.18 -37.90
CA ASP F 203 -4.21 11.81 -37.87
C ASP F 203 -5.70 11.84 -38.20
N LYS F 204 -6.17 10.82 -38.91
CA LYS F 204 -7.61 10.81 -39.17
C LYS F 204 -8.46 10.64 -37.91
N ASP F 205 -7.90 10.11 -36.81
CA ASP F 205 -8.61 10.13 -35.52
C ASP F 205 -8.19 11.30 -34.63
N TYR F 206 -7.30 12.18 -35.11
CA TYR F 206 -6.87 13.37 -34.40
C TYR F 206 -6.19 13.05 -33.06
N ASN F 207 -5.44 11.95 -32.97
CA ASN F 207 -4.50 11.82 -31.85
C ASN F 207 -3.20 12.58 -32.08
N LYS F 208 -2.97 13.08 -33.29
CA LYS F 208 -1.82 13.90 -33.66
C LYS F 208 -2.26 15.00 -34.59
N VAL F 209 -1.90 16.25 -34.27
CA VAL F 209 -2.18 17.42 -35.10
C VAL F 209 -0.96 18.32 -35.18
N LYS F 210 -0.65 18.77 -36.39
CA LYS F 210 0.18 19.94 -36.59
C LYS F 210 -0.74 21.09 -36.98
N GLN F 211 -0.63 22.19 -36.24
CA GLN F 211 -1.48 23.35 -36.49
C GLN F 211 -0.63 24.60 -36.49
N TYR F 212 -1.11 25.59 -37.23
CA TYR F 212 -0.43 26.84 -37.47
C TYR F 212 -1.39 27.96 -37.15
N GLU F 213 -0.93 29.15 -36.55
CA GLU F 213 -1.75 30.33 -36.44
C GLU F 213 -0.98 31.54 -36.91
N ASN F 214 -1.66 32.49 -37.52
CA ASN F 214 -1.13 33.78 -37.90
C ASN F 214 -2.00 34.84 -37.25
N ALA F 215 -1.39 35.73 -36.47
CA ALA F 215 -2.14 36.73 -35.72
C ALA F 215 -1.48 38.09 -35.86
N VAL F 216 -2.28 39.12 -36.12
CA VAL F 216 -1.79 40.48 -36.33
C VAL F 216 -2.79 41.46 -35.72
N ALA F 217 -2.28 42.47 -35.03
CA ALA F 217 -3.09 43.50 -34.40
C ALA F 217 -3.12 44.79 -35.23
N ARG F 218 -4.18 45.57 -35.05
CA ARG F 218 -4.37 46.81 -35.82
C ARG F 218 -5.48 47.64 -35.20
N TYR F 219 -5.62 48.88 -35.66
CA TYR F 219 -6.82 49.66 -35.41
C TYR F 219 -7.80 49.45 -36.57
N SER F 220 -8.88 50.21 -36.58
CA SER F 220 -9.85 50.10 -37.68
C SER F 220 -9.27 50.64 -38.97
N MET F 221 -9.51 49.93 -40.07
CA MET F 221 -9.00 50.37 -41.36
C MET F 221 -9.83 51.48 -41.98
N LEU F 222 -11.03 51.68 -41.52
CA LEU F 222 -11.84 52.78 -42.01
C LEU F 222 -11.44 54.07 -41.30
N PRO F 223 -11.09 55.12 -42.03
CA PRO F 223 -10.61 56.34 -41.39
C PRO F 223 -11.75 57.12 -40.76
N SER F 224 -11.41 57.92 -39.76
CA SER F 224 -12.38 58.79 -39.11
C SER F 224 -12.55 60.08 -39.89
N GLN F 225 -13.72 60.68 -39.75
CA GLN F 225 -13.97 62.07 -40.13
C GLN F 225 -14.65 62.79 -38.97
N ALA F 226 -14.09 62.60 -37.78
CA ALA F 226 -14.65 63.12 -36.54
C ALA F 226 -14.78 64.65 -36.54
CA CA G . 15.64 -12.47 13.14
CA CA H . 0.05 -13.10 4.34
CA CA I . -28.94 28.10 -28.62
#